data_4L1C
# 
_entry.id   4L1C 
# 
_audit_conform.dict_name       mmcif_pdbx.dic 
_audit_conform.dict_version    5.387 
_audit_conform.dict_location   http://mmcif.pdb.org/dictionaries/ascii/mmcif_pdbx.dic 
# 
loop_
_database_2.database_id 
_database_2.database_code 
_database_2.pdbx_database_accession 
_database_2.pdbx_DOI 
PDB   4L1C         pdb_00004l1c 10.2210/pdb4l1c/pdb 
RCSB  RCSB080056   ?            ?                   
WWPDB D_1000080056 ?            ?                   
# 
loop_
_pdbx_audit_revision_history.ordinal 
_pdbx_audit_revision_history.data_content_type 
_pdbx_audit_revision_history.major_revision 
_pdbx_audit_revision_history.minor_revision 
_pdbx_audit_revision_history.revision_date 
1 'Structure model' 1 0 2013-10-23 
2 'Structure model' 1 1 2013-10-30 
3 'Structure model' 1 2 2024-02-28 
# 
_pdbx_audit_revision_details.ordinal             1 
_pdbx_audit_revision_details.revision_ordinal    1 
_pdbx_audit_revision_details.data_content_type   'Structure model' 
_pdbx_audit_revision_details.provider            repository 
_pdbx_audit_revision_details.type                'Initial release' 
_pdbx_audit_revision_details.description         ? 
_pdbx_audit_revision_details.details             ? 
# 
loop_
_pdbx_audit_revision_group.ordinal 
_pdbx_audit_revision_group.revision_ordinal 
_pdbx_audit_revision_group.data_content_type 
_pdbx_audit_revision_group.group 
1 2 'Structure model' 'Database references' 
2 3 'Structure model' 'Data collection'     
3 3 'Structure model' 'Database references' 
# 
loop_
_pdbx_audit_revision_category.ordinal 
_pdbx_audit_revision_category.revision_ordinal 
_pdbx_audit_revision_category.data_content_type 
_pdbx_audit_revision_category.category 
1 3 'Structure model' chem_comp_atom     
2 3 'Structure model' chem_comp_bond     
3 3 'Structure model' database_2         
4 3 'Structure model' struct_ref_seq_dif 
# 
loop_
_pdbx_audit_revision_item.ordinal 
_pdbx_audit_revision_item.revision_ordinal 
_pdbx_audit_revision_item.data_content_type 
_pdbx_audit_revision_item.item 
1 3 'Structure model' '_database_2.pdbx_DOI'                
2 3 'Structure model' '_database_2.pdbx_database_accession' 
3 3 'Structure model' '_struct_ref_seq_dif.details'         
# 
_pdbx_database_status.status_code                     REL 
_pdbx_database_status.entry_id                        4L1C 
_pdbx_database_status.recvd_initial_deposition_date   2013-06-03 
_pdbx_database_status.deposit_site                    RCSB 
_pdbx_database_status.process_site                    RCSB 
_pdbx_database_status.status_code_sf                  REL 
_pdbx_database_status.status_code_mr                  ? 
_pdbx_database_status.SG_entry                        ? 
_pdbx_database_status.status_code_cs                  ? 
_pdbx_database_status.methods_development_category    ? 
_pdbx_database_status.pdb_format_compatible           Y 
_pdbx_database_status.status_code_nmr_data            ? 
# 
loop_
_audit_author.name 
_audit_author.pdbx_ordinal 
'An, J.Y.'   1 
'Kim, T.G.'  2 
'Park, K.R.' 3 
'Lee, J.G.'  4 
'Youn, H.S.' 5 
'Kang, J.Y.' 6 
'Lee, Y.'    7 
'Kang, G.B.' 8 
'Eom, S.H.'  9 
# 
_citation.id                        primary 
_citation.title                     'Crystal structure of the N-terminal domain of MinC dimerized via domain swapping.' 
_citation.journal_abbrev            'J Synchrotron Radiat' 
_citation.journal_volume            20 
_citation.page_first                984 
_citation.page_last                 988 
_citation.year                      2013 
_citation.journal_id_ASTM           JSYRES 
_citation.country                   DK 
_citation.journal_id_ISSN           0909-0495 
_citation.journal_id_CSD            0353 
_citation.book_publisher            ? 
_citation.pdbx_database_id_PubMed   24121353 
_citation.pdbx_database_id_DOI      10.1107/S0909049513022760 
# 
loop_
_citation_author.citation_id 
_citation_author.name 
_citation_author.ordinal 
_citation_author.identifier_ORCID 
primary 'An, J.Y.'   1 ? 
primary 'Kim, T.G.'  2 ? 
primary 'Park, K.R.' 3 ? 
primary 'Lee, J.G.'  4 ? 
primary 'Youn, H.S.' 5 ? 
primary 'Lee, Y.'    6 ? 
primary 'Kang, J.Y.' 7 ? 
primary 'Kang, G.B.' 8 ? 
primary 'Eom, S.H.'  9 ? 
# 
loop_
_entity.id 
_entity.type 
_entity.src_method 
_entity.pdbx_description 
_entity.formula_weight 
_entity.pdbx_number_of_molecules 
_entity.pdbx_ec 
_entity.pdbx_mutation 
_entity.pdbx_fragment 
_entity.details 
1 polymer man 'Probable septum site-determining protein MinC' 10846.576 2  ? ? 'unp residues 8-105' ? 
2 water   nat water                                           18.015    19 ? ? ?                    ? 
# 
_entity_poly.entity_id                      1 
_entity_poly.type                           'polypeptide(L)' 
_entity_poly.nstd_linkage                   no 
_entity_poly.nstd_monomer                   no 
_entity_poly.pdbx_seq_one_letter_code       
;GAMGSTPIELKGSSFTLSVVHLHEAEPKVIHQALEDKIAQAPAFLKHAPVVLNVSALEDPVNWSAMHKAVSATGLRVIGV
SGCKDAQLKAEIEKMGLPILTEG
;
_entity_poly.pdbx_seq_one_letter_code_can   
;GAMGSTPIELKGSSFTLSVVHLHEAEPKVIHQALEDKIAQAPAFLKHAPVVLNVSALEDPVNWSAMHKAVSATGLRVIGV
SGCKDAQLKAEIEKMGLPILTEG
;
_entity_poly.pdbx_strand_id                 A,B 
_entity_poly.pdbx_target_identifier         ? 
# 
_pdbx_entity_nonpoly.entity_id   2 
_pdbx_entity_nonpoly.name        water 
_pdbx_entity_nonpoly.comp_id     HOH 
# 
loop_
_entity_poly_seq.entity_id 
_entity_poly_seq.num 
_entity_poly_seq.mon_id 
_entity_poly_seq.hetero 
1 1   GLY n 
1 2   ALA n 
1 3   MET n 
1 4   GLY n 
1 5   SER n 
1 6   THR n 
1 7   PRO n 
1 8   ILE n 
1 9   GLU n 
1 10  LEU n 
1 11  LYS n 
1 12  GLY n 
1 13  SER n 
1 14  SER n 
1 15  PHE n 
1 16  THR n 
1 17  LEU n 
1 18  SER n 
1 19  VAL n 
1 20  VAL n 
1 21  HIS n 
1 22  LEU n 
1 23  HIS n 
1 24  GLU n 
1 25  ALA n 
1 26  GLU n 
1 27  PRO n 
1 28  LYS n 
1 29  VAL n 
1 30  ILE n 
1 31  HIS n 
1 32  GLN n 
1 33  ALA n 
1 34  LEU n 
1 35  GLU n 
1 36  ASP n 
1 37  LYS n 
1 38  ILE n 
1 39  ALA n 
1 40  GLN n 
1 41  ALA n 
1 42  PRO n 
1 43  ALA n 
1 44  PHE n 
1 45  LEU n 
1 46  LYS n 
1 47  HIS n 
1 48  ALA n 
1 49  PRO n 
1 50  VAL n 
1 51  VAL n 
1 52  LEU n 
1 53  ASN n 
1 54  VAL n 
1 55  SER n 
1 56  ALA n 
1 57  LEU n 
1 58  GLU n 
1 59  ASP n 
1 60  PRO n 
1 61  VAL n 
1 62  ASN n 
1 63  TRP n 
1 64  SER n 
1 65  ALA n 
1 66  MET n 
1 67  HIS n 
1 68  LYS n 
1 69  ALA n 
1 70  VAL n 
1 71  SER n 
1 72  ALA n 
1 73  THR n 
1 74  GLY n 
1 75  LEU n 
1 76  ARG n 
1 77  VAL n 
1 78  ILE n 
1 79  GLY n 
1 80  VAL n 
1 81  SER n 
1 82  GLY n 
1 83  CYS n 
1 84  LYS n 
1 85  ASP n 
1 86  ALA n 
1 87  GLN n 
1 88  LEU n 
1 89  LYS n 
1 90  ALA n 
1 91  GLU n 
1 92  ILE n 
1 93  GLU n 
1 94  LYS n 
1 95  MET n 
1 96  GLY n 
1 97  LEU n 
1 98  PRO n 
1 99  ILE n 
1 100 LEU n 
1 101 THR n 
1 102 GLU n 
1 103 GLY n 
# 
_entity_src_gen.entity_id                          1 
_entity_src_gen.pdbx_src_id                        1 
_entity_src_gen.pdbx_alt_source_flag               sample 
_entity_src_gen.pdbx_seq_type                      ? 
_entity_src_gen.pdbx_beg_seq_num                   ? 
_entity_src_gen.pdbx_end_seq_num                   ? 
_entity_src_gen.gene_src_common_name               ? 
_entity_src_gen.gene_src_genus                     ? 
_entity_src_gen.pdbx_gene_src_gene                 'ECDH1ME8569_1115, EcDH1_2472, minC, UTI89_C1361' 
_entity_src_gen.gene_src_species                   ? 
_entity_src_gen.gene_src_strain                    'UTI89 / UPEC' 
_entity_src_gen.gene_src_tissue                    ? 
_entity_src_gen.gene_src_tissue_fraction           ? 
_entity_src_gen.gene_src_details                   ? 
_entity_src_gen.pdbx_gene_src_fragment             ? 
_entity_src_gen.pdbx_gene_src_scientific_name      'Escherichia coli' 
_entity_src_gen.pdbx_gene_src_ncbi_taxonomy_id     364106 
_entity_src_gen.pdbx_gene_src_variant              ? 
_entity_src_gen.pdbx_gene_src_cell_line            ? 
_entity_src_gen.pdbx_gene_src_atcc                 ? 
_entity_src_gen.pdbx_gene_src_organ                ? 
_entity_src_gen.pdbx_gene_src_organelle            ? 
_entity_src_gen.pdbx_gene_src_cell                 ? 
_entity_src_gen.pdbx_gene_src_cellular_location    ? 
_entity_src_gen.host_org_common_name               ? 
_entity_src_gen.pdbx_host_org_scientific_name      'Escherichia coli' 
_entity_src_gen.pdbx_host_org_ncbi_taxonomy_id     562 
_entity_src_gen.host_org_genus                     ? 
_entity_src_gen.pdbx_host_org_gene                 ? 
_entity_src_gen.pdbx_host_org_organ                ? 
_entity_src_gen.host_org_species                   ? 
_entity_src_gen.pdbx_host_org_tissue               ? 
_entity_src_gen.pdbx_host_org_tissue_fraction      ? 
_entity_src_gen.pdbx_host_org_strain               ? 
_entity_src_gen.pdbx_host_org_variant              ? 
_entity_src_gen.pdbx_host_org_cell_line            ? 
_entity_src_gen.pdbx_host_org_atcc                 ? 
_entity_src_gen.pdbx_host_org_culture_collection   ? 
_entity_src_gen.pdbx_host_org_cell                 ? 
_entity_src_gen.pdbx_host_org_organelle            ? 
_entity_src_gen.pdbx_host_org_cellular_location    ? 
_entity_src_gen.pdbx_host_org_vector_type          ? 
_entity_src_gen.pdbx_host_org_vector               ? 
_entity_src_gen.host_org_details                   ? 
_entity_src_gen.expression_system_id               ? 
_entity_src_gen.plasmid_name                       ? 
_entity_src_gen.plasmid_details                    ? 
_entity_src_gen.pdbx_description                   ? 
# 
loop_
_chem_comp.id 
_chem_comp.type 
_chem_comp.mon_nstd_flag 
_chem_comp.name 
_chem_comp.pdbx_synonyms 
_chem_comp.formula 
_chem_comp.formula_weight 
ALA 'L-peptide linking' y ALANINE         ? 'C3 H7 N O2'     89.093  
ARG 'L-peptide linking' y ARGININE        ? 'C6 H15 N4 O2 1' 175.209 
ASN 'L-peptide linking' y ASPARAGINE      ? 'C4 H8 N2 O3'    132.118 
ASP 'L-peptide linking' y 'ASPARTIC ACID' ? 'C4 H7 N O4'     133.103 
CYS 'L-peptide linking' y CYSTEINE        ? 'C3 H7 N O2 S'   121.158 
GLN 'L-peptide linking' y GLUTAMINE       ? 'C5 H10 N2 O3'   146.144 
GLU 'L-peptide linking' y 'GLUTAMIC ACID' ? 'C5 H9 N O4'     147.129 
GLY 'peptide linking'   y GLYCINE         ? 'C2 H5 N O2'     75.067  
HIS 'L-peptide linking' y HISTIDINE       ? 'C6 H10 N3 O2 1' 156.162 
HOH non-polymer         . WATER           ? 'H2 O'           18.015  
ILE 'L-peptide linking' y ISOLEUCINE      ? 'C6 H13 N O2'    131.173 
LEU 'L-peptide linking' y LEUCINE         ? 'C6 H13 N O2'    131.173 
LYS 'L-peptide linking' y LYSINE          ? 'C6 H15 N2 O2 1' 147.195 
MET 'L-peptide linking' y METHIONINE      ? 'C5 H11 N O2 S'  149.211 
PHE 'L-peptide linking' y PHENYLALANINE   ? 'C9 H11 N O2'    165.189 
PRO 'L-peptide linking' y PROLINE         ? 'C5 H9 N O2'     115.130 
SER 'L-peptide linking' y SERINE          ? 'C3 H7 N O3'     105.093 
THR 'L-peptide linking' y THREONINE       ? 'C4 H9 N O3'     119.119 
TRP 'L-peptide linking' y TRYPTOPHAN      ? 'C11 H12 N2 O2'  204.225 
VAL 'L-peptide linking' y VALINE          ? 'C5 H11 N O2'    117.146 
# 
loop_
_pdbx_poly_seq_scheme.asym_id 
_pdbx_poly_seq_scheme.entity_id 
_pdbx_poly_seq_scheme.seq_id 
_pdbx_poly_seq_scheme.mon_id 
_pdbx_poly_seq_scheme.ndb_seq_num 
_pdbx_poly_seq_scheme.pdb_seq_num 
_pdbx_poly_seq_scheme.auth_seq_num 
_pdbx_poly_seq_scheme.pdb_mon_id 
_pdbx_poly_seq_scheme.auth_mon_id 
_pdbx_poly_seq_scheme.pdb_strand_id 
_pdbx_poly_seq_scheme.pdb_ins_code 
_pdbx_poly_seq_scheme.hetero 
A 1 1   GLY 1   -1  ?   ?   ?   A . n 
A 1 2   ALA 2   0   ?   ?   ?   A . n 
A 1 3   MET 3   1   ?   ?   ?   A . n 
A 1 4   GLY 4   2   ?   ?   ?   A . n 
A 1 5   SER 5   3   ?   ?   ?   A . n 
A 1 6   THR 6   4   4   THR THR A . n 
A 1 7   PRO 7   5   5   PRO PRO A . n 
A 1 8   ILE 8   6   6   ILE ILE A . n 
A 1 9   GLU 9   7   7   GLU GLU A . n 
A 1 10  LEU 10  8   8   LEU LEU A . n 
A 1 11  LYS 11  9   9   LYS LYS A . n 
A 1 12  GLY 12  10  10  GLY GLY A . n 
A 1 13  SER 13  11  11  SER SER A . n 
A 1 14  SER 14  12  12  SER SER A . n 
A 1 15  PHE 15  13  13  PHE PHE A . n 
A 1 16  THR 16  14  14  THR THR A . n 
A 1 17  LEU 17  15  15  LEU LEU A . n 
A 1 18  SER 18  16  16  SER SER A . n 
A 1 19  VAL 19  17  17  VAL VAL A . n 
A 1 20  VAL 20  18  18  VAL VAL A . n 
A 1 21  HIS 21  19  19  HIS HIS A . n 
A 1 22  LEU 22  20  20  LEU LEU A . n 
A 1 23  HIS 23  21  21  HIS HIS A . n 
A 1 24  GLU 24  22  22  GLU GLU A . n 
A 1 25  ALA 25  23  23  ALA ALA A . n 
A 1 26  GLU 26  24  24  GLU GLU A . n 
A 1 27  PRO 27  25  25  PRO PRO A . n 
A 1 28  LYS 28  26  26  LYS LYS A . n 
A 1 29  VAL 29  27  27  VAL VAL A . n 
A 1 30  ILE 30  28  28  ILE ILE A . n 
A 1 31  HIS 31  29  29  HIS HIS A . n 
A 1 32  GLN 32  30  30  GLN GLN A . n 
A 1 33  ALA 33  31  31  ALA ALA A . n 
A 1 34  LEU 34  32  32  LEU LEU A . n 
A 1 35  GLU 35  33  33  GLU GLU A . n 
A 1 36  ASP 36  34  34  ASP ASP A . n 
A 1 37  LYS 37  35  35  LYS LYS A . n 
A 1 38  ILE 38  36  36  ILE ILE A . n 
A 1 39  ALA 39  37  37  ALA ALA A . n 
A 1 40  GLN 40  38  38  GLN GLN A . n 
A 1 41  ALA 41  39  39  ALA ALA A . n 
A 1 42  PRO 42  40  40  PRO PRO A . n 
A 1 43  ALA 43  41  41  ALA ALA A . n 
A 1 44  PHE 44  42  42  PHE PHE A . n 
A 1 45  LEU 45  43  43  LEU LEU A . n 
A 1 46  LYS 46  44  44  LYS LYS A . n 
A 1 47  HIS 47  45  45  HIS HIS A . n 
A 1 48  ALA 48  46  46  ALA ALA A . n 
A 1 49  PRO 49  47  47  PRO PRO A . n 
A 1 50  VAL 50  48  48  VAL VAL A . n 
A 1 51  VAL 51  49  49  VAL VAL A . n 
A 1 52  LEU 52  50  50  LEU LEU A . n 
A 1 53  ASN 53  51  51  ASN ASN A . n 
A 1 54  VAL 54  52  52  VAL VAL A . n 
A 1 55  SER 55  53  53  SER SER A . n 
A 1 56  ALA 56  54  54  ALA ALA A . n 
A 1 57  LEU 57  55  55  LEU LEU A . n 
A 1 58  GLU 58  56  56  GLU GLU A . n 
A 1 59  ASP 59  57  57  ASP ASP A . n 
A 1 60  PRO 60  58  58  PRO PRO A . n 
A 1 61  VAL 61  59  59  VAL VAL A . n 
A 1 62  ASN 62  60  60  ASN ASN A . n 
A 1 63  TRP 63  61  61  TRP TRP A . n 
A 1 64  SER 64  62  62  SER SER A . n 
A 1 65  ALA 65  63  63  ALA ALA A . n 
A 1 66  MET 66  64  64  MET MET A . n 
A 1 67  HIS 67  65  65  HIS HIS A . n 
A 1 68  LYS 68  66  66  LYS LYS A . n 
A 1 69  ALA 69  67  67  ALA ALA A . n 
A 1 70  VAL 70  68  68  VAL VAL A . n 
A 1 71  SER 71  69  69  SER SER A . n 
A 1 72  ALA 72  70  70  ALA ALA A . n 
A 1 73  THR 73  71  71  THR THR A . n 
A 1 74  GLY 74  72  72  GLY GLY A . n 
A 1 75  LEU 75  73  73  LEU LEU A . n 
A 1 76  ARG 76  74  74  ARG ARG A . n 
A 1 77  VAL 77  75  75  VAL VAL A . n 
A 1 78  ILE 78  76  76  ILE ILE A . n 
A 1 79  GLY 79  77  77  GLY GLY A . n 
A 1 80  VAL 80  78  78  VAL VAL A . n 
A 1 81  SER 81  79  79  SER SER A . n 
A 1 82  GLY 82  80  80  GLY GLY A . n 
A 1 83  CYS 83  81  81  CYS CYS A . n 
A 1 84  LYS 84  82  82  LYS LYS A . n 
A 1 85  ASP 85  83  83  ASP ASP A . n 
A 1 86  ALA 86  84  84  ALA ALA A . n 
A 1 87  GLN 87  85  85  GLN GLN A . n 
A 1 88  LEU 88  86  86  LEU LEU A . n 
A 1 89  LYS 89  87  87  LYS LYS A . n 
A 1 90  ALA 90  88  88  ALA ALA A . n 
A 1 91  GLU 91  89  89  GLU GLU A . n 
A 1 92  ILE 92  90  90  ILE ILE A . n 
A 1 93  GLU 93  91  91  GLU GLU A . n 
A 1 94  LYS 94  92  92  LYS LYS A . n 
A 1 95  MET 95  93  93  MET MET A . n 
A 1 96  GLY 96  94  94  GLY GLY A . n 
A 1 97  LEU 97  95  95  LEU LEU A . n 
A 1 98  PRO 98  96  96  PRO PRO A . n 
A 1 99  ILE 99  97  97  ILE ILE A . n 
A 1 100 LEU 100 98  98  LEU LEU A . n 
A 1 101 THR 101 99  99  THR THR A . n 
A 1 102 GLU 102 100 100 GLU GLU A . n 
A 1 103 GLY 103 101 101 GLY GLY A . n 
B 1 1   GLY 1   -1  ?   ?   ?   B . n 
B 1 2   ALA 2   0   ?   ?   ?   B . n 
B 1 3   MET 3   1   ?   ?   ?   B . n 
B 1 4   GLY 4   2   ?   ?   ?   B . n 
B 1 5   SER 5   3   ?   ?   ?   B . n 
B 1 6   THR 6   4   4   THR THR B . n 
B 1 7   PRO 7   5   5   PRO PRO B . n 
B 1 8   ILE 8   6   6   ILE ILE B . n 
B 1 9   GLU 9   7   7   GLU GLU B . n 
B 1 10  LEU 10  8   8   LEU LEU B . n 
B 1 11  LYS 11  9   9   LYS LYS B . n 
B 1 12  GLY 12  10  10  GLY GLY B . n 
B 1 13  SER 13  11  11  SER SER B . n 
B 1 14  SER 14  12  12  SER SER B . n 
B 1 15  PHE 15  13  13  PHE PHE B . n 
B 1 16  THR 16  14  14  THR THR B . n 
B 1 17  LEU 17  15  15  LEU LEU B . n 
B 1 18  SER 18  16  16  SER SER B . n 
B 1 19  VAL 19  17  17  VAL VAL B . n 
B 1 20  VAL 20  18  18  VAL VAL B . n 
B 1 21  HIS 21  19  19  HIS HIS B . n 
B 1 22  LEU 22  20  20  LEU LEU B . n 
B 1 23  HIS 23  21  21  HIS HIS B . n 
B 1 24  GLU 24  22  22  GLU GLU B . n 
B 1 25  ALA 25  23  23  ALA ALA B . n 
B 1 26  GLU 26  24  24  GLU GLU B . n 
B 1 27  PRO 27  25  25  PRO PRO B . n 
B 1 28  LYS 28  26  26  LYS LYS B . n 
B 1 29  VAL 29  27  27  VAL VAL B . n 
B 1 30  ILE 30  28  28  ILE ILE B . n 
B 1 31  HIS 31  29  29  HIS HIS B . n 
B 1 32  GLN 32  30  30  GLN GLN B . n 
B 1 33  ALA 33  31  31  ALA ALA B . n 
B 1 34  LEU 34  32  32  LEU LEU B . n 
B 1 35  GLU 35  33  33  GLU GLU B . n 
B 1 36  ASP 36  34  34  ASP ASP B . n 
B 1 37  LYS 37  35  35  LYS LYS B . n 
B 1 38  ILE 38  36  36  ILE ILE B . n 
B 1 39  ALA 39  37  37  ALA ALA B . n 
B 1 40  GLN 40  38  38  GLN GLN B . n 
B 1 41  ALA 41  39  39  ALA ALA B . n 
B 1 42  PRO 42  40  40  PRO PRO B . n 
B 1 43  ALA 43  41  41  ALA ALA B . n 
B 1 44  PHE 44  42  42  PHE PHE B . n 
B 1 45  LEU 45  43  43  LEU LEU B . n 
B 1 46  LYS 46  44  44  LYS LYS B . n 
B 1 47  HIS 47  45  45  HIS HIS B . n 
B 1 48  ALA 48  46  46  ALA ALA B . n 
B 1 49  PRO 49  47  47  PRO PRO B . n 
B 1 50  VAL 50  48  48  VAL VAL B . n 
B 1 51  VAL 51  49  49  VAL VAL B . n 
B 1 52  LEU 52  50  50  LEU LEU B . n 
B 1 53  ASN 53  51  51  ASN ASN B . n 
B 1 54  VAL 54  52  52  VAL VAL B . n 
B 1 55  SER 55  53  53  SER SER B . n 
B 1 56  ALA 56  54  54  ALA ALA B . n 
B 1 57  LEU 57  55  55  LEU LEU B . n 
B 1 58  GLU 58  56  56  GLU GLU B . n 
B 1 59  ASP 59  57  57  ASP ASP B . n 
B 1 60  PRO 60  58  58  PRO PRO B . n 
B 1 61  VAL 61  59  59  VAL VAL B . n 
B 1 62  ASN 62  60  60  ASN ASN B . n 
B 1 63  TRP 63  61  61  TRP TRP B . n 
B 1 64  SER 64  62  62  SER SER B . n 
B 1 65  ALA 65  63  63  ALA ALA B . n 
B 1 66  MET 66  64  64  MET MET B . n 
B 1 67  HIS 67  65  65  HIS HIS B . n 
B 1 68  LYS 68  66  66  LYS LYS B . n 
B 1 69  ALA 69  67  67  ALA ALA B . n 
B 1 70  VAL 70  68  68  VAL VAL B . n 
B 1 71  SER 71  69  69  SER SER B . n 
B 1 72  ALA 72  70  70  ALA ALA B . n 
B 1 73  THR 73  71  71  THR THR B . n 
B 1 74  GLY 74  72  72  GLY GLY B . n 
B 1 75  LEU 75  73  73  LEU LEU B . n 
B 1 76  ARG 76  74  74  ARG ARG B . n 
B 1 77  VAL 77  75  75  VAL VAL B . n 
B 1 78  ILE 78  76  76  ILE ILE B . n 
B 1 79  GLY 79  77  77  GLY GLY B . n 
B 1 80  VAL 80  78  78  VAL VAL B . n 
B 1 81  SER 81  79  79  SER SER B . n 
B 1 82  GLY 82  80  80  GLY GLY B . n 
B 1 83  CYS 83  81  81  CYS CYS B . n 
B 1 84  LYS 84  82  82  LYS LYS B . n 
B 1 85  ASP 85  83  83  ASP ASP B . n 
B 1 86  ALA 86  84  84  ALA ALA B . n 
B 1 87  GLN 87  85  85  GLN GLN B . n 
B 1 88  LEU 88  86  86  LEU LEU B . n 
B 1 89  LYS 89  87  87  LYS LYS B . n 
B 1 90  ALA 90  88  88  ALA ALA B . n 
B 1 91  GLU 91  89  89  GLU GLU B . n 
B 1 92  ILE 92  90  90  ILE ILE B . n 
B 1 93  GLU 93  91  91  GLU GLU B . n 
B 1 94  LYS 94  92  92  LYS LYS B . n 
B 1 95  MET 95  93  93  MET MET B . n 
B 1 96  GLY 96  94  94  GLY GLY B . n 
B 1 97  LEU 97  95  95  LEU LEU B . n 
B 1 98  PRO 98  96  96  PRO PRO B . n 
B 1 99  ILE 99  97  97  ILE ILE B . n 
B 1 100 LEU 100 98  98  LEU LEU B . n 
B 1 101 THR 101 99  99  THR THR B . n 
B 1 102 GLU 102 100 100 GLU GLU B . n 
B 1 103 GLY 103 101 101 GLY GLY B . n 
# 
loop_
_pdbx_nonpoly_scheme.asym_id 
_pdbx_nonpoly_scheme.entity_id 
_pdbx_nonpoly_scheme.mon_id 
_pdbx_nonpoly_scheme.ndb_seq_num 
_pdbx_nonpoly_scheme.pdb_seq_num 
_pdbx_nonpoly_scheme.auth_seq_num 
_pdbx_nonpoly_scheme.pdb_mon_id 
_pdbx_nonpoly_scheme.auth_mon_id 
_pdbx_nonpoly_scheme.pdb_strand_id 
_pdbx_nonpoly_scheme.pdb_ins_code 
C 2 HOH 1  201 3  HOH HOH A . 
C 2 HOH 2  202 4  HOH HOH A . 
C 2 HOH 3  203 6  HOH HOH A . 
C 2 HOH 4  204 8  HOH HOH A . 
C 2 HOH 5  205 9  HOH HOH A . 
C 2 HOH 6  206 15 HOH HOH A . 
C 2 HOH 7  207 18 HOH HOH A . 
D 2 HOH 1  201 1  HOH HOH B . 
D 2 HOH 2  202 2  HOH HOH B . 
D 2 HOH 3  203 5  HOH HOH B . 
D 2 HOH 4  204 7  HOH HOH B . 
D 2 HOH 5  205 10 HOH HOH B . 
D 2 HOH 6  206 11 HOH HOH B . 
D 2 HOH 7  207 12 HOH HOH B . 
D 2 HOH 8  208 13 HOH HOH B . 
D 2 HOH 9  209 14 HOH HOH B . 
D 2 HOH 10 210 16 HOH HOH B . 
D 2 HOH 11 211 17 HOH HOH B . 
D 2 HOH 12 212 19 HOH HOH B . 
# 
loop_
_software.name 
_software.classification 
_software.version 
_software.citation_id 
_software.pdbx_ordinal 
HKL-2000 'data collection' .                           ? 1 
PHENIX   'model building'  .                           ? 2 
PHENIX   refinement        '(phenix.refine: 1.8_1069)' ? 3 
HKL-2000 'data reduction'  .                           ? 4 
HKL-2000 'data scaling'    .                           ? 5 
PHENIX   phasing           .                           ? 6 
# 
_cell.entry_id           4L1C 
_cell.length_a           52.667 
_cell.length_b           53.983 
_cell.length_c           64.701 
_cell.angle_alpha        90.00 
_cell.angle_beta         90.00 
_cell.angle_gamma        90.00 
_cell.Z_PDB              8 
_cell.pdbx_unique_axis   ? 
_cell.length_a_esd       ? 
_cell.length_b_esd       ? 
_cell.length_c_esd       ? 
_cell.angle_alpha_esd    ? 
_cell.angle_beta_esd     ? 
_cell.angle_gamma_esd    ? 
# 
_symmetry.entry_id                         4L1C 
_symmetry.space_group_name_H-M             'P 21 21 21' 
_symmetry.pdbx_full_space_group_name_H-M   ? 
_symmetry.cell_setting                     ? 
_symmetry.Int_Tables_number                19 
_symmetry.space_group_name_Hall            ? 
# 
_exptl.entry_id          4L1C 
_exptl.method            'X-RAY DIFFRACTION' 
_exptl.crystals_number   1 
# 
_exptl_crystal.id                    1 
_exptl_crystal.density_meas          ? 
_exptl_crystal.density_Matthews      2.12 
_exptl_crystal.density_percent_sol   41.98 
_exptl_crystal.description           ? 
_exptl_crystal.F_000                 ? 
_exptl_crystal.preparation           ? 
# 
_exptl_crystal_grow.crystal_id      1 
_exptl_crystal_grow.method          'VAPOR DIFFUSION, HANGING DROP' 
_exptl_crystal_grow.temp            294 
_exptl_crystal_grow.temp_details    ? 
_exptl_crystal_grow.pH              6.5 
_exptl_crystal_grow.pdbx_details    '1.4 M Sodium citrate  , pH 6.5, VAPOR DIFFUSION, HANGING DROP, temperature 294K' 
_exptl_crystal_grow.pdbx_pH_range   ? 
# 
_diffrn.id                     1 
_diffrn.ambient_temp           100 
_diffrn.ambient_temp_details   ? 
_diffrn.crystal_id             1 
# 
_diffrn_detector.diffrn_id              1 
_diffrn_detector.detector               CCD 
_diffrn_detector.type                   'ADSC QUANTUM 315' 
_diffrn_detector.pdbx_collection_date   2009-10-10 
_diffrn_detector.details                ? 
# 
_diffrn_radiation.diffrn_id                        1 
_diffrn_radiation.wavelength_id                    1 
_diffrn_radiation.pdbx_monochromatic_or_laue_m_l   M 
_diffrn_radiation.monochromator                    'Si 111 channel' 
_diffrn_radiation.pdbx_diffrn_protocol             'SINGLE WAVELENGTH' 
_diffrn_radiation.pdbx_scattering_type             x-ray 
# 
_diffrn_radiation_wavelength.id           1 
_diffrn_radiation_wavelength.wavelength   1.0000 
_diffrn_radiation_wavelength.wt           1.0 
# 
_diffrn_source.diffrn_id                   1 
_diffrn_source.source                      SYNCHROTRON 
_diffrn_source.type                        'PAL/PLS BEAMLINE 5C (4A)' 
_diffrn_source.pdbx_synchrotron_site       PAL/PLS 
_diffrn_source.pdbx_synchrotron_beamline   '5C (4A)' 
_diffrn_source.pdbx_wavelength             ? 
_diffrn_source.pdbx_wavelength_list        1.0000 
# 
_reflns.entry_id                     4L1C 
_reflns.observed_criterion_sigma_I   1 
_reflns.observed_criterion_sigma_F   1 
_reflns.d_resolution_low             27.75 
_reflns.d_resolution_high            2.28 
_reflns.number_obs                   8474 
_reflns.number_all                   8474 
_reflns.percent_possible_obs         99.8 
_reflns.pdbx_Rmerge_I_obs            0.065 
_reflns.pdbx_Rsym_value              0.065 
_reflns.pdbx_netI_over_sigmaI        13.8 
_reflns.B_iso_Wilson_estimate        ? 
_reflns.pdbx_redundancy              11.3 
_reflns.R_free_details               ? 
_reflns.limit_h_max                  ? 
_reflns.limit_h_min                  ? 
_reflns.limit_k_max                  ? 
_reflns.limit_k_min                  ? 
_reflns.limit_l_max                  ? 
_reflns.limit_l_min                  ? 
_reflns.observed_criterion_F_max     ? 
_reflns.observed_criterion_F_min     ? 
_reflns.pdbx_chi_squared             ? 
_reflns.pdbx_scaling_rejects         ? 
_reflns.pdbx_ordinal                 1 
_reflns.pdbx_diffrn_id               1 
# 
_reflns_shell.d_res_high             2.30 
_reflns_shell.d_res_low              2.34 
_reflns_shell.percent_possible_obs   ? 
_reflns_shell.percent_possible_all   98.8 
_reflns_shell.Rmerge_I_obs           0.415 
_reflns_shell.meanI_over_sigI_obs    4.6 
_reflns_shell.pdbx_Rsym_value        0.415 
_reflns_shell.pdbx_redundancy        10.2 
_reflns_shell.number_unique_all      ? 
_reflns_shell.number_measured_all    ? 
_reflns_shell.number_measured_obs    ? 
_reflns_shell.number_unique_obs      ? 
_reflns_shell.pdbx_chi_squared       ? 
_reflns_shell.pdbx_ordinal           1 
_reflns_shell.pdbx_diffrn_id         1 
# 
_refine.entry_id                                 4L1C 
_refine.ls_number_reflns_obs                     8474 
_refine.ls_number_reflns_all                     8474 
_refine.pdbx_ls_sigma_I                          ? 
_refine.pdbx_ls_sigma_F                          0.00 
_refine.pdbx_data_cutoff_high_absF               ? 
_refine.pdbx_data_cutoff_low_absF                ? 
_refine.pdbx_data_cutoff_high_rms_absF           ? 
_refine.ls_d_res_low                             27.75 
_refine.ls_d_res_high                            2.28 
_refine.ls_percent_reflns_obs                    95 
_refine.ls_R_factor_obs                          ? 
_refine.ls_R_factor_all                          ? 
_refine.ls_R_factor_R_work                       0.2289 
_refine.ls_R_factor_R_free                       0.2625 
_refine.ls_R_factor_R_free_error                 ? 
_refine.ls_R_factor_R_free_error_details         ? 
_refine.ls_percent_reflns_R_free                 9.76 
_refine.ls_number_reflns_R_free                  847 
_refine.ls_number_parameters                     ? 
_refine.ls_number_restraints                     ? 
_refine.occupancy_min                            ? 
_refine.occupancy_max                            ? 
_refine.correlation_coeff_Fo_to_Fc               ? 
_refine.correlation_coeff_Fo_to_Fc_free          ? 
_refine.B_iso_mean                               ? 
_refine.aniso_B[1][1]                            ? 
_refine.aniso_B[2][2]                            ? 
_refine.aniso_B[3][3]                            ? 
_refine.aniso_B[1][2]                            ? 
_refine.aniso_B[1][3]                            ? 
_refine.aniso_B[2][3]                            ? 
_refine.solvent_model_details                    'FLAT BULK SOLVENT MODEL' 
_refine.solvent_model_param_ksol                 ? 
_refine.solvent_model_param_bsol                 ? 
_refine.pdbx_solvent_vdw_probe_radii             1.11 
_refine.pdbx_solvent_ion_probe_radii             ? 
_refine.pdbx_solvent_shrinkage_radii             0.90 
_refine.pdbx_ls_cross_valid_method               ? 
_refine.details                                  ? 
_refine.pdbx_starting_model                      ? 
_refine.pdbx_method_to_determine_struct          'MOLECULAR REPLACEMENT' 
_refine.pdbx_isotropic_thermal_model             ? 
_refine.pdbx_stereochemistry_target_values       ML 
_refine.pdbx_stereochem_target_val_spec_case     ? 
_refine.pdbx_R_Free_selection_details            RANDOM 
_refine.pdbx_overall_ESU_R                       ? 
_refine.pdbx_overall_ESU_R_Free                  ? 
_refine.overall_SU_ML                            0.28 
_refine.pdbx_overall_phase_error                 29.98 
_refine.overall_SU_B                             ? 
_refine.overall_SU_R_Cruickshank_DPI             ? 
_refine.ls_redundancy_reflns_obs                 ? 
_refine.B_iso_min                                ? 
_refine.B_iso_max                                ? 
_refine.overall_SU_R_free                        ? 
_refine.ls_wR_factor_R_free                      ? 
_refine.ls_wR_factor_R_work                      ? 
_refine.overall_FOM_free_R_set                   ? 
_refine.overall_FOM_work_R_set                   ? 
_refine.pdbx_diffrn_id                           1 
_refine.pdbx_refine_id                           'X-RAY DIFFRACTION' 
_refine.pdbx_TLS_residual_ADP_flag               ? 
_refine.pdbx_overall_SU_R_free_Cruickshank_DPI   ? 
_refine.pdbx_overall_SU_R_Blow_DPI               ? 
_refine.pdbx_overall_SU_R_free_Blow_DPI          ? 
# 
_refine_hist.pdbx_refine_id                   'X-RAY DIFFRACTION' 
_refine_hist.cycle_id                         LAST 
_refine_hist.pdbx_number_atoms_protein        1464 
_refine_hist.pdbx_number_atoms_nucleic_acid   0 
_refine_hist.pdbx_number_atoms_ligand         0 
_refine_hist.number_atoms_solvent             19 
_refine_hist.number_atoms_total               1483 
_refine_hist.d_res_high                       2.28 
_refine_hist.d_res_low                        27.75 
# 
loop_
_refine_ls_restr.type 
_refine_ls_restr.dev_ideal 
_refine_ls_restr.dev_ideal_target 
_refine_ls_restr.weight 
_refine_ls_restr.number 
_refine_ls_restr.pdbx_restraint_function 
_refine_ls_restr.pdbx_refine_id 
f_bond_d           0.014  ? ? 1492 ? 'X-RAY DIFFRACTION' 
f_angle_d          1.418  ? ? 2026 ? 'X-RAY DIFFRACTION' 
f_dihedral_angle_d 15.350 ? ? 546  ? 'X-RAY DIFFRACTION' 
f_chiral_restr     0.093  ? ? 246  ? 'X-RAY DIFFRACTION' 
f_plane_restr      0.006  ? ? 256  ? 'X-RAY DIFFRACTION' 
# 
loop_
_refine_ls_shell.pdbx_total_number_of_bins_used 
_refine_ls_shell.d_res_high 
_refine_ls_shell.d_res_low 
_refine_ls_shell.number_reflns_R_work 
_refine_ls_shell.R_factor_R_work 
_refine_ls_shell.percent_reflns_obs 
_refine_ls_shell.R_factor_R_free 
_refine_ls_shell.R_factor_R_free_error 
_refine_ls_shell.percent_reflns_R_free 
_refine_ls_shell.number_reflns_R_free 
_refine_ls_shell.number_reflns_all 
_refine_ls_shell.R_factor_all 
_refine_ls_shell.number_reflns_obs 
_refine_ls_shell.redundancy_reflns_obs 
_refine_ls_shell.pdbx_refine_id 
. 2.2750 2.4175  1109 0.2790 85.00  0.3971 . . 115 . . . . 'X-RAY DIFFRACTION' 
. 2.4175 2.6040  1249 0.2753 95.00  0.3329 . . 132 . . . . 'X-RAY DIFFRACTION' 
. 2.6040 2.8659  1282 0.2729 98.00  0.3068 . . 143 . . . . 'X-RAY DIFFRACTION' 
. 2.8659 3.2800  1321 0.2536 100.00 0.3224 . . 146 . . . . 'X-RAY DIFFRACTION' 
. 3.2800 4.1302  1348 0.2146 100.00 0.2351 . . 143 . . . . 'X-RAY DIFFRACTION' 
. 4.1302 27.7513 1414 0.1921 100.00 0.1955 . . 156 . . . . 'X-RAY DIFFRACTION' 
# 
_struct.entry_id                  4L1C 
_struct.title                     'Crystal structure of Dimerized N-terminal Domain of MinC' 
_struct.pdbx_model_details        ? 
_struct.pdbx_CASP_flag            ? 
_struct.pdbx_model_type_details   ? 
# 
_struct_keywords.entry_id        4L1C 
_struct_keywords.pdbx_keywords   'PROTEIN BINDING' 
_struct_keywords.text            'Swapping, antiparallel beta sheet, cell division inhibitor, FtsZ, PROTEIN BINDING' 
# 
loop_
_struct_asym.id 
_struct_asym.pdbx_blank_PDB_chainid_flag 
_struct_asym.pdbx_modified 
_struct_asym.entity_id 
_struct_asym.details 
A N N 1 ? 
B N N 1 ? 
C N N 2 ? 
D N N 2 ? 
# 
_struct_ref.id                         1 
_struct_ref.db_name                    UNP 
_struct_ref.db_code                    Q1RCS1_ECOUT 
_struct_ref.pdbx_db_accession          Q1RCS1 
_struct_ref.entity_id                  1 
_struct_ref.pdbx_seq_one_letter_code   
;TPIELKGSSFTLSVVHLHEAEPKVIHQALEDKIAQAPAFLKHAPVVLNVSALEDPVNWSAMHKAVSATGLRVIGVSGCKD
AQLKAEIEKMGLPILTEG
;
_struct_ref.pdbx_align_begin           8 
_struct_ref.pdbx_db_isoform            ? 
# 
loop_
_struct_ref_seq.align_id 
_struct_ref_seq.ref_id 
_struct_ref_seq.pdbx_PDB_id_code 
_struct_ref_seq.pdbx_strand_id 
_struct_ref_seq.seq_align_beg 
_struct_ref_seq.pdbx_seq_align_beg_ins_code 
_struct_ref_seq.seq_align_end 
_struct_ref_seq.pdbx_seq_align_end_ins_code 
_struct_ref_seq.pdbx_db_accession 
_struct_ref_seq.db_align_beg 
_struct_ref_seq.pdbx_db_align_beg_ins_code 
_struct_ref_seq.db_align_end 
_struct_ref_seq.pdbx_db_align_end_ins_code 
_struct_ref_seq.pdbx_auth_seq_align_beg 
_struct_ref_seq.pdbx_auth_seq_align_end 
1 1 4L1C A 6 ? 103 ? Q1RCS1 8 ? 105 ? 4 101 
2 1 4L1C B 6 ? 103 ? Q1RCS1 8 ? 105 ? 4 101 
# 
loop_
_struct_ref_seq_dif.align_id 
_struct_ref_seq_dif.pdbx_pdb_id_code 
_struct_ref_seq_dif.mon_id 
_struct_ref_seq_dif.pdbx_pdb_strand_id 
_struct_ref_seq_dif.seq_num 
_struct_ref_seq_dif.pdbx_pdb_ins_code 
_struct_ref_seq_dif.pdbx_seq_db_name 
_struct_ref_seq_dif.pdbx_seq_db_accession_code 
_struct_ref_seq_dif.db_mon_id 
_struct_ref_seq_dif.pdbx_seq_db_seq_num 
_struct_ref_seq_dif.details 
_struct_ref_seq_dif.pdbx_auth_seq_num 
_struct_ref_seq_dif.pdbx_ordinal 
1 4L1C GLY A 1 ? UNP Q1RCS1 ? ? 'expression tag' -1 1  
1 4L1C ALA A 2 ? UNP Q1RCS1 ? ? 'expression tag' 0  2  
1 4L1C MET A 3 ? UNP Q1RCS1 ? ? 'expression tag' 1  3  
1 4L1C GLY A 4 ? UNP Q1RCS1 ? ? 'expression tag' 2  4  
1 4L1C SER A 5 ? UNP Q1RCS1 ? ? 'expression tag' 3  5  
2 4L1C GLY B 1 ? UNP Q1RCS1 ? ? 'expression tag' -1 6  
2 4L1C ALA B 2 ? UNP Q1RCS1 ? ? 'expression tag' 0  7  
2 4L1C MET B 3 ? UNP Q1RCS1 ? ? 'expression tag' 1  8  
2 4L1C GLY B 4 ? UNP Q1RCS1 ? ? 'expression tag' 2  9  
2 4L1C SER B 5 ? UNP Q1RCS1 ? ? 'expression tag' 3  10 
# 
_pdbx_struct_assembly.id                   1 
_pdbx_struct_assembly.details              author_and_software_defined_assembly 
_pdbx_struct_assembly.method_details       PISA 
_pdbx_struct_assembly.oligomeric_details   dimeric 
_pdbx_struct_assembly.oligomeric_count     2 
# 
loop_
_pdbx_struct_assembly_prop.biol_id 
_pdbx_struct_assembly_prop.type 
_pdbx_struct_assembly_prop.value 
_pdbx_struct_assembly_prop.details 
1 'ABSA (A^2)' 3420  ? 
1 MORE         -27   ? 
1 'SSA (A^2)'  10330 ? 
# 
_pdbx_struct_assembly_gen.assembly_id       1 
_pdbx_struct_assembly_gen.oper_expression   1 
_pdbx_struct_assembly_gen.asym_id_list      A,B,C,D 
# 
_pdbx_struct_oper_list.id                   1 
_pdbx_struct_oper_list.type                 'identity operation' 
_pdbx_struct_oper_list.name                 1_555 
_pdbx_struct_oper_list.symmetry_operation   x,y,z 
_pdbx_struct_oper_list.matrix[1][1]         1.0000000000 
_pdbx_struct_oper_list.matrix[1][2]         0.0000000000 
_pdbx_struct_oper_list.matrix[1][3]         0.0000000000 
_pdbx_struct_oper_list.vector[1]            0.0000000000 
_pdbx_struct_oper_list.matrix[2][1]         0.0000000000 
_pdbx_struct_oper_list.matrix[2][2]         1.0000000000 
_pdbx_struct_oper_list.matrix[2][3]         0.0000000000 
_pdbx_struct_oper_list.vector[2]            0.0000000000 
_pdbx_struct_oper_list.matrix[3][1]         0.0000000000 
_pdbx_struct_oper_list.matrix[3][2]         0.0000000000 
_pdbx_struct_oper_list.matrix[3][3]         1.0000000000 
_pdbx_struct_oper_list.vector[3]            0.0000000000 
# 
_struct_biol.id        1 
_struct_biol.details   ? 
# 
loop_
_struct_conf.conf_type_id 
_struct_conf.id 
_struct_conf.pdbx_PDB_helix_id 
_struct_conf.beg_label_comp_id 
_struct_conf.beg_label_asym_id 
_struct_conf.beg_label_seq_id 
_struct_conf.pdbx_beg_PDB_ins_code 
_struct_conf.end_label_comp_id 
_struct_conf.end_label_asym_id 
_struct_conf.end_label_seq_id 
_struct_conf.pdbx_end_PDB_ins_code 
_struct_conf.beg_auth_comp_id 
_struct_conf.beg_auth_asym_id 
_struct_conf.beg_auth_seq_id 
_struct_conf.end_auth_comp_id 
_struct_conf.end_auth_asym_id 
_struct_conf.end_auth_seq_id 
_struct_conf.pdbx_PDB_helix_class 
_struct_conf.details 
_struct_conf.pdbx_PDB_helix_length 
HELX_P HELX_P1 1 GLU A 26 ? ALA A 39 ? GLU A 24 ALA A 37 1 ? 14 
HELX_P HELX_P2 2 ALA A 41 ? LYS A 46 ? ALA A 39 LYS A 44 1 ? 6  
HELX_P HELX_P3 3 ASN A 62 ? ALA A 72 ? ASN A 60 ALA A 70 1 ? 11 
HELX_P HELX_P4 4 ASP A 85 ? GLU A 93 ? ASP A 83 GLU A 91 1 ? 9  
HELX_P HELX_P5 5 LYS A 94 ? GLY A 96 ? LYS A 92 GLY A 94 5 ? 3  
HELX_P HELX_P6 6 GLU B 26 ? ALA B 41 ? GLU B 24 ALA B 39 1 ? 16 
HELX_P HELX_P7 7 ALA B 41 ? LYS B 46 ? ALA B 39 LYS B 44 1 ? 6  
HELX_P HELX_P8 8 ASN B 62 ? ALA B 72 ? ASN B 60 ALA B 70 1 ? 11 
HELX_P HELX_P9 9 ASP B 85 ? MET B 95 ? ASP B 83 MET B 93 1 ? 11 
# 
_struct_conf_type.id          HELX_P 
_struct_conf_type.criteria    ? 
_struct_conf_type.reference   ? 
# 
_struct_sheet.id               A 
_struct_sheet.type             ? 
_struct_sheet.number_strands   8 
_struct_sheet.details          ? 
# 
loop_
_struct_sheet_order.sheet_id 
_struct_sheet_order.range_id_1 
_struct_sheet_order.range_id_2 
_struct_sheet_order.offset 
_struct_sheet_order.sense 
A 1 2 ? parallel      
A 2 3 ? parallel      
A 3 4 ? parallel      
A 4 5 ? anti-parallel 
A 5 6 ? parallel      
A 6 7 ? parallel      
A 7 8 ? parallel      
# 
loop_
_struct_sheet_range.sheet_id 
_struct_sheet_range.id 
_struct_sheet_range.beg_label_comp_id 
_struct_sheet_range.beg_label_asym_id 
_struct_sheet_range.beg_label_seq_id 
_struct_sheet_range.pdbx_beg_PDB_ins_code 
_struct_sheet_range.end_label_comp_id 
_struct_sheet_range.end_label_asym_id 
_struct_sheet_range.end_label_seq_id 
_struct_sheet_range.pdbx_end_PDB_ins_code 
_struct_sheet_range.beg_auth_comp_id 
_struct_sheet_range.beg_auth_asym_id 
_struct_sheet_range.beg_auth_seq_id 
_struct_sheet_range.end_auth_comp_id 
_struct_sheet_range.end_auth_asym_id 
_struct_sheet_range.end_auth_seq_id 
A 1 ILE A 99 ? LEU A 100 ? ILE A 97 LEU A 98 
A 2 ARG A 76 ? SER A 81  ? ARG A 74 SER A 79 
A 3 PRO A 49 ? ASN A 53  ? PRO A 47 ASN A 51 
A 4 ILE A 8  ? LEU A 22  ? ILE A 6  LEU A 20 
A 5 ILE B 8  ? LEU B 22  ? ILE B 6  LEU B 20 
A 6 PRO B 49 ? ASN B 53  ? PRO B 47 ASN B 51 
A 7 ARG B 76 ? SER B 81  ? ARG B 74 SER B 79 
A 8 ILE B 99 ? LEU B 100 ? ILE B 97 LEU B 98 
# 
loop_
_pdbx_struct_sheet_hbond.sheet_id 
_pdbx_struct_sheet_hbond.range_id_1 
_pdbx_struct_sheet_hbond.range_id_2 
_pdbx_struct_sheet_hbond.range_1_label_atom_id 
_pdbx_struct_sheet_hbond.range_1_label_comp_id 
_pdbx_struct_sheet_hbond.range_1_label_asym_id 
_pdbx_struct_sheet_hbond.range_1_label_seq_id 
_pdbx_struct_sheet_hbond.range_1_PDB_ins_code 
_pdbx_struct_sheet_hbond.range_1_auth_atom_id 
_pdbx_struct_sheet_hbond.range_1_auth_comp_id 
_pdbx_struct_sheet_hbond.range_1_auth_asym_id 
_pdbx_struct_sheet_hbond.range_1_auth_seq_id 
_pdbx_struct_sheet_hbond.range_2_label_atom_id 
_pdbx_struct_sheet_hbond.range_2_label_comp_id 
_pdbx_struct_sheet_hbond.range_2_label_asym_id 
_pdbx_struct_sheet_hbond.range_2_label_seq_id 
_pdbx_struct_sheet_hbond.range_2_PDB_ins_code 
_pdbx_struct_sheet_hbond.range_2_auth_atom_id 
_pdbx_struct_sheet_hbond.range_2_auth_comp_id 
_pdbx_struct_sheet_hbond.range_2_auth_asym_id 
_pdbx_struct_sheet_hbond.range_2_auth_seq_id 
A 1 2 O LEU A 100 ? O LEU A 98 N VAL A 80  ? N VAL A 78 
A 2 3 O ARG A 76  ? O ARG A 74 N VAL A 50  ? N VAL A 48 
A 3 4 O VAL A 51  ? O VAL A 49 N VAL A 20  ? N VAL A 18 
A 4 5 N SER A 13  ? N SER A 11 O LEU B 17  ? O LEU B 15 
A 5 6 N LEU B 22  ? N LEU B 20 O ASN B 53  ? O ASN B 51 
A 6 7 N VAL B 50  ? N VAL B 48 O ARG B 76  ? O ARG B 74 
A 7 8 N VAL B 80  ? N VAL B 78 O LEU B 100 ? O LEU B 98 
# 
loop_
_pdbx_validate_rmsd_angle.id 
_pdbx_validate_rmsd_angle.PDB_model_num 
_pdbx_validate_rmsd_angle.auth_atom_id_1 
_pdbx_validate_rmsd_angle.auth_asym_id_1 
_pdbx_validate_rmsd_angle.auth_comp_id_1 
_pdbx_validate_rmsd_angle.auth_seq_id_1 
_pdbx_validate_rmsd_angle.PDB_ins_code_1 
_pdbx_validate_rmsd_angle.label_alt_id_1 
_pdbx_validate_rmsd_angle.auth_atom_id_2 
_pdbx_validate_rmsd_angle.auth_asym_id_2 
_pdbx_validate_rmsd_angle.auth_comp_id_2 
_pdbx_validate_rmsd_angle.auth_seq_id_2 
_pdbx_validate_rmsd_angle.PDB_ins_code_2 
_pdbx_validate_rmsd_angle.label_alt_id_2 
_pdbx_validate_rmsd_angle.auth_atom_id_3 
_pdbx_validate_rmsd_angle.auth_asym_id_3 
_pdbx_validate_rmsd_angle.auth_comp_id_3 
_pdbx_validate_rmsd_angle.auth_seq_id_3 
_pdbx_validate_rmsd_angle.PDB_ins_code_3 
_pdbx_validate_rmsd_angle.label_alt_id_3 
_pdbx_validate_rmsd_angle.angle_value 
_pdbx_validate_rmsd_angle.angle_target_value 
_pdbx_validate_rmsd_angle.angle_deviation 
_pdbx_validate_rmsd_angle.angle_standard_deviation 
_pdbx_validate_rmsd_angle.linker_flag 
1 1 N B GLU 100 ? ? CA B GLU 100 ? ? C B GLU 100 ? ? 128.31 111.00 17.31 2.70 N 
2 1 N B GLY 101 ? ? CA B GLY 101 ? ? C B GLY 101 ? ? 136.64 113.10 23.54 2.50 N 
# 
loop_
_pdbx_validate_torsion.id 
_pdbx_validate_torsion.PDB_model_num 
_pdbx_validate_torsion.auth_comp_id 
_pdbx_validate_torsion.auth_asym_id 
_pdbx_validate_torsion.auth_seq_id 
_pdbx_validate_torsion.PDB_ins_code 
_pdbx_validate_torsion.label_alt_id 
_pdbx_validate_torsion.phi 
_pdbx_validate_torsion.psi 
1 1 ALA A 39 ? ? -157.32 67.24  
2 1 GLU B 22 ? ? -48.71  106.55 
3 1 PRO B 25 ? ? -26.46  -41.84 
4 1 VAL B 59 ? ? -163.07 118.44 
5 1 GLN B 85 ? ? -66.56  -70.54 
# 
loop_
_pdbx_unobs_or_zero_occ_residues.id 
_pdbx_unobs_or_zero_occ_residues.PDB_model_num 
_pdbx_unobs_or_zero_occ_residues.polymer_flag 
_pdbx_unobs_or_zero_occ_residues.occupancy_flag 
_pdbx_unobs_or_zero_occ_residues.auth_asym_id 
_pdbx_unobs_or_zero_occ_residues.auth_comp_id 
_pdbx_unobs_or_zero_occ_residues.auth_seq_id 
_pdbx_unobs_or_zero_occ_residues.PDB_ins_code 
_pdbx_unobs_or_zero_occ_residues.label_asym_id 
_pdbx_unobs_or_zero_occ_residues.label_comp_id 
_pdbx_unobs_or_zero_occ_residues.label_seq_id 
1  1 Y 1 A GLY -1 ? A GLY 1 
2  1 Y 1 A ALA 0  ? A ALA 2 
3  1 Y 1 A MET 1  ? A MET 3 
4  1 Y 1 A GLY 2  ? A GLY 4 
5  1 Y 1 A SER 3  ? A SER 5 
6  1 Y 1 B GLY -1 ? B GLY 1 
7  1 Y 1 B ALA 0  ? B ALA 2 
8  1 Y 1 B MET 1  ? B MET 3 
9  1 Y 1 B GLY 2  ? B GLY 4 
10 1 Y 1 B SER 3  ? B SER 5 
# 
loop_
_chem_comp_atom.comp_id 
_chem_comp_atom.atom_id 
_chem_comp_atom.type_symbol 
_chem_comp_atom.pdbx_aromatic_flag 
_chem_comp_atom.pdbx_stereo_config 
_chem_comp_atom.pdbx_ordinal 
ALA N    N N N 1   
ALA CA   C N S 2   
ALA C    C N N 3   
ALA O    O N N 4   
ALA CB   C N N 5   
ALA OXT  O N N 6   
ALA H    H N N 7   
ALA H2   H N N 8   
ALA HA   H N N 9   
ALA HB1  H N N 10  
ALA HB2  H N N 11  
ALA HB3  H N N 12  
ALA HXT  H N N 13  
ARG N    N N N 14  
ARG CA   C N S 15  
ARG C    C N N 16  
ARG O    O N N 17  
ARG CB   C N N 18  
ARG CG   C N N 19  
ARG CD   C N N 20  
ARG NE   N N N 21  
ARG CZ   C N N 22  
ARG NH1  N N N 23  
ARG NH2  N N N 24  
ARG OXT  O N N 25  
ARG H    H N N 26  
ARG H2   H N N 27  
ARG HA   H N N 28  
ARG HB2  H N N 29  
ARG HB3  H N N 30  
ARG HG2  H N N 31  
ARG HG3  H N N 32  
ARG HD2  H N N 33  
ARG HD3  H N N 34  
ARG HE   H N N 35  
ARG HH11 H N N 36  
ARG HH12 H N N 37  
ARG HH21 H N N 38  
ARG HH22 H N N 39  
ARG HXT  H N N 40  
ASN N    N N N 41  
ASN CA   C N S 42  
ASN C    C N N 43  
ASN O    O N N 44  
ASN CB   C N N 45  
ASN CG   C N N 46  
ASN OD1  O N N 47  
ASN ND2  N N N 48  
ASN OXT  O N N 49  
ASN H    H N N 50  
ASN H2   H N N 51  
ASN HA   H N N 52  
ASN HB2  H N N 53  
ASN HB3  H N N 54  
ASN HD21 H N N 55  
ASN HD22 H N N 56  
ASN HXT  H N N 57  
ASP N    N N N 58  
ASP CA   C N S 59  
ASP C    C N N 60  
ASP O    O N N 61  
ASP CB   C N N 62  
ASP CG   C N N 63  
ASP OD1  O N N 64  
ASP OD2  O N N 65  
ASP OXT  O N N 66  
ASP H    H N N 67  
ASP H2   H N N 68  
ASP HA   H N N 69  
ASP HB2  H N N 70  
ASP HB3  H N N 71  
ASP HD2  H N N 72  
ASP HXT  H N N 73  
CYS N    N N N 74  
CYS CA   C N R 75  
CYS C    C N N 76  
CYS O    O N N 77  
CYS CB   C N N 78  
CYS SG   S N N 79  
CYS OXT  O N N 80  
CYS H    H N N 81  
CYS H2   H N N 82  
CYS HA   H N N 83  
CYS HB2  H N N 84  
CYS HB3  H N N 85  
CYS HG   H N N 86  
CYS HXT  H N N 87  
GLN N    N N N 88  
GLN CA   C N S 89  
GLN C    C N N 90  
GLN O    O N N 91  
GLN CB   C N N 92  
GLN CG   C N N 93  
GLN CD   C N N 94  
GLN OE1  O N N 95  
GLN NE2  N N N 96  
GLN OXT  O N N 97  
GLN H    H N N 98  
GLN H2   H N N 99  
GLN HA   H N N 100 
GLN HB2  H N N 101 
GLN HB3  H N N 102 
GLN HG2  H N N 103 
GLN HG3  H N N 104 
GLN HE21 H N N 105 
GLN HE22 H N N 106 
GLN HXT  H N N 107 
GLU N    N N N 108 
GLU CA   C N S 109 
GLU C    C N N 110 
GLU O    O N N 111 
GLU CB   C N N 112 
GLU CG   C N N 113 
GLU CD   C N N 114 
GLU OE1  O N N 115 
GLU OE2  O N N 116 
GLU OXT  O N N 117 
GLU H    H N N 118 
GLU H2   H N N 119 
GLU HA   H N N 120 
GLU HB2  H N N 121 
GLU HB3  H N N 122 
GLU HG2  H N N 123 
GLU HG3  H N N 124 
GLU HE2  H N N 125 
GLU HXT  H N N 126 
GLY N    N N N 127 
GLY CA   C N N 128 
GLY C    C N N 129 
GLY O    O N N 130 
GLY OXT  O N N 131 
GLY H    H N N 132 
GLY H2   H N N 133 
GLY HA2  H N N 134 
GLY HA3  H N N 135 
GLY HXT  H N N 136 
HIS N    N N N 137 
HIS CA   C N S 138 
HIS C    C N N 139 
HIS O    O N N 140 
HIS CB   C N N 141 
HIS CG   C Y N 142 
HIS ND1  N Y N 143 
HIS CD2  C Y N 144 
HIS CE1  C Y N 145 
HIS NE2  N Y N 146 
HIS OXT  O N N 147 
HIS H    H N N 148 
HIS H2   H N N 149 
HIS HA   H N N 150 
HIS HB2  H N N 151 
HIS HB3  H N N 152 
HIS HD1  H N N 153 
HIS HD2  H N N 154 
HIS HE1  H N N 155 
HIS HE2  H N N 156 
HIS HXT  H N N 157 
HOH O    O N N 158 
HOH H1   H N N 159 
HOH H2   H N N 160 
ILE N    N N N 161 
ILE CA   C N S 162 
ILE C    C N N 163 
ILE O    O N N 164 
ILE CB   C N S 165 
ILE CG1  C N N 166 
ILE CG2  C N N 167 
ILE CD1  C N N 168 
ILE OXT  O N N 169 
ILE H    H N N 170 
ILE H2   H N N 171 
ILE HA   H N N 172 
ILE HB   H N N 173 
ILE HG12 H N N 174 
ILE HG13 H N N 175 
ILE HG21 H N N 176 
ILE HG22 H N N 177 
ILE HG23 H N N 178 
ILE HD11 H N N 179 
ILE HD12 H N N 180 
ILE HD13 H N N 181 
ILE HXT  H N N 182 
LEU N    N N N 183 
LEU CA   C N S 184 
LEU C    C N N 185 
LEU O    O N N 186 
LEU CB   C N N 187 
LEU CG   C N N 188 
LEU CD1  C N N 189 
LEU CD2  C N N 190 
LEU OXT  O N N 191 
LEU H    H N N 192 
LEU H2   H N N 193 
LEU HA   H N N 194 
LEU HB2  H N N 195 
LEU HB3  H N N 196 
LEU HG   H N N 197 
LEU HD11 H N N 198 
LEU HD12 H N N 199 
LEU HD13 H N N 200 
LEU HD21 H N N 201 
LEU HD22 H N N 202 
LEU HD23 H N N 203 
LEU HXT  H N N 204 
LYS N    N N N 205 
LYS CA   C N S 206 
LYS C    C N N 207 
LYS O    O N N 208 
LYS CB   C N N 209 
LYS CG   C N N 210 
LYS CD   C N N 211 
LYS CE   C N N 212 
LYS NZ   N N N 213 
LYS OXT  O N N 214 
LYS H    H N N 215 
LYS H2   H N N 216 
LYS HA   H N N 217 
LYS HB2  H N N 218 
LYS HB3  H N N 219 
LYS HG2  H N N 220 
LYS HG3  H N N 221 
LYS HD2  H N N 222 
LYS HD3  H N N 223 
LYS HE2  H N N 224 
LYS HE3  H N N 225 
LYS HZ1  H N N 226 
LYS HZ2  H N N 227 
LYS HZ3  H N N 228 
LYS HXT  H N N 229 
MET N    N N N 230 
MET CA   C N S 231 
MET C    C N N 232 
MET O    O N N 233 
MET CB   C N N 234 
MET CG   C N N 235 
MET SD   S N N 236 
MET CE   C N N 237 
MET OXT  O N N 238 
MET H    H N N 239 
MET H2   H N N 240 
MET HA   H N N 241 
MET HB2  H N N 242 
MET HB3  H N N 243 
MET HG2  H N N 244 
MET HG3  H N N 245 
MET HE1  H N N 246 
MET HE2  H N N 247 
MET HE3  H N N 248 
MET HXT  H N N 249 
PHE N    N N N 250 
PHE CA   C N S 251 
PHE C    C N N 252 
PHE O    O N N 253 
PHE CB   C N N 254 
PHE CG   C Y N 255 
PHE CD1  C Y N 256 
PHE CD2  C Y N 257 
PHE CE1  C Y N 258 
PHE CE2  C Y N 259 
PHE CZ   C Y N 260 
PHE OXT  O N N 261 
PHE H    H N N 262 
PHE H2   H N N 263 
PHE HA   H N N 264 
PHE HB2  H N N 265 
PHE HB3  H N N 266 
PHE HD1  H N N 267 
PHE HD2  H N N 268 
PHE HE1  H N N 269 
PHE HE2  H N N 270 
PHE HZ   H N N 271 
PHE HXT  H N N 272 
PRO N    N N N 273 
PRO CA   C N S 274 
PRO C    C N N 275 
PRO O    O N N 276 
PRO CB   C N N 277 
PRO CG   C N N 278 
PRO CD   C N N 279 
PRO OXT  O N N 280 
PRO H    H N N 281 
PRO HA   H N N 282 
PRO HB2  H N N 283 
PRO HB3  H N N 284 
PRO HG2  H N N 285 
PRO HG3  H N N 286 
PRO HD2  H N N 287 
PRO HD3  H N N 288 
PRO HXT  H N N 289 
SER N    N N N 290 
SER CA   C N S 291 
SER C    C N N 292 
SER O    O N N 293 
SER CB   C N N 294 
SER OG   O N N 295 
SER OXT  O N N 296 
SER H    H N N 297 
SER H2   H N N 298 
SER HA   H N N 299 
SER HB2  H N N 300 
SER HB3  H N N 301 
SER HG   H N N 302 
SER HXT  H N N 303 
THR N    N N N 304 
THR CA   C N S 305 
THR C    C N N 306 
THR O    O N N 307 
THR CB   C N R 308 
THR OG1  O N N 309 
THR CG2  C N N 310 
THR OXT  O N N 311 
THR H    H N N 312 
THR H2   H N N 313 
THR HA   H N N 314 
THR HB   H N N 315 
THR HG1  H N N 316 
THR HG21 H N N 317 
THR HG22 H N N 318 
THR HG23 H N N 319 
THR HXT  H N N 320 
TRP N    N N N 321 
TRP CA   C N S 322 
TRP C    C N N 323 
TRP O    O N N 324 
TRP CB   C N N 325 
TRP CG   C Y N 326 
TRP CD1  C Y N 327 
TRP CD2  C Y N 328 
TRP NE1  N Y N 329 
TRP CE2  C Y N 330 
TRP CE3  C Y N 331 
TRP CZ2  C Y N 332 
TRP CZ3  C Y N 333 
TRP CH2  C Y N 334 
TRP OXT  O N N 335 
TRP H    H N N 336 
TRP H2   H N N 337 
TRP HA   H N N 338 
TRP HB2  H N N 339 
TRP HB3  H N N 340 
TRP HD1  H N N 341 
TRP HE1  H N N 342 
TRP HE3  H N N 343 
TRP HZ2  H N N 344 
TRP HZ3  H N N 345 
TRP HH2  H N N 346 
TRP HXT  H N N 347 
VAL N    N N N 348 
VAL CA   C N S 349 
VAL C    C N N 350 
VAL O    O N N 351 
VAL CB   C N N 352 
VAL CG1  C N N 353 
VAL CG2  C N N 354 
VAL OXT  O N N 355 
VAL H    H N N 356 
VAL H2   H N N 357 
VAL HA   H N N 358 
VAL HB   H N N 359 
VAL HG11 H N N 360 
VAL HG12 H N N 361 
VAL HG13 H N N 362 
VAL HG21 H N N 363 
VAL HG22 H N N 364 
VAL HG23 H N N 365 
VAL HXT  H N N 366 
# 
loop_
_chem_comp_bond.comp_id 
_chem_comp_bond.atom_id_1 
_chem_comp_bond.atom_id_2 
_chem_comp_bond.value_order 
_chem_comp_bond.pdbx_aromatic_flag 
_chem_comp_bond.pdbx_stereo_config 
_chem_comp_bond.pdbx_ordinal 
ALA N   CA   sing N N 1   
ALA N   H    sing N N 2   
ALA N   H2   sing N N 3   
ALA CA  C    sing N N 4   
ALA CA  CB   sing N N 5   
ALA CA  HA   sing N N 6   
ALA C   O    doub N N 7   
ALA C   OXT  sing N N 8   
ALA CB  HB1  sing N N 9   
ALA CB  HB2  sing N N 10  
ALA CB  HB3  sing N N 11  
ALA OXT HXT  sing N N 12  
ARG N   CA   sing N N 13  
ARG N   H    sing N N 14  
ARG N   H2   sing N N 15  
ARG CA  C    sing N N 16  
ARG CA  CB   sing N N 17  
ARG CA  HA   sing N N 18  
ARG C   O    doub N N 19  
ARG C   OXT  sing N N 20  
ARG CB  CG   sing N N 21  
ARG CB  HB2  sing N N 22  
ARG CB  HB3  sing N N 23  
ARG CG  CD   sing N N 24  
ARG CG  HG2  sing N N 25  
ARG CG  HG3  sing N N 26  
ARG CD  NE   sing N N 27  
ARG CD  HD2  sing N N 28  
ARG CD  HD3  sing N N 29  
ARG NE  CZ   sing N N 30  
ARG NE  HE   sing N N 31  
ARG CZ  NH1  sing N N 32  
ARG CZ  NH2  doub N N 33  
ARG NH1 HH11 sing N N 34  
ARG NH1 HH12 sing N N 35  
ARG NH2 HH21 sing N N 36  
ARG NH2 HH22 sing N N 37  
ARG OXT HXT  sing N N 38  
ASN N   CA   sing N N 39  
ASN N   H    sing N N 40  
ASN N   H2   sing N N 41  
ASN CA  C    sing N N 42  
ASN CA  CB   sing N N 43  
ASN CA  HA   sing N N 44  
ASN C   O    doub N N 45  
ASN C   OXT  sing N N 46  
ASN CB  CG   sing N N 47  
ASN CB  HB2  sing N N 48  
ASN CB  HB3  sing N N 49  
ASN CG  OD1  doub N N 50  
ASN CG  ND2  sing N N 51  
ASN ND2 HD21 sing N N 52  
ASN ND2 HD22 sing N N 53  
ASN OXT HXT  sing N N 54  
ASP N   CA   sing N N 55  
ASP N   H    sing N N 56  
ASP N   H2   sing N N 57  
ASP CA  C    sing N N 58  
ASP CA  CB   sing N N 59  
ASP CA  HA   sing N N 60  
ASP C   O    doub N N 61  
ASP C   OXT  sing N N 62  
ASP CB  CG   sing N N 63  
ASP CB  HB2  sing N N 64  
ASP CB  HB3  sing N N 65  
ASP CG  OD1  doub N N 66  
ASP CG  OD2  sing N N 67  
ASP OD2 HD2  sing N N 68  
ASP OXT HXT  sing N N 69  
CYS N   CA   sing N N 70  
CYS N   H    sing N N 71  
CYS N   H2   sing N N 72  
CYS CA  C    sing N N 73  
CYS CA  CB   sing N N 74  
CYS CA  HA   sing N N 75  
CYS C   O    doub N N 76  
CYS C   OXT  sing N N 77  
CYS CB  SG   sing N N 78  
CYS CB  HB2  sing N N 79  
CYS CB  HB3  sing N N 80  
CYS SG  HG   sing N N 81  
CYS OXT HXT  sing N N 82  
GLN N   CA   sing N N 83  
GLN N   H    sing N N 84  
GLN N   H2   sing N N 85  
GLN CA  C    sing N N 86  
GLN CA  CB   sing N N 87  
GLN CA  HA   sing N N 88  
GLN C   O    doub N N 89  
GLN C   OXT  sing N N 90  
GLN CB  CG   sing N N 91  
GLN CB  HB2  sing N N 92  
GLN CB  HB3  sing N N 93  
GLN CG  CD   sing N N 94  
GLN CG  HG2  sing N N 95  
GLN CG  HG3  sing N N 96  
GLN CD  OE1  doub N N 97  
GLN CD  NE2  sing N N 98  
GLN NE2 HE21 sing N N 99  
GLN NE2 HE22 sing N N 100 
GLN OXT HXT  sing N N 101 
GLU N   CA   sing N N 102 
GLU N   H    sing N N 103 
GLU N   H2   sing N N 104 
GLU CA  C    sing N N 105 
GLU CA  CB   sing N N 106 
GLU CA  HA   sing N N 107 
GLU C   O    doub N N 108 
GLU C   OXT  sing N N 109 
GLU CB  CG   sing N N 110 
GLU CB  HB2  sing N N 111 
GLU CB  HB3  sing N N 112 
GLU CG  CD   sing N N 113 
GLU CG  HG2  sing N N 114 
GLU CG  HG3  sing N N 115 
GLU CD  OE1  doub N N 116 
GLU CD  OE2  sing N N 117 
GLU OE2 HE2  sing N N 118 
GLU OXT HXT  sing N N 119 
GLY N   CA   sing N N 120 
GLY N   H    sing N N 121 
GLY N   H2   sing N N 122 
GLY CA  C    sing N N 123 
GLY CA  HA2  sing N N 124 
GLY CA  HA3  sing N N 125 
GLY C   O    doub N N 126 
GLY C   OXT  sing N N 127 
GLY OXT HXT  sing N N 128 
HIS N   CA   sing N N 129 
HIS N   H    sing N N 130 
HIS N   H2   sing N N 131 
HIS CA  C    sing N N 132 
HIS CA  CB   sing N N 133 
HIS CA  HA   sing N N 134 
HIS C   O    doub N N 135 
HIS C   OXT  sing N N 136 
HIS CB  CG   sing N N 137 
HIS CB  HB2  sing N N 138 
HIS CB  HB3  sing N N 139 
HIS CG  ND1  sing Y N 140 
HIS CG  CD2  doub Y N 141 
HIS ND1 CE1  doub Y N 142 
HIS ND1 HD1  sing N N 143 
HIS CD2 NE2  sing Y N 144 
HIS CD2 HD2  sing N N 145 
HIS CE1 NE2  sing Y N 146 
HIS CE1 HE1  sing N N 147 
HIS NE2 HE2  sing N N 148 
HIS OXT HXT  sing N N 149 
HOH O   H1   sing N N 150 
HOH O   H2   sing N N 151 
ILE N   CA   sing N N 152 
ILE N   H    sing N N 153 
ILE N   H2   sing N N 154 
ILE CA  C    sing N N 155 
ILE CA  CB   sing N N 156 
ILE CA  HA   sing N N 157 
ILE C   O    doub N N 158 
ILE C   OXT  sing N N 159 
ILE CB  CG1  sing N N 160 
ILE CB  CG2  sing N N 161 
ILE CB  HB   sing N N 162 
ILE CG1 CD1  sing N N 163 
ILE CG1 HG12 sing N N 164 
ILE CG1 HG13 sing N N 165 
ILE CG2 HG21 sing N N 166 
ILE CG2 HG22 sing N N 167 
ILE CG2 HG23 sing N N 168 
ILE CD1 HD11 sing N N 169 
ILE CD1 HD12 sing N N 170 
ILE CD1 HD13 sing N N 171 
ILE OXT HXT  sing N N 172 
LEU N   CA   sing N N 173 
LEU N   H    sing N N 174 
LEU N   H2   sing N N 175 
LEU CA  C    sing N N 176 
LEU CA  CB   sing N N 177 
LEU CA  HA   sing N N 178 
LEU C   O    doub N N 179 
LEU C   OXT  sing N N 180 
LEU CB  CG   sing N N 181 
LEU CB  HB2  sing N N 182 
LEU CB  HB3  sing N N 183 
LEU CG  CD1  sing N N 184 
LEU CG  CD2  sing N N 185 
LEU CG  HG   sing N N 186 
LEU CD1 HD11 sing N N 187 
LEU CD1 HD12 sing N N 188 
LEU CD1 HD13 sing N N 189 
LEU CD2 HD21 sing N N 190 
LEU CD2 HD22 sing N N 191 
LEU CD2 HD23 sing N N 192 
LEU OXT HXT  sing N N 193 
LYS N   CA   sing N N 194 
LYS N   H    sing N N 195 
LYS N   H2   sing N N 196 
LYS CA  C    sing N N 197 
LYS CA  CB   sing N N 198 
LYS CA  HA   sing N N 199 
LYS C   O    doub N N 200 
LYS C   OXT  sing N N 201 
LYS CB  CG   sing N N 202 
LYS CB  HB2  sing N N 203 
LYS CB  HB3  sing N N 204 
LYS CG  CD   sing N N 205 
LYS CG  HG2  sing N N 206 
LYS CG  HG3  sing N N 207 
LYS CD  CE   sing N N 208 
LYS CD  HD2  sing N N 209 
LYS CD  HD3  sing N N 210 
LYS CE  NZ   sing N N 211 
LYS CE  HE2  sing N N 212 
LYS CE  HE3  sing N N 213 
LYS NZ  HZ1  sing N N 214 
LYS NZ  HZ2  sing N N 215 
LYS NZ  HZ3  sing N N 216 
LYS OXT HXT  sing N N 217 
MET N   CA   sing N N 218 
MET N   H    sing N N 219 
MET N   H2   sing N N 220 
MET CA  C    sing N N 221 
MET CA  CB   sing N N 222 
MET CA  HA   sing N N 223 
MET C   O    doub N N 224 
MET C   OXT  sing N N 225 
MET CB  CG   sing N N 226 
MET CB  HB2  sing N N 227 
MET CB  HB3  sing N N 228 
MET CG  SD   sing N N 229 
MET CG  HG2  sing N N 230 
MET CG  HG3  sing N N 231 
MET SD  CE   sing N N 232 
MET CE  HE1  sing N N 233 
MET CE  HE2  sing N N 234 
MET CE  HE3  sing N N 235 
MET OXT HXT  sing N N 236 
PHE N   CA   sing N N 237 
PHE N   H    sing N N 238 
PHE N   H2   sing N N 239 
PHE CA  C    sing N N 240 
PHE CA  CB   sing N N 241 
PHE CA  HA   sing N N 242 
PHE C   O    doub N N 243 
PHE C   OXT  sing N N 244 
PHE CB  CG   sing N N 245 
PHE CB  HB2  sing N N 246 
PHE CB  HB3  sing N N 247 
PHE CG  CD1  doub Y N 248 
PHE CG  CD2  sing Y N 249 
PHE CD1 CE1  sing Y N 250 
PHE CD1 HD1  sing N N 251 
PHE CD2 CE2  doub Y N 252 
PHE CD2 HD2  sing N N 253 
PHE CE1 CZ   doub Y N 254 
PHE CE1 HE1  sing N N 255 
PHE CE2 CZ   sing Y N 256 
PHE CE2 HE2  sing N N 257 
PHE CZ  HZ   sing N N 258 
PHE OXT HXT  sing N N 259 
PRO N   CA   sing N N 260 
PRO N   CD   sing N N 261 
PRO N   H    sing N N 262 
PRO CA  C    sing N N 263 
PRO CA  CB   sing N N 264 
PRO CA  HA   sing N N 265 
PRO C   O    doub N N 266 
PRO C   OXT  sing N N 267 
PRO CB  CG   sing N N 268 
PRO CB  HB2  sing N N 269 
PRO CB  HB3  sing N N 270 
PRO CG  CD   sing N N 271 
PRO CG  HG2  sing N N 272 
PRO CG  HG3  sing N N 273 
PRO CD  HD2  sing N N 274 
PRO CD  HD3  sing N N 275 
PRO OXT HXT  sing N N 276 
SER N   CA   sing N N 277 
SER N   H    sing N N 278 
SER N   H2   sing N N 279 
SER CA  C    sing N N 280 
SER CA  CB   sing N N 281 
SER CA  HA   sing N N 282 
SER C   O    doub N N 283 
SER C   OXT  sing N N 284 
SER CB  OG   sing N N 285 
SER CB  HB2  sing N N 286 
SER CB  HB3  sing N N 287 
SER OG  HG   sing N N 288 
SER OXT HXT  sing N N 289 
THR N   CA   sing N N 290 
THR N   H    sing N N 291 
THR N   H2   sing N N 292 
THR CA  C    sing N N 293 
THR CA  CB   sing N N 294 
THR CA  HA   sing N N 295 
THR C   O    doub N N 296 
THR C   OXT  sing N N 297 
THR CB  OG1  sing N N 298 
THR CB  CG2  sing N N 299 
THR CB  HB   sing N N 300 
THR OG1 HG1  sing N N 301 
THR CG2 HG21 sing N N 302 
THR CG2 HG22 sing N N 303 
THR CG2 HG23 sing N N 304 
THR OXT HXT  sing N N 305 
TRP N   CA   sing N N 306 
TRP N   H    sing N N 307 
TRP N   H2   sing N N 308 
TRP CA  C    sing N N 309 
TRP CA  CB   sing N N 310 
TRP CA  HA   sing N N 311 
TRP C   O    doub N N 312 
TRP C   OXT  sing N N 313 
TRP CB  CG   sing N N 314 
TRP CB  HB2  sing N N 315 
TRP CB  HB3  sing N N 316 
TRP CG  CD1  doub Y N 317 
TRP CG  CD2  sing Y N 318 
TRP CD1 NE1  sing Y N 319 
TRP CD1 HD1  sing N N 320 
TRP CD2 CE2  doub Y N 321 
TRP CD2 CE3  sing Y N 322 
TRP NE1 CE2  sing Y N 323 
TRP NE1 HE1  sing N N 324 
TRP CE2 CZ2  sing Y N 325 
TRP CE3 CZ3  doub Y N 326 
TRP CE3 HE3  sing N N 327 
TRP CZ2 CH2  doub Y N 328 
TRP CZ2 HZ2  sing N N 329 
TRP CZ3 CH2  sing Y N 330 
TRP CZ3 HZ3  sing N N 331 
TRP CH2 HH2  sing N N 332 
TRP OXT HXT  sing N N 333 
VAL N   CA   sing N N 334 
VAL N   H    sing N N 335 
VAL N   H2   sing N N 336 
VAL CA  C    sing N N 337 
VAL CA  CB   sing N N 338 
VAL CA  HA   sing N N 339 
VAL C   O    doub N N 340 
VAL C   OXT  sing N N 341 
VAL CB  CG1  sing N N 342 
VAL CB  CG2  sing N N 343 
VAL CB  HB   sing N N 344 
VAL CG1 HG11 sing N N 345 
VAL CG1 HG12 sing N N 346 
VAL CG1 HG13 sing N N 347 
VAL CG2 HG21 sing N N 348 
VAL CG2 HG22 sing N N 349 
VAL CG2 HG23 sing N N 350 
VAL OXT HXT  sing N N 351 
# 
_atom_sites.entry_id                    4L1C 
_atom_sites.fract_transf_matrix[1][1]   -0.01717912 
_atom_sites.fract_transf_matrix[1][2]   0.00685531 
_atom_sites.fract_transf_matrix[1][3]   0.00428821 
_atom_sites.fract_transf_matrix[2][1]   -0.00740861 
_atom_sites.fract_transf_matrix[2][2]   -0.00996901 
_atom_sites.fract_transf_matrix[2][3]   -0.01374299 
_atom_sites.fract_transf_matrix[3][1]   -0.00226153 
_atom_sites.fract_transf_matrix[3][2]   -0.01177111 
_atom_sites.fract_transf_matrix[3][3]   0.00975778 
_atom_sites.fract_transf_vector[1]      -0.131353 
_atom_sites.fract_transf_vector[2]      0.244796 
_atom_sites.fract_transf_vector[3]      -0.216833 
# 
loop_
_atom_type.symbol 
C 
N 
O 
S 
# 
loop_
_atom_site.group_PDB 
_atom_site.id 
_atom_site.type_symbol 
_atom_site.label_atom_id 
_atom_site.label_alt_id 
_atom_site.label_comp_id 
_atom_site.label_asym_id 
_atom_site.label_entity_id 
_atom_site.label_seq_id 
_atom_site.pdbx_PDB_ins_code 
_atom_site.Cartn_x 
_atom_site.Cartn_y 
_atom_site.Cartn_z 
_atom_site.occupancy 
_atom_site.B_iso_or_equiv 
_atom_site.pdbx_formal_charge 
_atom_site.auth_seq_id 
_atom_site.auth_comp_id 
_atom_site.auth_asym_id 
_atom_site.auth_atom_id 
_atom_site.pdbx_PDB_model_num 
ATOM   1    N N   . THR A 1 6   ? 13.739  16.651  -12.596 1.00 91.69  ? 4   THR A N   1 
ATOM   2    C CA  . THR A 1 6   ? 12.925  16.532  -13.784 1.00 88.02  ? 4   THR A CA  1 
ATOM   3    C C   . THR A 1 6   ? 12.472  15.099  -13.889 1.00 88.19  ? 4   THR A C   1 
ATOM   4    O O   . THR A 1 6   ? 11.372  14.841  -14.310 1.00 90.65  ? 4   THR A O   1 
ATOM   5    C CB  . THR A 1 6   ? 13.682  16.918  -15.051 1.00 92.90  ? 4   THR A CB  1 
ATOM   6    O OG1 . THR A 1 6   ? 14.821  16.090  -15.201 1.00 89.67  ? 4   THR A OG1 1 
ATOM   7    C CG2 . THR A 1 6   ? 14.151  18.349  -14.985 1.00 89.57  ? 4   THR A CG2 1 
ATOM   8    N N   . PRO A 1 7   ? 13.298  14.171  -13.434 1.00 77.97  ? 5   PRO A N   1 
ATOM   9    C CA  . PRO A 1 7   ? 13.059  12.732  -13.611 1.00 80.68  ? 5   PRO A CA  1 
ATOM   10   C C   . PRO A 1 7   ? 11.856  12.238  -12.816 1.00 82.74  ? 5   PRO A C   1 
ATOM   11   O O   . PRO A 1 7   ? 11.146  11.332  -13.259 1.00 83.59  ? 5   PRO A O   1 
ATOM   12   C CB  . PRO A 1 7   ? 14.338  12.086  -13.054 1.00 76.13  ? 5   PRO A CB  1 
ATOM   13   C CG  . PRO A 1 7   ? 15.345  13.177  -13.003 1.00 87.17  ? 5   PRO A CG  1 
ATOM   14   C CD  . PRO A 1 7   ? 14.578  14.419  -12.747 1.00 88.55  ? 5   PRO A CD  1 
ATOM   15   N N   . ILE A 1 8   ? 11.625  12.830  -11.651 1.00 81.70  ? 6   ILE A N   1 
ATOM   16   C CA  . ILE A 1 8   ? 10.498  12.506  -10.794 1.00 74.13  ? 6   ILE A CA  1 
ATOM   17   C C   . ILE A 1 8   ? 9.805   13.729  -10.249 1.00 75.00  ? 6   ILE A C   1 
ATOM   18   O O   . ILE A 1 8   ? 10.370  14.774  -10.170 1.00 74.04  ? 6   ILE A O   1 
ATOM   19   C CB  . ILE A 1 8   ? 10.870  11.615  -9.648  1.00 74.43  ? 6   ILE A CB  1 
ATOM   20   C CG1 . ILE A 1 8   ? 11.909  12.286  -8.770  1.00 74.26  ? 6   ILE A CG1 1 
ATOM   21   C CG2 . ILE A 1 8   ? 11.364  10.328  -10.139 1.00 73.52  ? 6   ILE A CG2 1 
ATOM   22   C CD1 . ILE A 1 8   ? 12.064  11.635  -7.502  1.00 73.01  ? 6   ILE A CD1 1 
ATOM   23   N N   . GLU A 1 9   ? 8.557   13.604  -9.898  1.00 74.87  ? 7   GLU A N   1 
ATOM   24   C CA  . GLU A 1 9   ? 7.924   14.631  -9.145  1.00 70.37  ? 7   GLU A CA  1 
ATOM   25   C C   . GLU A 1 9   ? 7.247   13.953  -8.041  1.00 73.96  ? 7   GLU A C   1 
ATOM   26   O O   . GLU A 1 9   ? 6.699   12.904  -8.220  1.00 75.90  ? 7   GLU A O   1 
ATOM   27   C CB  . GLU A 1 9   ? 6.865   15.334  -9.940  1.00 88.13  ? 7   GLU A CB  1 
ATOM   28   C CG  . GLU A 1 9   ? 7.307   16.520  -10.691 1.00 92.58  ? 7   GLU A CG  1 
ATOM   29   C CD  . GLU A 1 9   ? 6.313   16.868  -11.745 1.00 101.99 ? 7   GLU A CD  1 
ATOM   30   O OE1 . GLU A 1 9   ? 5.461   16.017  -12.025 1.00 103.86 ? 7   GLU A OE1 1 
ATOM   31   O OE2 . GLU A 1 9   ? 6.357   17.979  -12.289 1.00 105.98 ? 7   GLU A OE2 1 
ATOM   32   N N   . LEU A 1 10  ? 7.294   14.574  -6.884  1.00 72.65  ? 8   LEU A N   1 
ATOM   33   C CA  . LEU A 1 10  ? 6.639   14.077  -5.689  1.00 55.78  ? 8   LEU A CA  1 
ATOM   34   C C   . LEU A 1 10  ? 5.401   14.915  -5.428  1.00 65.75  ? 8   LEU A C   1 
ATOM   35   O O   . LEU A 1 10  ? 5.466   16.145  -5.425  1.00 70.57  ? 8   LEU A O   1 
ATOM   36   C CB  . LEU A 1 10  ? 7.576   14.162  -4.487  1.00 71.29  ? 8   LEU A CB  1 
ATOM   37   C CG  . LEU A 1 10  ? 7.028   13.744  -3.121  1.00 69.31  ? 8   LEU A CG  1 
ATOM   38   C CD1 . LEU A 1 10  ? 6.647   12.268  -3.139  1.00 67.50  ? 8   LEU A CD1 1 
ATOM   39   C CD2 . LEU A 1 10  ? 8.011   14.036  -1.999  1.00 72.71  ? 8   LEU A CD2 1 
ATOM   40   N N   . LYS A 1 11  ? 4.283   14.245  -5.184  1.00 61.48  ? 9   LYS A N   1 
ATOM   41   C CA  . LYS A 1 11  ? 3.022   14.888  -4.872  1.00 67.31  ? 9   LYS A CA  1 
ATOM   42   C C   . LYS A 1 11  ? 2.272   14.221  -3.758  1.00 64.81  ? 9   LYS A C   1 
ATOM   43   O O   . LYS A 1 11  ? 2.604   13.156  -3.359  1.00 59.33  ? 9   LYS A O   1 
ATOM   44   C CB  . LYS A 1 11  ? 2.126   14.960  -6.098  1.00 68.40  ? 9   LYS A CB  1 
ATOM   45   C CG  . LYS A 1 11  ? 2.627   15.830  -7.187  1.00 76.27  ? 9   LYS A CG  1 
ATOM   46   C CD  . LYS A 1 11  ? 1.486   16.330  -8.021  1.00 86.63  ? 9   LYS A CD  1 
ATOM   47   C CE  . LYS A 1 11  ? 1.944   17.077  -9.239  1.00 91.63  ? 9   LYS A CE  1 
ATOM   48   N NZ  . LYS A 1 11  ? 3.015   18.060  -8.972  1.00 98.79  ? 9   LYS A NZ  1 
ATOM   49   N N   . GLY A 1 12  ? 1.271   14.891  -3.231  1.00 69.53  ? 10  GLY A N   1 
ATOM   50   C CA  . GLY A 1 12  ? 0.427   14.311  -2.207  1.00 65.19  ? 10  GLY A CA  1 
ATOM   51   C C   . GLY A 1 12  ? -0.997  14.306  -2.715  1.00 59.10  ? 10  GLY A C   1 
ATOM   52   O O   . GLY A 1 12  ? -1.537  15.353  -3.064  1.00 69.40  ? 10  GLY A O   1 
ATOM   53   N N   . SER A 1 13  ? -1.603  13.124  -2.775  1.00 69.53  ? 11  SER A N   1 
ATOM   54   C CA  . SER A 1 13  ? -2.932  12.993  -3.357  1.00 61.31  ? 11  SER A CA  1 
ATOM   55   C C   . SER A 1 13  ? -3.804  12.010  -2.596  1.00 67.35  ? 11  SER A C   1 
ATOM   56   O O   . SER A 1 13  ? -3.314  11.055  -1.991  1.00 69.74  ? 11  SER A O   1 
ATOM   57   C CB  . SER A 1 13  ? -2.834  12.569  -4.824  1.00 68.09  ? 11  SER A CB  1 
ATOM   58   O OG  . SER A 1 13  ? -2.038  13.478  -5.562  1.00 75.78  ? 11  SER A OG  1 
ATOM   59   N N   . SER A 1 14  ? -5.107  12.247  -2.650  1.00 64.06  ? 12  SER A N   1 
ATOM   60   C CA  . SER A 1 14  ? -6.069  11.426  -1.937  1.00 65.46  ? 12  SER A CA  1 
ATOM   61   C C   . SER A 1 14  ? -6.472  10.184  -2.718  1.00 66.30  ? 12  SER A C   1 
ATOM   62   O O   . SER A 1 14  ? -6.700  10.234  -3.927  1.00 61.39  ? 12  SER A O   1 
ATOM   63   C CB  . SER A 1 14  ? -7.306  12.250  -1.582  1.00 63.81  ? 12  SER A CB  1 
ATOM   64   O OG  . SER A 1 14  ? -6.961  13.309  -0.706  1.00 75.19  ? 12  SER A OG  1 
ATOM   65   N N   . PHE A 1 15  ? -6.546  9.065   -2.010  1.00 66.89  ? 13  PHE A N   1 
ATOM   66   C CA  . PHE A 1 15  ? -7.053  7.825   -2.570  1.00 61.40  ? 13  PHE A CA  1 
ATOM   67   C C   . PHE A 1 15  ? -8.046  7.232   -1.592  1.00 65.40  ? 13  PHE A C   1 
ATOM   68   O O   . PHE A 1 15  ? -7.802  7.211   -0.387  1.00 73.58  ? 13  PHE A O   1 
ATOM   69   C CB  . PHE A 1 15  ? -5.921  6.828   -2.787  1.00 53.14  ? 13  PHE A CB  1 
ATOM   70   C CG  . PHE A 1 15  ? -4.886  7.289   -3.761  1.00 71.86  ? 13  PHE A CG  1 
ATOM   71   C CD1 . PHE A 1 15  ? -4.995  6.975   -5.106  1.00 68.49  ? 13  PHE A CD1 1 
ATOM   72   C CD2 . PHE A 1 15  ? -3.797  8.033   -3.335  1.00 60.44  ? 13  PHE A CD2 1 
ATOM   73   C CE1 . PHE A 1 15  ? -4.038  7.398   -6.007  1.00 80.05  ? 13  PHE A CE1 1 
ATOM   74   C CE2 . PHE A 1 15  ? -2.838  8.462   -4.232  1.00 62.72  ? 13  PHE A CE2 1 
ATOM   75   C CZ  . PHE A 1 15  ? -2.957  8.144   -5.571  1.00 67.84  ? 13  PHE A CZ  1 
ATOM   76   N N   . THR A 1 16  ? -9.171  6.760   -2.109  1.00 67.22  ? 14  THR A N   1 
ATOM   77   C CA  . THR A 1 16  ? -10.114 6.018   -1.291  1.00 64.62  ? 14  THR A CA  1 
ATOM   78   C C   . THR A 1 16  ? -9.687  4.558   -1.292  1.00 67.97  ? 14  THR A C   1 
ATOM   79   O O   . THR A 1 16  ? -9.527  3.948   -2.349  1.00 68.69  ? 14  THR A O   1 
ATOM   80   C CB  . THR A 1 16  ? -11.557 6.151   -1.817  1.00 71.01  ? 14  THR A CB  1 
ATOM   81   O OG1 . THR A 1 16  ? -11.974 7.517   -1.728  1.00 75.36  ? 14  THR A OG1 1 
ATOM   82   C CG2 . THR A 1 16  ? -12.504 5.294   -0.994  1.00 66.02  ? 14  THR A CG2 1 
ATOM   83   N N   . LEU A 1 17  ? -9.476  4.004   -0.105  1.00 66.99  ? 15  LEU A N   1 
ATOM   84   C CA  . LEU A 1 17  ? -9.066  2.612   0.010   1.00 60.10  ? 15  LEU A CA  1 
ATOM   85   C C   . LEU A 1 17  ? -10.020 1.894   0.944   1.00 53.43  ? 15  LEU A C   1 
ATOM   86   O O   . LEU A 1 17  ? -10.634 2.514   1.812   1.00 64.19  ? 15  LEU A O   1 
ATOM   87   C CB  . LEU A 1 17  ? -7.632  2.517   0.547   1.00 58.45  ? 15  LEU A CB  1 
ATOM   88   C CG  . LEU A 1 17  ? -6.511  3.209   -0.234  1.00 59.07  ? 15  LEU A CG  1 
ATOM   89   C CD1 . LEU A 1 17  ? -5.226  3.224   0.588   1.00 63.95  ? 15  LEU A CD1 1 
ATOM   90   C CD2 . LEU A 1 17  ? -6.267  2.541   -1.579  1.00 57.98  ? 15  LEU A CD2 1 
ATOM   91   N N   . SER A 1 18  ? -10.144 0.586   0.776   1.00 51.35  ? 16  SER A N   1 
ATOM   92   C CA  . SER A 1 18  ? -10.990 -0.188  1.671   1.00 67.61  ? 16  SER A CA  1 
ATOM   93   C C   . SER A 1 18  ? -10.238 -0.404  2.969   1.00 60.17  ? 16  SER A C   1 
ATOM   94   O O   . SER A 1 18  ? -9.064  -0.771  2.960   1.00 57.06  ? 16  SER A O   1 
ATOM   95   C CB  . SER A 1 18  ? -11.374 -1.526  1.041   1.00 54.93  ? 16  SER A CB  1 
ATOM   96   O OG  . SER A 1 18  ? -12.046 -1.323  -0.187  1.00 70.25  ? 16  SER A OG  1 
ATOM   97   N N   . VAL A 1 19  ? -10.915 -0.161  4.084   1.00 59.71  ? 17  VAL A N   1 
ATOM   98   C CA  . VAL A 1 19  ? -10.294 -0.286  5.389   1.00 62.73  ? 17  VAL A CA  1 
ATOM   99   C C   . VAL A 1 19  ? -10.954 -1.378  6.216   1.00 61.94  ? 17  VAL A C   1 
ATOM   100  O O   . VAL A 1 19  ? -12.172 -1.389  6.395   1.00 62.44  ? 17  VAL A O   1 
ATOM   101  C CB  . VAL A 1 19  ? -10.374 1.030   6.176   1.00 61.84  ? 17  VAL A CB  1 
ATOM   102  C CG1 . VAL A 1 19  ? -9.698  0.873   7.525   1.00 62.07  ? 17  VAL A CG1 1 
ATOM   103  C CG2 . VAL A 1 19  ? -9.739  2.158   5.385   1.00 56.12  ? 17  VAL A CG2 1 
ATOM   104  N N   . VAL A 1 20  ? -10.138 -2.300  6.711   1.00 61.71  ? 18  VAL A N   1 
ATOM   105  C CA  . VAL A 1 20  ? -10.591 -3.282  7.680   1.00 53.84  ? 18  VAL A CA  1 
ATOM   106  C C   . VAL A 1 20  ? -10.337 -2.739  9.081   1.00 61.77  ? 18  VAL A C   1 
ATOM   107  O O   . VAL A 1 20  ? -9.189  -2.612  9.516   1.00 59.43  ? 18  VAL A O   1 
ATOM   108  C CB  . VAL A 1 20  ? -9.875  -4.637  7.494   1.00 55.41  ? 18  VAL A CB  1 
ATOM   109  C CG1 . VAL A 1 20  ? -10.183 -5.564  8.654   1.00 56.79  ? 18  VAL A CG1 1 
ATOM   110  C CG2 . VAL A 1 20  ? -10.289 -5.285  6.171   1.00 54.13  ? 18  VAL A CG2 1 
ATOM   111  N N   . HIS A 1 21  ? -11.413 -2.392  9.779   1.00 61.26  ? 19  HIS A N   1 
ATOM   112  C CA  . HIS A 1 21  ? -11.301 -1.937  11.158  1.00 62.63  ? 19  HIS A CA  1 
ATOM   113  C C   . HIS A 1 21  ? -11.334 -3.131  12.087  1.00 57.01  ? 19  HIS A C   1 
ATOM   114  O O   . HIS A 1 21  ? -12.363 -3.788  12.223  1.00 64.20  ? 19  HIS A O   1 
ATOM   115  C CB  . HIS A 1 21  ? -12.437 -0.978  11.506  1.00 65.26  ? 19  HIS A CB  1 
ATOM   116  C CG  . HIS A 1 21  ? -12.328 0.346   10.821  1.00 60.14  ? 19  HIS A CG  1 
ATOM   117  N ND1 . HIS A 1 21  ? -11.848 1.474   11.458  1.00 65.16  ? 19  HIS A ND1 1 
ATOM   118  C CD2 . HIS A 1 21  ? -12.617 0.723   9.557   1.00 57.32  ? 19  HIS A CD2 1 
ATOM   119  C CE1 . HIS A 1 21  ? -11.857 2.486   10.614  1.00 62.88  ? 19  HIS A CE1 1 
ATOM   120  N NE2 . HIS A 1 21  ? -12.318 2.060   9.451   1.00 68.90  ? 19  HIS A NE2 1 
ATOM   121  N N   . LEU A 1 22  ? -10.203 -3.412  12.725  1.00 60.97  ? 20  LEU A N   1 
ATOM   122  C CA  . LEU A 1 22  ? -10.102 -4.577  13.593  1.00 59.53  ? 20  LEU A CA  1 
ATOM   123  C C   . LEU A 1 22  ? -10.660 -4.316  14.993  1.00 72.10  ? 20  LEU A C   1 
ATOM   124  O O   . LEU A 1 22  ? -10.329 -3.316  15.635  1.00 62.24  ? 20  LEU A O   1 
ATOM   125  C CB  . LEU A 1 22  ? -8.653  -5.053  13.681  1.00 62.53  ? 20  LEU A CB  1 
ATOM   126  C CG  . LEU A 1 22  ? -7.991  -5.486  12.370  1.00 59.03  ? 20  LEU A CG  1 
ATOM   127  C CD1 . LEU A 1 22  ? -6.531  -5.860  12.595  1.00 54.82  ? 20  LEU A CD1 1 
ATOM   128  C CD2 . LEU A 1 22  ? -8.743  -6.644  11.764  1.00 60.57  ? 20  LEU A CD2 1 
ATOM   129  N N   . HIS A 1 23  ? -11.469 -5.240  15.474  1.00 68.42  ? 21  HIS A N   1 
ATOM   130  C CA  . HIS A 1 23  ? -12.086 -5.079  16.748  1.00 73.33  ? 21  HIS A CA  1 
ATOM   131  C C   . HIS A 1 23  ? -11.857 -6.210  17.683  1.00 82.75  ? 21  HIS A C   1 
ATOM   132  O O   . HIS A 1 23  ? -11.937 -6.032  18.893  1.00 105.82 ? 21  HIS A O   1 
ATOM   133  C CB  . HIS A 1 23  ? -13.557 -4.844  16.570  1.00 75.38  ? 21  HIS A CB  1 
ATOM   134  C CG  . HIS A 1 23  ? -13.892 -3.439  16.185  1.00 79.84  ? 21  HIS A CG  1 
ATOM   135  N ND1 . HIS A 1 23  ? -14.129 -3.083  14.935  1.00 81.15  ? 21  HIS A ND1 1 
ATOM   136  C CD2 . HIS A 1 23  ? -14.020 -2.299  16.942  1.00 85.56  ? 21  HIS A CD2 1 
ATOM   137  C CE1 . HIS A 1 23  ? -14.407 -1.785  14.884  1.00 81.62  ? 21  HIS A CE1 1 
ATOM   138  N NE2 . HIS A 1 23  ? -14.334 -1.304  16.112  1.00 80.61  ? 21  HIS A NE2 1 
ATOM   139  N N   . GLU A 1 24  ? -11.575 -7.388  17.173  1.00 80.03  ? 22  GLU A N   1 
ATOM   140  C CA  . GLU A 1 24  ? -11.174 -8.466  18.043  1.00 100.22 ? 22  GLU A CA  1 
ATOM   141  C C   . GLU A 1 24  ? -9.781  -8.785  17.633  1.00 95.75  ? 22  GLU A C   1 
ATOM   142  O O   . GLU A 1 24  ? -9.330  -8.355  16.606  1.00 91.57  ? 22  GLU A O   1 
ATOM   143  C CB  . GLU A 1 24  ? -12.049 -9.681  17.886  1.00 99.96  ? 22  GLU A CB  1 
ATOM   144  C CG  . GLU A 1 24  ? -11.692 -10.801 18.840  1.00 104.20 ? 22  GLU A CG  1 
ATOM   145  C CD  . GLU A 1 24  ? -12.618 -12.000 18.699  1.00 115.36 ? 22  GLU A CD  1 
ATOM   146  O OE1 . GLU A 1 24  ? -13.520 -11.979 17.829  1.00 116.95 ? 22  GLU A OE1 1 
ATOM   147  O OE2 . GLU A 1 24  ? -12.457 -12.969 19.464  1.00 126.37 ? 22  GLU A OE2 1 
ATOM   148  N N   . ALA A 1 25  ? -9.058  -9.521  18.430  1.00 77.17  ? 23  ALA A N   1 
ATOM   149  C CA  . ALA A 1 25  ? -7.677  -9.659  18.084  1.00 86.23  ? 23  ALA A CA  1 
ATOM   150  C C   . ALA A 1 25  ? -7.268  -11.030 17.671  1.00 91.15  ? 23  ALA A C   1 
ATOM   151  O O   . ALA A 1 25  ? -6.099  -11.250 17.464  1.00 74.28  ? 23  ALA A O   1 
ATOM   152  C CB  . ALA A 1 25  ? -6.803  -9.197  19.232  1.00 89.68  ? 23  ALA A CB  1 
ATOM   153  N N   . GLU A 1 26  ? -8.150  -12.001 17.551  1.00 90.74  ? 24  GLU A N   1 
ATOM   154  C CA  . GLU A 1 26  ? -7.406  -13.226 17.335  1.00 82.33  ? 24  GLU A CA  1 
ATOM   155  C C   . GLU A 1 26  ? -7.494  -13.463 15.828  1.00 78.42  ? 24  GLU A C   1 
ATOM   156  O O   . GLU A 1 26  ? -8.586  -13.402 15.267  1.00 73.41  ? 24  GLU A O   1 
ATOM   157  C CB  . GLU A 1 26  ? -8.044  -14.380 18.105  1.00 86.26  ? 24  GLU A CB  1 
ATOM   158  C CG  . GLU A 1 26  ? -7.438  -15.746 17.808  1.00 88.06  ? 24  GLU A CG  1 
ATOM   159  C CD  . GLU A 1 26  ? -6.026  -15.906 18.354  1.00 113.34 ? 24  GLU A CD  1 
ATOM   160  O OE1 . GLU A 1 26  ? -5.613  -15.089 19.208  1.00 108.30 ? 24  GLU A OE1 1 
ATOM   161  O OE2 . GLU A 1 26  ? -5.331  -16.854 17.929  1.00 116.57 ? 24  GLU A OE2 1 
ATOM   162  N N   . PRO A 1 27  ? -6.345  -13.694 15.166  1.00 74.45  ? 25  PRO A N   1 
ATOM   163  C CA  . PRO A 1 27  ? -6.274  -13.846 13.705  1.00 70.17  ? 25  PRO A CA  1 
ATOM   164  C C   . PRO A 1 27  ? -7.363  -14.748 13.126  1.00 73.69  ? 25  PRO A C   1 
ATOM   165  O O   . PRO A 1 27  ? -7.991  -14.385 12.131  1.00 64.55  ? 25  PRO A O   1 
ATOM   166  C CB  . PRO A 1 27  ? -4.899  -14.474 13.496  1.00 63.84  ? 25  PRO A CB  1 
ATOM   167  C CG  . PRO A 1 27  ? -4.074  -13.899 14.607  1.00 65.28  ? 25  PRO A CG  1 
ATOM   168  C CD  . PRO A 1 27  ? -5.011  -13.785 15.791  1.00 76.59  ? 25  PRO A CD  1 
ATOM   169  N N   . LYS A 1 28  ? -7.619  -15.869 13.749  1.00 75.58  ? 26  LYS A N   1 
ATOM   170  C CA  . LYS A 1 28  ? -8.570  -16.805 13.246  1.00 68.54  ? 26  LYS A CA  1 
ATOM   171  C C   . LYS A 1 28  ? -9.976  -16.263 13.210  1.00 70.05  ? 26  LYS A C   1 
ATOM   172  O O   . LYS A 1 28  ? -10.686 -16.499 12.276  1.00 67.49  ? 26  LYS A O   1 
ATOM   173  C CB  . LYS A 1 28  ? -8.477  -18.071 14.047  1.00 70.10  ? 26  LYS A CB  1 
ATOM   174  C CG  . LYS A 1 28  ? -9.337  -19.164 13.533  1.00 91.32  ? 26  LYS A CG  1 
ATOM   175  C CD  . LYS A 1 28  ? -9.005  -20.497 14.161  1.00 101.69 ? 26  LYS A CD  1 
ATOM   176  C CE  . LYS A 1 28  ? -9.959  -21.592 13.682  1.00 118.35 ? 26  LYS A CE  1 
ATOM   177  N NZ  . LYS A 1 28  ? -11.159 -21.774 14.560  1.00 119.29 ? 26  LYS A NZ  1 
ATOM   178  N N   . VAL A 1 29  ? -10.357 -15.509 14.221  1.00 67.33  ? 27  VAL A N   1 
ATOM   179  C CA  . VAL A 1 29  ? -11.650 -14.831 14.253  1.00 68.61  ? 27  VAL A CA  1 
ATOM   180  C C   . VAL A 1 29  ? -11.761 -13.760 13.161  1.00 70.70  ? 27  VAL A C   1 
ATOM   181  O O   . VAL A 1 29  ? -12.818 -13.580 12.555  1.00 73.62  ? 27  VAL A O   1 
ATOM   182  C CB  . VAL A 1 29  ? -11.905 -14.196 15.645  1.00 75.80  ? 27  VAL A CB  1 
ATOM   183  C CG1 . VAL A 1 29  ? -13.132 -13.293 15.621  1.00 70.61  ? 27  VAL A CG1 1 
ATOM   184  C CG2 . VAL A 1 29  ? -12.052 -15.276 16.702  1.00 75.67  ? 27  VAL A CG2 1 
ATOM   185  N N   . ILE A 1 30  ? -10.665 -13.050 12.912  1.00 64.83  ? 28  ILE A N   1 
ATOM   186  C CA  . ILE A 1 30  ? -10.646 -12.029 11.875  1.00 60.88  ? 28  ILE A CA  1 
ATOM   187  C C   . ILE A 1 30  ? -10.787 -12.677 10.505  1.00 64.18  ? 28  ILE A C   1 
ATOM   188  O O   . ILE A 1 30  ? -11.530 -12.195 9.652   1.00 61.95  ? 28  ILE A O   1 
ATOM   189  C CB  . ILE A 1 30  ? -9.346  -11.220 11.902  1.00 57.81  ? 28  ILE A CB  1 
ATOM   190  C CG1 . ILE A 1 30  ? -9.177  -10.516 13.254  1.00 58.76  ? 28  ILE A CG1 1 
ATOM   191  C CG2 . ILE A 1 30  ? -9.327  -10.217 10.759  1.00 57.74  ? 28  ILE A CG2 1 
ATOM   192  C CD1 . ILE A 1 30  ? -10.325 -9.603  13.631  1.00 50.98  ? 28  ILE A CD1 1 
ATOM   193  N N   . HIS A 1 31  ? -10.064 -13.776 10.314  1.00 61.05  ? 29  HIS A N   1 
ATOM   194  C CA  . HIS A 1 31  ? -10.112 -14.560 9.084   1.00 66.40  ? 29  HIS A CA  1 
ATOM   195  C C   . HIS A 1 31  ? -11.547 -14.977 8.759   1.00 68.03  ? 29  HIS A C   1 
ATOM   196  O O   . HIS A 1 31  ? -12.024 -14.785 7.641   1.00 66.22  ? 29  HIS A O   1 
ATOM   197  C CB  . HIS A 1 31  ? -9.214  -15.792 9.228   1.00 62.34  ? 29  HIS A CB  1 
ATOM   198  C CG  . HIS A 1 31  ? -9.335  -16.774 8.106   1.00 68.54  ? 29  HIS A CG  1 
ATOM   199  N ND1 . HIS A 1 31  ? -8.560  -16.706 6.969   1.00 72.42  ? 29  HIS A ND1 1 
ATOM   200  C CD2 . HIS A 1 31  ? -10.136 -17.857 7.952   1.00 72.24  ? 29  HIS A CD2 1 
ATOM   201  C CE1 . HIS A 1 31  ? -8.882  -17.699 6.158   1.00 69.54  ? 29  HIS A CE1 1 
ATOM   202  N NE2 . HIS A 1 31  ? -9.835  -18.412 6.732   1.00 76.69  ? 29  HIS A NE2 1 
ATOM   203  N N   . GLN A 1 32  ? -12.234 -15.528 9.752   1.00 71.77  ? 30  GLN A N   1 
ATOM   204  C CA  . GLN A 1 32  ? -13.618 -15.950 9.579   1.00 75.04  ? 30  GLN A CA  1 
ATOM   205  C C   . GLN A 1 32  ? -14.526 -14.770 9.235   1.00 76.55  ? 30  GLN A C   1 
ATOM   206  O O   . GLN A 1 32  ? -15.394 -14.881 8.374   1.00 77.95  ? 30  GLN A O   1 
ATOM   207  C CB  . GLN A 1 32  ? -14.126 -16.648 10.842  1.00 76.87  ? 30  GLN A CB  1 
ATOM   208  C CG  . GLN A 1 32  ? -15.524 -17.244 10.709  1.00 82.56  ? 30  GLN A CG  1 
ATOM   209  C CD  . GLN A 1 32  ? -15.548 -18.510 9.867   1.00 93.35  ? 30  GLN A CD  1 
ATOM   210  O OE1 . GLN A 1 32  ? -15.948 -18.489 8.701   1.00 84.23  ? 30  GLN A OE1 1 
ATOM   211  N NE2 . GLN A 1 32  ? -15.125 -19.622 10.459  1.00 101.50 ? 30  GLN A NE2 1 
ATOM   212  N N   . ALA A 1 33  ? -14.321 -13.640 9.906   1.00 64.67  ? 31  ALA A N   1 
ATOM   213  C CA  . ALA A 1 33  ? -15.181 -12.477 9.708   1.00 70.18  ? 31  ALA A CA  1 
ATOM   214  C C   . ALA A 1 33  ? -14.964 -11.820 8.346   1.00 58.11  ? 31  ALA A C   1 
ATOM   215  O O   . ALA A 1 33  ? -15.895 -11.272 7.759   1.00 66.37  ? 31  ALA A O   1 
ATOM   216  C CB  . ALA A 1 33  ? -14.986 -11.461 10.837  1.00 55.27  ? 31  ALA A CB  1 
ATOM   217  N N   . LEU A 1 34  ? -13.733 -11.866 7.848   1.00 59.89  ? 32  LEU A N   1 
ATOM   218  C CA  . LEU A 1 34  ? -13.431 -11.287 6.546   1.00 61.96  ? 32  LEU A CA  1 
ATOM   219  C C   . LEU A 1 34  ? -14.008 -12.172 5.452   1.00 64.01  ? 32  LEU A C   1 
ATOM   220  O O   . LEU A 1 34  ? -14.468 -11.666 4.423   1.00 62.22  ? 32  LEU A O   1 
ATOM   221  C CB  . LEU A 1 34  ? -11.922 -11.117 6.361   1.00 54.89  ? 32  LEU A CB  1 
ATOM   222  C CG  . LEU A 1 34  ? -11.289 -10.003 7.193   1.00 57.46  ? 32  LEU A CG  1 
ATOM   223  C CD1 . LEU A 1 34  ? -9.777  -10.002 7.036   1.00 62.32  ? 32  LEU A CD1 1 
ATOM   224  C CD2 . LEU A 1 34  ? -11.874 -8.655  6.804   1.00 59.45  ? 32  LEU A CD2 1 
ATOM   225  N N   . GLU A 1 35  ? -14.019 -13.473 5.681   1.00 66.13  ? 33  GLU A N   1 
ATOM   226  C CA  . GLU A 1 35  ? -14.638 -14.446 4.800   1.00 72.59  ? 33  GLU A CA  1 
ATOM   227  C C   . GLU A 1 35  ? -16.069 -14.125 4.546   1.00 69.24  ? 33  GLU A C   1 
ATOM   228  O O   . GLU A 1 35  ? -16.496 -14.091 3.443   1.00 62.41  ? 33  GLU A O   1 
ATOM   229  C CB  . GLU A 1 35  ? -14.575 -15.837 5.403   1.00 77.56  ? 33  GLU A CB  1 
ATOM   230  C CG  . GLU A 1 35  ? -13.500 -16.720 4.855   1.00 86.66  ? 33  GLU A CG  1 
ATOM   231  C CD  . GLU A 1 35  ? -13.798 -18.208 4.976   1.00 94.29  ? 33  GLU A CD  1 
ATOM   232  O OE1 . GLU A 1 35  ? -14.934 -18.570 5.273   1.00 95.67  ? 33  GLU A OE1 1 
ATOM   233  O OE2 . GLU A 1 35  ? -12.893 -19.026 4.770   1.00 97.48  ? 33  GLU A OE2 1 
ATOM   234  N N   . ASP A 1 36  ? -16.795 -13.874 5.607   1.00 68.81  ? 34  ASP A N   1 
ATOM   235  C CA  . ASP A 1 36  ? -18.210 -13.513 5.519   1.00 63.00  ? 34  ASP A CA  1 
ATOM   236  C C   . ASP A 1 36  ? -18.416 -12.178 4.805   1.00 67.94  ? 34  ASP A C   1 
ATOM   237  O O   . ASP A 1 36  ? -19.319 -12.034 3.983   1.00 70.18  ? 34  ASP A O   1 
ATOM   238  C CB  . ASP A 1 36  ? -18.844 -13.474 6.909   1.00 72.09  ? 34  ASP A CB  1 
ATOM   239  C CG  . ASP A 1 36  ? -18.675 -14.783 7.655   1.00 79.70  ? 34  ASP A CG  1 
ATOM   240  O OD1 . ASP A 1 36  ? -18.576 -15.845 6.991   1.00 80.69  ? 34  ASP A OD1 1 
ATOM   241  O OD2 . ASP A 1 36  ? -18.645 -14.761 8.903   1.00 90.04  ? 34  ASP A OD2 1 
ATOM   242  N N   . LYS A 1 37  ? -17.546 -11.232 5.062   1.00 64.44  ? 35  LYS A N   1 
ATOM   243  C CA  . LYS A 1 37  ? -17.671 -9.941  4.466   1.00 59.77  ? 35  LYS A CA  1 
ATOM   244  C C   . LYS A 1 37  ? -17.401 -9.949  2.967   1.00 64.05  ? 35  LYS A C   1 
ATOM   245  O O   . LYS A 1 37  ? -18.055 -9.256  2.206   1.00 61.77  ? 35  LYS A O   1 
ATOM   246  C CB  . LYS A 1 37  ? -16.760 -8.983  5.171   1.00 58.50  ? 35  LYS A CB  1 
ATOM   247  C CG  . LYS A 1 37  ? -16.862 -7.651  4.660   1.00 68.40  ? 35  LYS A CG  1 
ATOM   248  C CD  . LYS A 1 37  ? -18.179 -7.055  5.007   1.00 72.79  ? 35  LYS A CD  1 
ATOM   249  C CE  . LYS A 1 37  ? -18.514 -5.877  4.180   1.00 75.05  ? 35  LYS A CE  1 
ATOM   250  N NZ  . LYS A 1 37  ? -18.510 -6.158  2.754   1.00 77.18  ? 35  LYS A NZ  1 
ATOM   251  N N   . ILE A 1 38  ? -16.403 -10.715 2.559   1.00 54.75  ? 36  ILE A N   1 
ATOM   252  C CA  . ILE A 1 38  ? -16.108 -10.881 1.134   1.00 63.74  ? 36  ILE A CA  1 
ATOM   253  C C   . ILE A 1 38  ? -17.316 -11.456 0.386   1.00 64.02  ? 36  ILE A C   1 
ATOM   254  O O   . ILE A 1 38  ? -17.618 -11.046 -0.733  1.00 58.99  ? 36  ILE A O   1 
ATOM   255  C CB  . ILE A 1 38  ? -14.866 -11.771 0.911   1.00 61.46  ? 36  ILE A CB  1 
ATOM   256  C CG1 . ILE A 1 38  ? -13.614 -11.074 1.448   1.00 56.67  ? 36  ILE A CG1 1 
ATOM   257  C CG2 . ILE A 1 38  ? -14.686 -12.109 -0.572  1.00 63.77  ? 36  ILE A CG2 1 
ATOM   258  C CD1 . ILE A 1 38  ? -12.394 -11.968 1.501   1.00 57.87  ? 36  ILE A CD1 1 
ATOM   259  N N   . ALA A 1 39  ? -18.018 -12.379 1.032   1.00 59.48  ? 37  ALA A N   1 
ATOM   260  C CA  . ALA A 1 39  ? -19.212 -12.992 0.457   1.00 66.42  ? 37  ALA A CA  1 
ATOM   261  C C   . ALA A 1 39  ? -20.364 -12.008 0.227   1.00 63.67  ? 37  ALA A C   1 
ATOM   262  O O   . ALA A 1 39  ? -21.302 -12.318 -0.505  1.00 77.93  ? 37  ALA A O   1 
ATOM   263  C CB  . ALA A 1 39  ? -19.673 -14.160 1.319   1.00 56.42  ? 37  ALA A CB  1 
ATOM   264  N N   . GLN A 1 40  ? -20.300 -10.832 0.848   1.00 58.74  ? 38  GLN A N   1 
ATOM   265  C CA  . GLN A 1 40  ? -21.312 -9.801  0.619   1.00 63.41  ? 38  GLN A CA  1 
ATOM   266  C C   . GLN A 1 40  ? -21.150 -9.114  -0.735  1.00 57.17  ? 38  GLN A C   1 
ATOM   267  O O   . GLN A 1 40  ? -22.090 -8.508  -1.245  1.00 60.29  ? 38  GLN A O   1 
ATOM   268  C CB  . GLN A 1 40  ? -21.283 -8.738  1.718   1.00 58.26  ? 38  GLN A CB  1 
ATOM   269  C CG  . GLN A 1 40  ? -21.838 -9.187  3.052   1.00 68.40  ? 38  GLN A CG  1 
ATOM   270  C CD  . GLN A 1 40  ? -21.915 -8.049  4.050   1.00 72.47  ? 38  GLN A CD  1 
ATOM   271  O OE1 . GLN A 1 40  ? -21.044 -7.189  4.088   1.00 70.44  ? 38  GLN A OE1 1 
ATOM   272  N NE2 . GLN A 1 40  ? -22.969 -8.032  4.852   1.00 83.83  ? 38  GLN A NE2 1 
ATOM   273  N N   . ALA A 1 41  ? -19.951 -9.185  -1.301  1.00 51.64  ? 39  ALA A N   1 
ATOM   274  C CA  . ALA A 1 41  ? -19.708 -8.657  -2.644  1.00 57.45  ? 39  ALA A CA  1 
ATOM   275  C C   . ALA A 1 41  ? -18.488 -9.329  -3.265  1.00 58.28  ? 39  ALA A C   1 
ATOM   276  O O   . ALA A 1 41  ? -17.467 -8.680  -3.487  1.00 52.72  ? 39  ALA A O   1 
ATOM   277  C CB  . ALA A 1 41  ? -19.522 -7.152  -2.599  1.00 51.40  ? 39  ALA A CB  1 
ATOM   278  N N   . PRO A 1 42  ? -18.601 -10.638 -3.552  1.00 48.98  ? 40  PRO A N   1 
ATOM   279  C CA  . PRO A 1 42  ? -17.467 -11.491 -3.929  1.00 56.05  ? 40  PRO A CA  1 
ATOM   280  C C   . PRO A 1 42  ? -16.679 -10.957 -5.113  1.00 63.78  ? 40  PRO A C   1 
ATOM   281  O O   . PRO A 1 42  ? -15.457 -11.064 -5.124  1.00 67.43  ? 40  PRO A O   1 
ATOM   282  C CB  . PRO A 1 42  ? -18.134 -12.816 -4.312  1.00 67.34  ? 40  PRO A CB  1 
ATOM   283  C CG  . PRO A 1 42  ? -19.456 -12.794 -3.638  1.00 66.45  ? 40  PRO A CG  1 
ATOM   284  C CD  . PRO A 1 42  ? -19.880 -11.364 -3.630  1.00 62.73  ? 40  PRO A CD  1 
ATOM   285  N N   . ALA A 1 43  ? -17.370 -10.388 -6.093  1.00 54.31  ? 41  ALA A N   1 
ATOM   286  C CA  . ALA A 1 43  ? -16.708 -9.933  -7.311  1.00 63.66  ? 41  ALA A CA  1 
ATOM   287  C C   . ALA A 1 43  ? -15.801 -8.740  -7.048  1.00 51.38  ? 41  ALA A C   1 
ATOM   288  O O   . ALA A 1 43  ? -14.818 -8.528  -7.758  1.00 58.98  ? 41  ALA A O   1 
ATOM   289  C CB  . ALA A 1 43  ? -17.736 -9.597  -8.387  1.00 50.41  ? 41  ALA A CB  1 
ATOM   290  N N   . PHE A 1 44  ? -16.126 -7.965  -6.020  1.00 62.22  ? 42  PHE A N   1 
ATOM   291  C CA  . PHE A 1 44  ? -15.369 -6.756  -5.719  1.00 64.68  ? 42  PHE A CA  1 
ATOM   292  C C   . PHE A 1 44  ? -14.362 -6.956  -4.602  1.00 55.74  ? 42  PHE A C   1 
ATOM   293  O O   . PHE A 1 44  ? -13.312 -6.320  -4.585  1.00 64.51  ? 42  PHE A O   1 
ATOM   294  C CB  . PHE A 1 44  ? -16.318 -5.613  -5.364  1.00 61.20  ? 42  PHE A CB  1 
ATOM   295  C CG  . PHE A 1 44  ? -17.250 -5.253  -6.473  1.00 68.64  ? 42  PHE A CG  1 
ATOM   296  C CD1 . PHE A 1 44  ? -16.894 -4.295  -7.407  1.00 62.95  ? 42  PHE A CD1 1 
ATOM   297  C CD2 . PHE A 1 44  ? -18.473 -5.895  -6.604  1.00 69.27  ? 42  PHE A CD2 1 
ATOM   298  C CE1 . PHE A 1 44  ? -17.750 -3.970  -8.445  1.00 67.40  ? 42  PHE A CE1 1 
ATOM   299  C CE2 . PHE A 1 44  ? -19.328 -5.577  -7.637  1.00 58.56  ? 42  PHE A CE2 1 
ATOM   300  C CZ  . PHE A 1 44  ? -18.966 -4.612  -8.559  1.00 58.44  ? 42  PHE A CZ  1 
ATOM   301  N N   . LEU A 1 45  ? -14.682 -7.852  -3.676  1.00 61.58  ? 43  LEU A N   1 
ATOM   302  C CA  . LEU A 1 45  ? -13.884 -8.008  -2.467  1.00 55.91  ? 43  LEU A CA  1 
ATOM   303  C C   . LEU A 1 45  ? -12.875 -9.144  -2.540  1.00 61.07  ? 43  LEU A C   1 
ATOM   304  O O   . LEU A 1 45  ? -11.919 -9.175  -1.772  1.00 63.51  ? 43  LEU A O   1 
ATOM   305  C CB  . LEU A 1 45  ? -14.792 -8.188  -1.255  1.00 54.78  ? 43  LEU A CB  1 
ATOM   306  C CG  . LEU A 1 45  ? -15.552 -6.915  -0.895  1.00 58.34  ? 43  LEU A CG  1 
ATOM   307  C CD1 . LEU A 1 45  ? -16.450 -7.145  0.311   1.00 63.73  ? 43  LEU A CD1 1 
ATOM   308  C CD2 . LEU A 1 45  ? -14.563 -5.788  -0.632  1.00 63.96  ? 43  LEU A CD2 1 
ATOM   309  N N   . LYS A 1 46  ? -13.058 -10.077 -3.444  1.00 57.76  ? 44  LYS A N   1 
ATOM   310  C CA  . LYS A 1 46  ? -12.059 -11.081 -3.711  1.00 68.57  ? 44  LYS A CA  1 
ATOM   311  C C   . LYS A 1 46  ? -10.786 -10.387 -4.168  1.00 72.44  ? 44  LYS A C   1 
ATOM   312  O O   . LYS A 1 46  ? -10.798 -9.544  -5.066  1.00 75.18  ? 44  LYS A O   1 
ATOM   313  C CB  . LYS A 1 46  ? -12.584 -12.037 -4.770  1.00 61.10  ? 44  LYS A CB  1 
ATOM   314  C CG  . LYS A 1 46  ? -11.671 -13.103 -5.223  1.00 71.26  ? 44  LYS A CG  1 
ATOM   315  C CD  . LYS A 1 46  ? -12.464 -14.307 -5.705  1.00 87.25  ? 44  LYS A CD  1 
ATOM   316  C CE  . LYS A 1 46  ? -12.376 -14.516 -7.212  1.00 80.59  ? 44  LYS A CE  1 
ATOM   317  N NZ  . LYS A 1 46  ? -13.276 -15.599 -7.690  1.00 88.75  ? 44  LYS A NZ  1 
ATOM   318  N N   . HIS A 1 47  ? -9.691  -10.706 -3.508  1.00 57.55  ? 45  HIS A N   1 
ATOM   319  C CA  . HIS A 1 47  ? -8.428  -10.047 -3.832  1.00 69.53  ? 45  HIS A CA  1 
ATOM   320  C C   . HIS A 1 47  ? -8.372  -8.532  -3.716  1.00 67.09  ? 45  HIS A C   1 
ATOM   321  O O   . HIS A 1 47  ? -7.523  -7.899  -4.265  1.00 68.03  ? 45  HIS A O   1 
ATOM   322  C CB  . HIS A 1 47  ? -7.893  -10.540 -5.172  1.00 68.70  ? 45  HIS A CB  1 
ATOM   323  C CG  . HIS A 1 47  ? -7.894  -12.024 -5.274  1.00 74.32  ? 45  HIS A CG  1 
ATOM   324  N ND1 . HIS A 1 47  ? -8.256  -12.690 -6.411  1.00 73.38  ? 45  HIS A ND1 1 
ATOM   325  C CD2 . HIS A 1 47  ? -7.642  -12.971 -4.349  1.00 67.08  ? 45  HIS A CD2 1 
ATOM   326  C CE1 . HIS A 1 47  ? -8.202  -13.981 -6.187  1.00 80.16  ? 45  HIS A CE1 1 
ATOM   327  N NE2 . HIS A 1 47  ? -7.838  -14.179 -4.942  1.00 73.69  ? 45  HIS A NE2 1 
ATOM   328  N N   . ALA A 1 48  ? -9.265  -7.960  -2.954  1.00 55.40  ? 46  ALA A N   1 
ATOM   329  C CA  . ALA A 1 48  ? -9.233  -6.512  -2.782  1.00 63.12  ? 46  ALA A CA  1 
ATOM   330  C C   . ALA A 1 48  ? -8.032  -6.077  -1.941  1.00 56.75  ? 46  ALA A C   1 
ATOM   331  O O   . ALA A 1 48  ? -7.651  -6.757  -0.985  1.00 47.62  ? 46  ALA A O   1 
ATOM   332  C CB  . ALA A 1 48  ? -10.527 -6.014  -2.154  1.00 46.87  ? 46  ALA A CB  1 
ATOM   333  N N   . PRO A 1 49  ? -7.420  -4.945  -2.311  1.00 56.78  ? 47  PRO A N   1 
ATOM   334  C CA  . PRO A 1 49  ? -6.364  -4.358  -1.482  1.00 61.01  ? 47  PRO A CA  1 
ATOM   335  C C   . PRO A 1 49  ? -6.983  -3.695  -0.260  1.00 57.75  ? 47  PRO A C   1 
ATOM   336  O O   . PRO A 1 49  ? -7.911  -2.902  -0.408  1.00 53.15  ? 47  PRO A O   1 
ATOM   337  C CB  . PRO A 1 49  ? -5.739  -3.309  -2.403  1.00 60.33  ? 47  PRO A CB  1 
ATOM   338  C CG  . PRO A 1 49  ? -6.821  -2.963  -3.381  1.00 67.28  ? 47  PRO A CG  1 
ATOM   339  C CD  . PRO A 1 49  ? -7.612  -4.220  -3.579  1.00 57.23  ? 47  PRO A CD  1 
ATOM   340  N N   . VAL A 1 50  ? -6.504  -4.024  0.936   1.00 48.68  ? 48  VAL A N   1 
ATOM   341  C CA  . VAL A 1 50  ? -7.081  -3.429  2.142   1.00 53.48  ? 48  VAL A CA  1 
ATOM   342  C C   . VAL A 1 50  ? -6.052  -2.836  3.097   1.00 59.58  ? 48  VAL A C   1 
ATOM   343  O O   . VAL A 1 50  ? -4.888  -3.235  3.112   1.00 53.70  ? 48  VAL A O   1 
ATOM   344  C CB  . VAL A 1 50  ? -7.956  -4.433  2.926   1.00 49.31  ? 48  VAL A CB  1 
ATOM   345  C CG1 . VAL A 1 50  ? -9.050  -5.014  2.030   1.00 56.89  ? 48  VAL A CG1 1 
ATOM   346  C CG2 . VAL A 1 50  ? -7.101  -5.537  3.511   1.00 44.65  ? 48  VAL A CG2 1 
ATOM   347  N N   . VAL A 1 51  ? -6.505  -1.868  3.887   1.00 60.27  ? 49  VAL A N   1 
ATOM   348  C CA  . VAL A 1 51  ? -5.700  -1.287  4.950   1.00 51.88  ? 49  VAL A CA  1 
ATOM   349  C C   . VAL A 1 51  ? -6.241  -1.753  6.296   1.00 58.99  ? 49  VAL A C   1 
ATOM   350  O O   . VAL A 1 51  ? -7.451  -1.740  6.522   1.00 57.21  ? 49  VAL A O   1 
ATOM   351  C CB  . VAL A 1 51  ? -5.730  0.250   4.900   1.00 61.26  ? 49  VAL A CB  1 
ATOM   352  C CG1 . VAL A 1 51  ? -4.908  0.834   6.035   1.00 59.17  ? 49  VAL A CG1 1 
ATOM   353  C CG2 . VAL A 1 51  ? -5.216  0.747   3.562   1.00 63.34  ? 49  VAL A CG2 1 
ATOM   354  N N   . LEU A 1 52  ? -5.350  -2.168  7.191   1.00 54.37  ? 50  LEU A N   1 
ATOM   355  C CA  . LEU A 1 52  ? -5.776  -2.644  8.501   1.00 54.29  ? 50  LEU A CA  1 
ATOM   356  C C   . LEU A 1 52  ? -5.748  -1.517  9.524   1.00 53.47  ? 50  LEU A C   1 
ATOM   357  O O   . LEU A 1 52  ? -4.680  -1.009  9.868   1.00 61.51  ? 50  LEU A O   1 
ATOM   358  C CB  . LEU A 1 52  ? -4.883  -3.789  8.978   1.00 52.80  ? 50  LEU A CB  1 
ATOM   359  C CG  . LEU A 1 52  ? -4.649  -4.955  8.017   1.00 52.41  ? 50  LEU A CG  1 
ATOM   360  C CD1 . LEU A 1 52  ? -3.818  -6.023  8.704   1.00 51.31  ? 50  LEU A CD1 1 
ATOM   361  C CD2 . LEU A 1 52  ? -5.965  -5.534  7.515   1.00 52.58  ? 50  LEU A CD2 1 
ATOM   362  N N   . ASN A 1 53  ? -6.924  -1.125  10.008  1.00 56.77  ? 51  ASN A N   1 
ATOM   363  C CA  . ASN A 1 53  ? -7.021  -0.089  11.035  1.00 60.09  ? 51  ASN A CA  1 
ATOM   364  C C   . ASN A 1 53  ? -7.059  -0.720  12.421  1.00 62.60  ? 51  ASN A C   1 
ATOM   365  O O   . ASN A 1 53  ? -7.836  -1.645  12.664  1.00 67.82  ? 51  ASN A O   1 
ATOM   366  C CB  . ASN A 1 53  ? -8.255  0.790   10.811  1.00 63.12  ? 51  ASN A CB  1 
ATOM   367  C CG  . ASN A 1 53  ? -8.352  1.932   11.812  1.00 67.17  ? 51  ASN A CG  1 
ATOM   368  O OD1 . ASN A 1 53  ? -8.593  1.712   12.997  1.00 65.73  ? 51  ASN A OD1 1 
ATOM   369  N ND2 . ASN A 1 53  ? -8.180  3.158   11.334  1.00 62.80  ? 51  ASN A ND2 1 
ATOM   370  N N   . VAL A 1 54  ? -6.229  -0.212  13.327  1.00 66.59  ? 52  VAL A N   1 
ATOM   371  C CA  . VAL A 1 54  ? -6.058  -0.838  14.634  1.00 63.23  ? 52  VAL A CA  1 
ATOM   372  C C   . VAL A 1 54  ? -6.479  0.034   15.813  1.00 76.24  ? 52  VAL A C   1 
ATOM   373  O O   . VAL A 1 54  ? -6.207  -0.304  16.966  1.00 75.27  ? 52  VAL A O   1 
ATOM   374  C CB  . VAL A 1 54  ? -4.604  -1.260  14.835  1.00 72.43  ? 52  VAL A CB  1 
ATOM   375  C CG1 . VAL A 1 54  ? -4.256  -2.305  13.822  1.00 67.74  ? 52  VAL A CG1 1 
ATOM   376  C CG2 . VAL A 1 54  ? -3.677  -0.055  14.698  1.00 61.15  ? 52  VAL A CG2 1 
ATOM   377  N N   . SER A 1 55  ? -7.151  1.142   15.517  1.00 69.81  ? 53  SER A N   1 
ATOM   378  C CA  . SER A 1 55  ? -7.546  2.113   16.533  1.00 69.09  ? 53  SER A CA  1 
ATOM   379  C C   . SER A 1 55  ? -8.370  1.520   17.674  1.00 78.24  ? 53  SER A C   1 
ATOM   380  O O   . SER A 1 55  ? -8.216  1.919   18.830  1.00 87.14  ? 53  SER A O   1 
ATOM   381  C CB  . SER A 1 55  ? -8.319  3.268   15.888  1.00 73.17  ? 53  SER A CB  1 
ATOM   382  O OG  . SER A 1 55  ? -7.471  4.055   15.072  1.00 84.19  ? 53  SER A OG  1 
ATOM   383  N N   . ALA A 1 56  ? -9.244  0.575   17.352  1.00 62.16  ? 54  ALA A N   1 
ATOM   384  C CA  . ALA A 1 56  ? -10.169 0.038   18.346  1.00 72.03  ? 54  ALA A CA  1 
ATOM   385  C C   . ALA A 1 56  ? -9.660  -1.221  19.036  1.00 78.09  ? 54  ALA A C   1 
ATOM   386  O O   . ALA A 1 56  ? -10.431 -1.936  19.676  1.00 85.57  ? 54  ALA A O   1 
ATOM   387  C CB  . ALA A 1 56  ? -11.530 -0.217  17.718  1.00 69.31  ? 54  ALA A CB  1 
ATOM   388  N N   . LEU A 1 57  ? -8.364  -1.490  18.913  1.00 78.66  ? 55  LEU A N   1 
ATOM   389  C CA  . LEU A 1 57  ? -7.785  -2.688  19.513  1.00 82.66  ? 55  LEU A CA  1 
ATOM   390  C C   . LEU A 1 57  ? -7.217  -2.422  20.900  1.00 83.91  ? 55  LEU A C   1 
ATOM   391  O O   . LEU A 1 57  ? -6.548  -1.414  21.123  1.00 85.68  ? 55  LEU A O   1 
ATOM   392  C CB  . LEU A 1 57  ? -6.694  -3.263  18.613  1.00 72.57  ? 55  LEU A CB  1 
ATOM   393  C CG  . LEU A 1 57  ? -7.199  -4.054  17.411  1.00 74.83  ? 55  LEU A CG  1 
ATOM   394  C CD1 . LEU A 1 57  ? -6.041  -4.488  16.531  1.00 68.25  ? 55  LEU A CD1 1 
ATOM   395  C CD2 . LEU A 1 57  ? -7.990  -5.252  17.894  1.00 85.10  ? 55  LEU A CD2 1 
ATOM   396  N N   . GLU A 1 58  ? -7.481  -3.335  21.830  1.00 90.66  ? 56  GLU A N   1 
ATOM   397  C CA  . GLU A 1 58  ? -6.920  -3.224  23.169  1.00 98.00  ? 56  GLU A CA  1 
ATOM   398  C C   . GLU A 1 58  ? -5.889  -4.319  23.424  1.00 95.04  ? 56  GLU A C   1 
ATOM   399  O O   . GLU A 1 58  ? -4.767  -4.036  23.844  1.00 95.24  ? 56  GLU A O   1 
ATOM   400  C CB  . GLU A 1 58  ? -8.021  -3.259  24.231  1.00 104.25 ? 56  GLU A CB  1 
ATOM   401  C CG  . GLU A 1 58  ? -7.674  -2.500  25.506  1.00 109.67 ? 56  GLU A CG  1 
ATOM   402  C CD  . GLU A 1 58  ? -7.730  -0.992  25.330  1.00 112.87 ? 56  GLU A CD  1 
ATOM   403  O OE1 . GLU A 1 58  ? -6.909  -0.437  24.570  1.00 102.76 ? 56  GLU A OE1 1 
ATOM   404  O OE2 . GLU A 1 58  ? -8.604  -0.357  25.957  1.00 130.37 ? 56  GLU A OE2 1 
ATOM   405  N N   . ASP A 1 59  ? -6.271  -5.566  23.165  1.00 82.73  ? 57  ASP A N   1 
ATOM   406  C CA  . ASP A 1 59  ? -5.343  -6.684  23.278  1.00 82.34  ? 57  ASP A CA  1 
ATOM   407  C C   . ASP A 1 59  ? -4.231  -6.557  22.242  1.00 82.22  ? 57  ASP A C   1 
ATOM   408  O O   . ASP A 1 59  ? -4.462  -6.056  21.144  1.00 86.00  ? 57  ASP A O   1 
ATOM   409  C CB  . ASP A 1 59  ? -6.082  -8.012  23.101  1.00 90.61  ? 57  ASP A CB  1 
ATOM   410  C CG  . ASP A 1 59  ? -7.011  -8.322  24.255  1.00 104.99 ? 57  ASP A CG  1 
ATOM   411  O OD1 . ASP A 1 59  ? -7.068  -7.512  25.205  1.00 108.54 ? 57  ASP A OD1 1 
ATOM   412  O OD2 . ASP A 1 59  ? -7.684  -9.373  24.214  1.00 99.89  ? 57  ASP A OD2 1 
ATOM   413  N N   . PRO A 1 60  ? -3.015  -7.005  22.589  1.00 80.13  ? 58  PRO A N   1 
ATOM   414  C CA  . PRO A 1 60  ? -1.899  -6.934  21.639  1.00 74.72  ? 58  PRO A CA  1 
ATOM   415  C C   . PRO A 1 60  ? -2.111  -7.882  20.463  1.00 73.09  ? 58  PRO A C   1 
ATOM   416  O O   . PRO A 1 60  ? -2.775  -8.907  20.619  1.00 70.69  ? 58  PRO A O   1 
ATOM   417  C CB  . PRO A 1 60  ? -0.696  -7.373  22.480  1.00 66.02  ? 58  PRO A CB  1 
ATOM   418  C CG  . PRO A 1 60  ? -1.282  -8.215  23.561  1.00 70.46  ? 58  PRO A CG  1 
ATOM   419  C CD  . PRO A 1 60  ? -2.611  -7.597  23.877  1.00 76.33  ? 58  PRO A CD  1 
ATOM   420  N N   . VAL A 1 61  ? -1.562  -7.535  19.303  1.00 75.75  ? 59  VAL A N   1 
ATOM   421  C CA  . VAL A 1 61  ? -1.740  -8.329  18.091  1.00 73.40  ? 59  VAL A CA  1 
ATOM   422  C C   . VAL A 1 61  ? -0.438  -8.950  17.593  1.00 70.41  ? 59  VAL A C   1 
ATOM   423  O O   . VAL A 1 61  ? 0.554   -8.251  17.372  1.00 61.87  ? 59  VAL A O   1 
ATOM   424  C CB  . VAL A 1 61  ? -2.346  -7.482  16.947  1.00 72.31  ? 59  VAL A CB  1 
ATOM   425  C CG1 . VAL A 1 61  ? -2.083  -8.130  15.594  1.00 74.15  ? 59  VAL A CG1 1 
ATOM   426  C CG2 . VAL A 1 61  ? -3.832  -7.285  17.164  1.00 78.15  ? 59  VAL A CG2 1 
ATOM   427  N N   . ASN A 1 62  ? -0.450  -10.268 17.418  1.00 67.08  ? 60  ASN A N   1 
ATOM   428  C CA  . ASN A 1 62  ? 0.638   -10.955 16.739  1.00 57.41  ? 60  ASN A CA  1 
ATOM   429  C C   . ASN A 1 62  ? 0.563   -10.622 15.253  1.00 61.94  ? 60  ASN A C   1 
ATOM   430  O O   . ASN A 1 62  ? -0.236  -11.199 14.516  1.00 69.27  ? 60  ASN A O   1 
ATOM   431  C CB  . ASN A 1 62  ? 0.538   -12.463 16.963  1.00 58.09  ? 60  ASN A CB  1 
ATOM   432  C CG  . ASN A 1 62  ? 1.772   -13.210 16.491  1.00 62.17  ? 60  ASN A CG  1 
ATOM   433  O OD1 . ASN A 1 62  ? 2.527   -12.722 15.649  1.00 62.50  ? 60  ASN A OD1 1 
ATOM   434  N ND2 . ASN A 1 62  ? 1.978   -14.407 17.032  1.00 68.98  ? 60  ASN A ND2 1 
ATOM   435  N N   . TRP A 1 63  ? 1.408   -9.694  14.820  1.00 64.23  ? 61  TRP A N   1 
ATOM   436  C CA  . TRP A 1 63  ? 1.292   -9.106  13.487  1.00 63.98  ? 61  TRP A CA  1 
ATOM   437  C C   . TRP A 1 63  ? 1.551   -10.027 12.313  1.00 65.50  ? 61  TRP A C   1 
ATOM   438  O O   . TRP A 1 63  ? 0.791   -10.016 11.348  1.00 58.43  ? 61  TRP A O   1 
ATOM   439  C CB  . TRP A 1 63  ? 2.143   -7.846  13.376  1.00 54.15  ? 61  TRP A CB  1 
ATOM   440  C CG  . TRP A 1 63  ? 1.444   -6.732  14.008  1.00 72.60  ? 61  TRP A CG  1 
ATOM   441  C CD1 . TRP A 1 63  ? 1.803   -6.065  15.136  1.00 74.74  ? 61  TRP A CD1 1 
ATOM   442  C CD2 . TRP A 1 63  ? 0.197   -6.182  13.591  1.00 74.59  ? 61  TRP A CD2 1 
ATOM   443  N NE1 . TRP A 1 63  ? 0.867   -5.106  15.432  1.00 83.35  ? 61  TRP A NE1 1 
ATOM   444  C CE2 . TRP A 1 63  ? -0.130  -5.161  14.494  1.00 81.77  ? 61  TRP A CE2 1 
ATOM   445  C CE3 . TRP A 1 63  ? -0.667  -6.446  12.525  1.00 79.50  ? 61  TRP A CE3 1 
ATOM   446  C CZ2 . TRP A 1 63  ? -1.286  -4.405  14.368  1.00 81.00  ? 61  TRP A CZ2 1 
ATOM   447  C CZ3 . TRP A 1 63  ? -1.808  -5.697  12.403  1.00 77.82  ? 61  TRP A CZ3 1 
ATOM   448  C CH2 . TRP A 1 63  ? -2.108  -4.690  13.315  1.00 76.77  ? 61  TRP A CH2 1 
ATOM   449  N N   . SER A 1 64  ? 2.629   -10.801 12.385  1.00 64.10  ? 62  SER A N   1 
ATOM   450  C CA  . SER A 1 64  ? 2.953   -11.738 11.324  1.00 68.04  ? 62  SER A CA  1 
ATOM   451  C C   . SER A 1 64  ? 1.795   -12.717 11.144  1.00 56.59  ? 62  SER A C   1 
ATOM   452  O O   . SER A 1 64  ? 1.386   -13.008 10.022  1.00 65.31  ? 62  SER A O   1 
ATOM   453  C CB  . SER A 1 64  ? 4.252   -12.482 11.644  1.00 59.56  ? 62  SER A CB  1 
ATOM   454  O OG  . SER A 1 64  ? 4.024   -13.508 12.592  1.00 67.20  ? 62  SER A OG  1 
ATOM   455  N N   . ALA A 1 65  ? 1.259   -13.201 12.262  1.00 65.54  ? 63  ALA A N   1 
ATOM   456  C CA  . ALA A 1 65  ? 0.128   -14.121 12.231  1.00 58.68  ? 63  ALA A CA  1 
ATOM   457  C C   . ALA A 1 65  ? -1.143  -13.438 11.731  1.00 66.67  ? 63  ALA A C   1 
ATOM   458  O O   . ALA A 1 65  ? -1.922  -14.033 10.985  1.00 63.91  ? 63  ALA A O   1 
ATOM   459  C CB  . ALA A 1 65  ? -0.100  -14.723 13.613  1.00 56.20  ? 63  ALA A CB  1 
ATOM   460  N N   . MET A 1 66  ? -1.352  -12.191 12.147  1.00 65.59  ? 64  MET A N   1 
ATOM   461  C CA  . MET A 1 66  ? -2.511  -11.427 11.698  1.00 58.10  ? 64  MET A CA  1 
ATOM   462  C C   . MET A 1 66  ? -2.421  -11.158 10.202  1.00 62.82  ? 64  MET A C   1 
ATOM   463  O O   . MET A 1 66  ? -3.425  -11.215 9.496   1.00 61.94  ? 64  MET A O   1 
ATOM   464  C CB  . MET A 1 66  ? -2.622  -10.102 12.456  1.00 58.46  ? 64  MET A CB  1 
ATOM   465  C CG  . MET A 1 66  ? -3.806  -9.233  12.038  1.00 55.09  ? 64  MET A CG  1 
ATOM   466  S SD  . MET A 1 66  ? -5.403  -10.021 12.348  1.00 63.33  ? 64  MET A SD  1 
ATOM   467  C CE  . MET A 1 66  ? -5.391  -10.139 14.136  1.00 74.16  ? 64  MET A CE  1 
ATOM   468  N N   . HIS A 1 67  ? -1.214  -10.866 9.728   1.00 57.08  ? 65  HIS A N   1 
ATOM   469  C CA  . HIS A 1 67  ? -0.992  -10.600 8.311   1.00 61.92  ? 65  HIS A CA  1 
ATOM   470  C C   . HIS A 1 67  ? -1.285  -11.835 7.463   1.00 70.42  ? 65  HIS A C   1 
ATOM   471  O O   . HIS A 1 67  ? -1.780  -11.724 6.340   1.00 55.34  ? 65  HIS A O   1 
ATOM   472  C CB  . HIS A 1 67  ? 0.445   -10.125 8.054   1.00 53.17  ? 65  HIS A CB  1 
ATOM   473  C CG  . HIS A 1 67  ? 0.723   -9.809  6.615   1.00 63.02  ? 65  HIS A CG  1 
ATOM   474  N ND1 . HIS A 1 67  ? 0.780   -8.520  6.133   1.00 64.83  ? 65  HIS A ND1 1 
ATOM   475  C CD2 . HIS A 1 67  ? 0.936   -10.618 5.548   1.00 60.67  ? 65  HIS A CD2 1 
ATOM   476  C CE1 . HIS A 1 67  ? 1.022   -8.546  4.834   1.00 59.96  ? 65  HIS A CE1 1 
ATOM   477  N NE2 . HIS A 1 67  ? 1.124   -9.808  4.455   1.00 59.35  ? 65  HIS A NE2 1 
ATOM   478  N N   . LYS A 1 68  ? -0.974  -13.011 7.998   1.00 66.21  ? 66  LYS A N   1 
ATOM   479  C CA  . LYS A 1 68  ? -1.190  -14.248 7.261   1.00 63.46  ? 66  LYS A CA  1 
ATOM   480  C C   . LYS A 1 68  ? -2.667  -14.630 7.232   1.00 63.80  ? 66  LYS A C   1 
ATOM   481  O O   . LYS A 1 68  ? -3.174  -15.110 6.219   1.00 65.54  ? 66  LYS A O   1 
ATOM   482  C CB  . LYS A 1 68  ? -0.373  -15.386 7.864   1.00 67.71  ? 66  LYS A CB  1 
ATOM   483  C CG  . LYS A 1 68  ? -0.456  -16.682 7.074   1.00 66.30  ? 66  LYS A CG  1 
ATOM   484  C CD  . LYS A 1 68  ? 0.093   -17.838 7.883   1.00 85.82  ? 66  LYS A CD  1 
ATOM   485  C CE  . LYS A 1 68  ? 0.011   -19.144 7.116   1.00 107.43 ? 66  LYS A CE  1 
ATOM   486  N NZ  . LYS A 1 68  ? 0.659   -20.249 7.874   1.00 109.09 ? 66  LYS A NZ  1 
ATOM   487  N N   . ALA A 1 69  ? -3.351  -14.420 8.352   1.00 57.92  ? 67  ALA A N   1 
ATOM   488  C CA  . ALA A 1 69  ? -4.770  -14.731 8.445   1.00 57.77  ? 67  ALA A CA  1 
ATOM   489  C C   . ALA A 1 69  ? -5.586  -13.863 7.496   1.00 66.58  ? 67  ALA A C   1 
ATOM   490  O O   . ALA A 1 69  ? -6.531  -14.341 6.869   1.00 62.79  ? 67  ALA A O   1 
ATOM   491  C CB  . ALA A 1 69  ? -5.264  -14.570 9.872   1.00 57.44  ? 67  ALA A CB  1 
ATOM   492  N N   . VAL A 1 70  ? -5.223  -12.590 7.387   1.00 53.82  ? 68  VAL A N   1 
ATOM   493  C CA  . VAL A 1 70  ? -5.917  -11.710 6.456   1.00 63.48  ? 68  VAL A CA  1 
ATOM   494  C C   . VAL A 1 70  ? -5.617  -12.105 5.011   1.00 64.36  ? 68  VAL A C   1 
ATOM   495  O O   . VAL A 1 70  ? -6.519  -12.172 4.177   1.00 65.47  ? 68  VAL A O   1 
ATOM   496  C CB  . VAL A 1 70  ? -5.562  -10.232 6.681   1.00 58.76  ? 68  VAL A CB  1 
ATOM   497  C CG1 . VAL A 1 70  ? -6.180  -9.369  5.588   1.00 57.61  ? 68  VAL A CG1 1 
ATOM   498  C CG2 . VAL A 1 70  ? -6.047  -9.779  8.049   1.00 56.80  ? 68  VAL A CG2 1 
ATOM   499  N N   . SER A 1 71  ? -4.345  -12.386 4.731   1.00 62.40  ? 69  SER A N   1 
ATOM   500  C CA  . SER A 1 71  ? -3.903  -12.727 3.381   1.00 61.67  ? 69  SER A CA  1 
ATOM   501  C C   . SER A 1 71  ? -4.512  -14.027 2.883   1.00 62.87  ? 69  SER A C   1 
ATOM   502  O O   . SER A 1 71  ? -4.733  -14.198 1.686   1.00 66.27  ? 69  SER A O   1 
ATOM   503  C CB  . SER A 1 71  ? -2.381  -12.826 3.325   1.00 58.23  ? 69  SER A CB  1 
ATOM   504  O OG  . SER A 1 71  ? -1.779  -11.606 3.711   1.00 62.11  ? 69  SER A OG  1 
ATOM   505  N N   . ALA A 1 72  ? -4.777  -14.940 3.809   1.00 59.01  ? 70  ALA A N   1 
ATOM   506  C CA  . ALA A 1 72  ? -5.331  -16.245 3.466   1.00 65.45  ? 70  ALA A CA  1 
ATOM   507  C C   . ALA A 1 72  ? -6.756  -16.136 2.926   1.00 65.59  ? 70  ALA A C   1 
ATOM   508  O O   . ALA A 1 72  ? -7.242  -17.050 2.266   1.00 63.98  ? 70  ALA A O   1 
ATOM   509  C CB  . ALA A 1 72  ? -5.286  -17.174 4.674   1.00 58.86  ? 70  ALA A CB  1 
ATOM   510  N N   . THR A 1 73  ? -7.423  -15.019 3.210   1.00 59.48  ? 71  THR A N   1 
ATOM   511  C CA  . THR A 1 73  ? -8.782  -14.796 2.715   1.00 62.80  ? 71  THR A CA  1 
ATOM   512  C C   . THR A 1 73  ? -8.761  -14.329 1.271   1.00 64.45  ? 71  THR A C   1 
ATOM   513  O O   . THR A 1 73  ? -9.806  -14.204 0.636   1.00 68.51  ? 71  THR A O   1 
ATOM   514  C CB  . THR A 1 73  ? -9.525  -13.721 3.523   1.00 59.49  ? 71  THR A CB  1 
ATOM   515  O OG1 . THR A 1 73  ? -8.868  -12.459 3.355   1.00 51.68  ? 71  THR A OG1 1 
ATOM   516  C CG2 . THR A 1 73  ? -9.568  -14.085 4.999   1.00 60.79  ? 71  THR A CG2 1 
ATOM   517  N N   . GLY A 1 74  ? -7.565  -14.055 0.760   1.00 71.19  ? 72  GLY A N   1 
ATOM   518  C CA  . GLY A 1 74  ? -7.422  -13.542 -0.588  1.00 59.13  ? 72  GLY A CA  1 
ATOM   519  C C   . GLY A 1 74  ? -7.208  -12.041 -0.608  1.00 59.62  ? 72  GLY A C   1 
ATOM   520  O O   . GLY A 1 74  ? -6.704  -11.496 -1.584  1.00 57.00  ? 72  GLY A O   1 
ATOM   521  N N   . LEU A 1 75  ? -7.590  -11.365 0.472   1.00 56.03  ? 73  LEU A N   1 
ATOM   522  C CA  . LEU A 1 75  ? -7.417  -9.922  0.547   1.00 52.06  ? 73  LEU A CA  1 
ATOM   523  C C   . LEU A 1 75  ? -5.935  -9.572  0.508   1.00 53.09  ? 73  LEU A C   1 
ATOM   524  O O   . LEU A 1 75  ? -5.096  -10.350 0.957   1.00 52.44  ? 73  LEU A O   1 
ATOM   525  C CB  . LEU A 1 75  ? -8.060  -9.362  1.821   1.00 58.82  ? 73  LEU A CB  1 
ATOM   526  C CG  . LEU A 1 75  ? -9.569  -9.550  1.998   1.00 57.37  ? 73  LEU A CG  1 
ATOM   527  C CD1 . LEU A 1 75  ? -10.003 -9.072  3.374   1.00 61.29  ? 73  LEU A CD1 1 
ATOM   528  C CD2 . LEU A 1 75  ? -10.337 -8.808  0.926   1.00 44.47  ? 73  LEU A CD2 1 
ATOM   529  N N   . ARG A 1 76  ? -5.613  -8.402  -0.030  1.00 57.37  ? 74  ARG A N   1 
ATOM   530  C CA  . ARG A 1 76  ? -4.222  -7.969  -0.093  1.00 55.78  ? 74  ARG A CA  1 
ATOM   531  C C   . ARG A 1 76  ? -3.961  -6.772  0.825   1.00 61.62  ? 74  ARG A C   1 
ATOM   532  O O   . ARG A 1 76  ? -4.507  -5.691  0.620   1.00 61.87  ? 74  ARG A O   1 
ATOM   533  C CB  . ARG A 1 76  ? -3.824  -7.659  -1.540  1.00 57.92  ? 74  ARG A CB  1 
ATOM   534  C CG  . ARG A 1 76  ? -3.830  -8.890  -2.447  1.00 69.28  ? 74  ARG A CG  1 
ATOM   535  C CD  . ARG A 1 76  ? -3.500  -8.543  -3.893  1.00 85.18  ? 74  ARG A CD  1 
ATOM   536  N NE  . ARG A 1 76  ? -4.541  -7.733  -4.519  1.00 94.62  ? 74  ARG A NE  1 
ATOM   537  C CZ  . ARG A 1 76  ? -4.462  -7.234  -5.748  1.00 103.02 ? 74  ARG A CZ  1 
ATOM   538  N NH1 . ARG A 1 76  ? -3.385  -7.458  -6.490  1.00 100.70 ? 74  ARG A NH1 1 
ATOM   539  N NH2 . ARG A 1 76  ? -5.459  -6.506  -6.237  1.00 100.24 ? 74  ARG A NH2 1 
ATOM   540  N N   . VAL A 1 77  ? -3.130  -6.984  1.842   1.00 59.16  ? 75  VAL A N   1 
ATOM   541  C CA  . VAL A 1 77  ? -2.804  -5.943  2.811   1.00 51.78  ? 75  VAL A CA  1 
ATOM   542  C C   . VAL A 1 77  ? -1.775  -4.949  2.280   1.00 51.33  ? 75  VAL A C   1 
ATOM   543  O O   . VAL A 1 77  ? -0.650  -5.325  1.955   1.00 57.73  ? 75  VAL A O   1 
ATOM   544  C CB  . VAL A 1 77  ? -2.233  -6.544  4.096   1.00 61.38  ? 75  VAL A CB  1 
ATOM   545  C CG1 . VAL A 1 77  ? -2.008  -5.443  5.135   1.00 55.74  ? 75  VAL A CG1 1 
ATOM   546  C CG2 . VAL A 1 77  ? -3.159  -7.626  4.630   1.00 55.52  ? 75  VAL A CG2 1 
ATOM   547  N N   . ILE A 1 78  ? -2.156  -3.679  2.204   1.00 53.03  ? 76  ILE A N   1 
ATOM   548  C CA  . ILE A 1 78  ? -1.243  -2.657  1.715   1.00 64.28  ? 76  ILE A CA  1 
ATOM   549  C C   . ILE A 1 78  ? -0.606  -1.852  2.844   1.00 58.63  ? 76  ILE A C   1 
ATOM   550  O O   . ILE A 1 78  ? 0.322   -1.082  2.616   1.00 68.32  ? 76  ILE A O   1 
ATOM   551  C CB  . ILE A 1 78  ? -1.922  -1.717  0.695   1.00 66.72  ? 76  ILE A CB  1 
ATOM   552  C CG1 . ILE A 1 78  ? -3.272  -1.239  1.221   1.00 72.85  ? 76  ILE A CG1 1 
ATOM   553  C CG2 . ILE A 1 78  ? -2.107  -2.431  -0.631  1.00 76.25  ? 76  ILE A CG2 1 
ATOM   554  C CD1 . ILE A 1 78  ? -4.132  -0.560  0.171   1.00 69.63  ? 76  ILE A CD1 1 
ATOM   555  N N   . GLY A 1 79  ? -1.097  -2.040  4.064   1.00 57.74  ? 77  GLY A N   1 
ATOM   556  C CA  . GLY A 1 79  ? -0.519  -1.370  5.214   1.00 60.85  ? 77  GLY A CA  1 
ATOM   557  C C   . GLY A 1 79  ? -1.438  -1.269  6.416   1.00 59.24  ? 77  GLY A C   1 
ATOM   558  O O   . GLY A 1 79  ? -2.476  -1.928  6.489   1.00 58.92  ? 77  GLY A O   1 
ATOM   559  N N   . VAL A 1 80  ? -1.046  -0.432  7.369   1.00 57.35  ? 78  VAL A N   1 
ATOM   560  C CA  . VAL A 1 80  ? -1.770  -0.309  8.630   1.00 60.14  ? 78  VAL A CA  1 
ATOM   561  C C   . VAL A 1 80  ? -2.032  1.155   8.956   1.00 56.37  ? 78  VAL A C   1 
ATOM   562  O O   . VAL A 1 80  ? -1.178  2.008   8.710   1.00 62.46  ? 78  VAL A O   1 
ATOM   563  C CB  . VAL A 1 80  ? -0.973  -0.957  9.784   1.00 68.19  ? 78  VAL A CB  1 
ATOM   564  C CG1 . VAL A 1 80  ? -1.728  -0.840  11.101  1.00 58.44  ? 78  VAL A CG1 1 
ATOM   565  C CG2 . VAL A 1 80  ? -0.669  -2.416  9.469   1.00 52.73  ? 78  VAL A CG2 1 
ATOM   566  N N   . SER A 1 81  ? -3.213  1.447   9.496   1.00 59.67  ? 79  SER A N   1 
ATOM   567  C CA  . SER A 1 81  ? -3.543  2.813   9.902   1.00 69.41  ? 79  SER A CA  1 
ATOM   568  C C   . SER A 1 81  ? -4.100  2.891   11.322  1.00 63.96  ? 79  SER A C   1 
ATOM   569  O O   . SER A 1 81  ? -4.349  1.871   11.967  1.00 67.76  ? 79  SER A O   1 
ATOM   570  C CB  . SER A 1 81  ? -4.550  3.436   8.935   1.00 62.31  ? 79  SER A CB  1 
ATOM   571  O OG  . SER A 1 81  ? -5.842  2.893   9.142   1.00 65.03  ? 79  SER A OG  1 
ATOM   572  N N   . GLY A 1 82  ? -4.299  4.119   11.794  1.00 76.19  ? 80  GLY A N   1 
ATOM   573  C CA  . GLY A 1 82  ? -4.855  4.366   13.112  1.00 77.14  ? 80  GLY A CA  1 
ATOM   574  C C   . GLY A 1 82  ? -3.932  3.972   14.250  1.00 78.39  ? 80  GLY A C   1 
ATOM   575  O O   . GLY A 1 82  ? -4.334  3.980   15.412  1.00 89.33  ? 80  GLY A O   1 
ATOM   576  N N   . CYS A 1 83  ? -2.694  3.622   13.921  1.00 83.91  ? 81  CYS A N   1 
ATOM   577  C CA  . CYS A 1 83  ? -1.755  3.157   14.931  1.00 99.88  ? 81  CYS A CA  1 
ATOM   578  C C   . CYS A 1 83  ? -1.240  4.325   15.757  1.00 104.52 ? 81  CYS A C   1 
ATOM   579  O O   . CYS A 1 83  ? -0.337  5.048   15.334  1.00 104.84 ? 81  CYS A O   1 
ATOM   580  C CB  . CYS A 1 83  ? -0.593  2.399   14.288  1.00 98.88  ? 81  CYS A CB  1 
ATOM   581  S SG  . CYS A 1 83  ? 0.513   1.614   15.485  1.00 121.50 ? 81  CYS A SG  1 
ATOM   582  N N   . LYS A 1 84  ? -1.827  4.447   16.921  1.00 105.10 ? 82  LYS A N   1 
ATOM   583  C CA  . LYS A 1 84  ? -1.515  5.572   17.753  1.00 107.04 ? 82  LYS A CA  1 
ATOM   584  C C   . LYS A 1 84  ? -0.709  5.111   18.966  1.00 109.18 ? 82  LYS A C   1 
ATOM   585  O O   . LYS A 1 84  ? -0.832  5.655   20.042  1.00 109.13 ? 82  LYS A O   1 
ATOM   586  C CB  . LYS A 1 84  ? -2.780  6.384   18.073  1.00 105.61 ? 82  LYS A CB  1 
ATOM   587  C CG  . LYS A 1 84  ? -3.234  7.293   16.913  1.00 99.63  ? 82  LYS A CG  1 
ATOM   588  C CD  . LYS A 1 84  ? -2.153  8.319   16.524  1.00 103.33 ? 82  LYS A CD  1 
ATOM   589  C CE  . LYS A 1 84  ? -1.933  8.462   15.028  1.00 95.22  ? 82  LYS A CE  1 
ATOM   590  N NZ  . LYS A 1 84  ? -3.156  8.937   14.387  1.00 97.63  ? 82  LYS A NZ  1 
ATOM   591  N N   . ASP A 1 85  ? 0.165   4.128   18.750  1.00 107.17 ? 83  ASP A N   1 
ATOM   592  C CA  . ASP A 1 85  ? 1.098   3.608   19.739  1.00 105.64 ? 83  ASP A CA  1 
ATOM   593  C C   . ASP A 1 85  ? 2.512   3.820   19.201  1.00 104.75 ? 83  ASP A C   1 
ATOM   594  O O   . ASP A 1 85  ? 2.707   3.946   17.996  1.00 105.81 ? 83  ASP A O   1 
ATOM   595  C CB  . ASP A 1 85  ? 0.817   2.123   19.977  1.00 111.08 ? 83  ASP A CB  1 
ATOM   596  C CG  . ASP A 1 85  ? 1.589   1.548   21.156  1.00 112.27 ? 83  ASP A CG  1 
ATOM   597  O OD1 . ASP A 1 85  ? 2.691   2.044   21.469  1.00 118.63 ? 83  ASP A OD1 1 
ATOM   598  O OD2 . ASP A 1 85  ? 1.089   0.579   21.769  1.00 118.25 ? 83  ASP A OD2 1 
ATOM   599  N N   . ALA A 1 86  ? 3.495   3.868   20.093  1.00 109.54 ? 84  ALA A N   1 
ATOM   600  C CA  . ALA A 1 86  ? 4.875   4.125   19.688  1.00 109.77 ? 84  ALA A CA  1 
ATOM   601  C C   . ALA A 1 86  ? 5.610   2.841   19.308  1.00 105.90 ? 84  ALA A C   1 
ATOM   602  O O   . ALA A 1 86  ? 6.111   2.711   18.190  1.00 97.26  ? 84  ALA A O   1 
ATOM   603  C CB  . ALA A 1 86  ? 5.625   4.864   20.789  1.00 97.46  ? 84  ALA A CB  1 
ATOM   604  N N   . GLN A 1 87  ? 5.632   1.910   20.241  1.00 102.47 ? 85  GLN A N   1 
ATOM   605  C CA  . GLN A 1 87  ? 6.267   0.633   20.031  1.00 101.02 ? 85  GLN A CA  1 
ATOM   606  C C   . GLN A 1 87  ? 5.565   -0.081  18.907  1.00 100.99 ? 85  GLN A C   1 
ATOM   607  O O   . GLN A 1 87  ? 6.168   -0.517  17.958  1.00 103.79 ? 85  GLN A O   1 
ATOM   608  C CB  . GLN A 1 87  ? 6.165   -0.199  21.294  1.00 99.05  ? 85  GLN A CB  1 
ATOM   609  C CG  . GLN A 1 87  ? 7.160   -1.301  21.362  1.00 91.46  ? 85  GLN A CG  1 
ATOM   610  C CD  . GLN A 1 87  ? 8.563   -0.756  21.530  1.00 106.95 ? 85  GLN A CD  1 
ATOM   611  O OE1 . GLN A 1 87  ? 8.763   0.309   22.123  1.00 100.28 ? 85  GLN A OE1 1 
ATOM   612  N NE2 . GLN A 1 87  ? 9.534   -1.467  21.003  1.00 101.32 ? 85  GLN A NE2 1 
ATOM   613  N N   . LEU A 1 88  ? 4.262   -0.170  19.029  1.00 100.96 ? 86  LEU A N   1 
ATOM   614  C CA  . LEU A 1 88  ? 3.432   -0.905  18.081  1.00 102.65 ? 86  LEU A CA  1 
ATOM   615  C C   . LEU A 1 88  ? 3.664   -0.415  16.657  1.00 99.21  ? 86  LEU A C   1 
ATOM   616  O O   . LEU A 1 88  ? 3.787   -1.210  15.727  1.00 100.41 ? 86  LEU A O   1 
ATOM   617  C CB  . LEU A 1 88  ? 1.957   -0.762  18.452  1.00 100.47 ? 86  LEU A CB  1 
ATOM   618  C CG  . LEU A 1 88  ? 0.938   -1.558  17.640  1.00 106.86 ? 86  LEU A CG  1 
ATOM   619  C CD1 . LEU A 1 88  ? 1.183   -3.042  17.814  1.00 95.25  ? 86  LEU A CD1 1 
ATOM   620  C CD2 . LEU A 1 88  ? -0.471  -1.186  18.074  1.00 100.87 ? 86  LEU A CD2 1 
ATOM   621  N N   . LYS A 1 89  ? 3.691   0.882   16.495  1.00 99.19  ? 87  LYS A N   1 
ATOM   622  C CA  . LYS A 1 89  ? 4.028   1.433   15.224  1.00 101.97 ? 87  LYS A CA  1 
ATOM   623  C C   . LYS A 1 89  ? 5.367   0.915   14.799  1.00 93.09  ? 87  LYS A C   1 
ATOM   624  O O   . LYS A 1 89  ? 5.509   0.401   13.725  1.00 99.41  ? 87  LYS A O   1 
ATOM   625  C CB  . LYS A 1 89  ? 4.069   2.942   15.314  1.00 106.83 ? 87  LYS A CB  1 
ATOM   626  C CG  . LYS A 1 89  ? 3.774   3.646   14.024  1.00 106.35 ? 87  LYS A CG  1 
ATOM   627  C CD  . LYS A 1 89  ? 3.757   5.153   14.196  1.00 110.83 ? 87  LYS A CD  1 
ATOM   628  C CE  . LYS A 1 89  ? 2.662   5.577   15.097  1.00 111.60 ? 87  LYS A CE  1 
ATOM   629  N NZ  . LYS A 1 89  ? 2.801   6.979   15.547  1.00 112.23 ? 87  LYS A NZ  1 
ATOM   630  N N   . ALA A 1 90  ? 6.342   1.036   15.681  1.00 97.58  ? 88  ALA A N   1 
ATOM   631  C CA  . ALA A 1 90  ? 7.709   0.643   15.386  1.00 103.44 ? 88  ALA A CA  1 
ATOM   632  C C   . ALA A 1 90  ? 7.751   -0.819  14.964  1.00 108.68 ? 88  ALA A C   1 
ATOM   633  O O   . ALA A 1 90  ? 8.609   -1.224  14.180  1.00 100.76 ? 88  ALA A O   1 
ATOM   634  C CB  . ALA A 1 90  ? 8.593   0.876   16.594  1.00 97.09  ? 88  ALA A CB  1 
ATOM   635  N N   . GLU A 1 91  ? 6.821   -1.610  15.492  1.00 105.36 ? 89  GLU A N   1 
ATOM   636  C CA  . GLU A 1 91  ? 6.736   -3.021  15.136  1.00 106.65 ? 89  GLU A CA  1 
ATOM   637  C C   . GLU A 1 91  ? 6.342   -3.229  13.679  1.00 101.89 ? 89  GLU A C   1 
ATOM   638  O O   . GLU A 1 91  ? 7.122   -3.753  12.898  1.00 103.30 ? 89  GLU A O   1 
ATOM   639  C CB  . GLU A 1 91  ? 5.759   -3.761  16.053  1.00 101.78 ? 89  GLU A CB  1 
ATOM   640  C CG  . GLU A 1 91  ? 6.261   -3.955  17.475  1.00 102.22 ? 89  GLU A CG  1 
ATOM   641  C CD  . GLU A 1 91  ? 7.626   -4.619  17.532  1.00 105.98 ? 89  GLU A CD  1 
ATOM   642  O OE1 . GLU A 1 91  ? 7.824   -5.654  16.859  1.00 108.14 ? 89  GLU A OE1 1 
ATOM   643  O OE2 . GLU A 1 91  ? 8.503   -4.101  18.252  1.00 94.89  ? 89  GLU A OE2 1 
ATOM   644  N N   . ILE A 1 92  ? 5.130   -2.807  13.329  1.00 104.25 ? 90  ILE A N   1 
ATOM   645  C CA  . ILE A 1 92  ? 4.568   -3.008  11.992  1.00 93.37  ? 90  ILE A CA  1 
ATOM   646  C C   . ILE A 1 92  ? 5.532   -2.665  10.860  1.00 95.20  ? 90  ILE A C   1 
ATOM   647  O O   . ILE A 1 92  ? 5.684   -3.431  9.907   1.00 97.52  ? 90  ILE A O   1 
ATOM   648  C CB  . ILE A 1 92  ? 3.267   -2.193  11.803  1.00 91.92  ? 90  ILE A CB  1 
ATOM   649  C CG1 . ILE A 1 92  ? 2.124   -2.838  12.587  1.00 88.54  ? 90  ILE A CG1 1 
ATOM   650  C CG2 . ILE A 1 92  ? 2.902   -2.072  10.330  1.00 84.68  ? 90  ILE A CG2 1 
ATOM   651  C CD1 . ILE A 1 92  ? 1.519   -1.939  13.646  1.00 87.47  ? 90  ILE A CD1 1 
ATOM   652  N N   . GLU A 1 93  ? 6.201   -1.524  10.976  1.00 101.32 ? 91  GLU A N   1 
ATOM   653  C CA  . GLU A 1 93  ? 7.060   -1.038  9.906   1.00 103.00 ? 91  GLU A CA  1 
ATOM   654  C C   . GLU A 1 93  ? 8.254   -1.969  9.631   1.00 104.67 ? 91  GLU A C   1 
ATOM   655  O O   . GLU A 1 93  ? 8.896   -1.862  8.583   1.00 107.32 ? 91  GLU A O   1 
ATOM   656  C CB  . GLU A 1 93  ? 7.527   0.378   10.225  1.00 105.15 ? 91  GLU A CB  1 
ATOM   657  C CG  . GLU A 1 93  ? 8.051   1.129   9.028   1.00 108.21 ? 91  GLU A CG  1 
ATOM   658  C CD  . GLU A 1 93  ? 8.125   2.614   9.274   1.00 122.76 ? 91  GLU A CD  1 
ATOM   659  O OE1 . GLU A 1 93  ? 7.060   3.235   9.483   1.00 119.62 ? 91  GLU A OE1 1 
ATOM   660  O OE2 . GLU A 1 93  ? 9.248   3.161   9.267   1.00 133.00 ? 91  GLU A OE2 1 
ATOM   661  N N   . LYS A 1 94  ? 8.533   -2.879  10.565  1.00 106.13 ? 92  LYS A N   1 
ATOM   662  C CA  . LYS A 1 94  ? 9.588   -3.888  10.415  1.00 107.14 ? 92  LYS A CA  1 
ATOM   663  C C   . LYS A 1 94  ? 9.440   -5.035  9.411   1.00 99.03  ? 92  LYS A C   1 
ATOM   664  O O   . LYS A 1 94  ? 10.428  -5.585  8.938   1.00 104.56 ? 92  LYS A O   1 
ATOM   665  C CB  . LYS A 1 94  ? 9.705   -4.708  11.718  1.00 109.94 ? 92  LYS A CB  1 
ATOM   666  C CG  . LYS A 1 94  ? 10.212  -3.965  12.965  1.00 107.86 ? 92  LYS A CG  1 
ATOM   667  C CD  . LYS A 1 94  ? 10.263  -4.880  14.210  1.00 103.07 ? 92  LYS A CD  1 
ATOM   668  C CE  . LYS A 1 94  ? 10.791  -4.149  15.452  1.00 105.96 ? 92  LYS A CE  1 
ATOM   669  N NZ  . LYS A 1 94  ? 10.838  -4.986  16.696  1.00 97.84  ? 92  LYS A NZ  1 
ATOM   670  N N   . MET A 1 95  ? 8.205   -5.340  9.095   1.00 98.31  ? 93  MET A N   1 
ATOM   671  C CA  . MET A 1 95  ? 7.933   -6.404  8.198   1.00 99.23  ? 93  MET A CA  1 
ATOM   672  C C   . MET A 1 95  ? 7.620   -5.863  6.820   1.00 97.98  ? 93  MET A C   1 
ATOM   673  O O   . MET A 1 95  ? 7.019   -6.547  6.011   1.00 91.87  ? 93  MET A O   1 
ATOM   674  C CB  . MET A 1 95  ? 6.810   -7.233  8.769   1.00 100.21 ? 93  MET A CB  1 
ATOM   675  C CG  . MET A 1 95  ? 5.758   -6.421  9.402   1.00 109.08 ? 93  MET A CG  1 
ATOM   676  S SD  . MET A 1 95  ? 4.618   -7.314  10.452  1.00 109.48 ? 93  MET A SD  1 
ATOM   677  C CE  . MET A 1 95  ? 4.016   -8.535  9.330   1.00 74.86  ? 93  MET A CE  1 
ATOM   678  N N   . GLY A 1 96  ? 8.053   -4.636  6.557   1.00 94.98  ? 94  GLY A N   1 
ATOM   679  C CA  . GLY A 1 96  ? 7.964   -4.003  5.252   1.00 91.35  ? 94  GLY A CA  1 
ATOM   680  C C   . GLY A 1 96  ? 6.609   -3.369  5.038   1.00 83.72  ? 94  GLY A C   1 
ATOM   681  O O   . GLY A 1 96  ? 6.302   -2.897  3.945   1.00 85.29  ? 94  GLY A O   1 
ATOM   682  N N   . LEU A 1 97  ? 5.796   -3.361  6.090   1.00 85.07  ? 95  LEU A N   1 
ATOM   683  C CA  . LEU A 1 97  ? 4.461   -2.781  6.019   1.00 80.54  ? 95  LEU A CA  1 
ATOM   684  C C   . LEU A 1 97  ? 4.490   -1.293  6.325   1.00 80.57  ? 95  LEU A C   1 
ATOM   685  O O   . LEU A 1 97  ? 4.946   -0.880  7.391   1.00 89.18  ? 95  LEU A O   1 
ATOM   686  C CB  . LEU A 1 97  ? 3.513   -3.491  6.982   1.00 78.71  ? 95  LEU A CB  1 
ATOM   687  C CG  . LEU A 1 97  ? 3.157   -4.926  6.610   1.00 88.33  ? 95  LEU A CG  1 
ATOM   688  C CD1 . LEU A 1 97  ? 2.061   -5.441  7.523   1.00 86.09  ? 95  LEU A CD1 1 
ATOM   689  C CD2 . LEU A 1 97  ? 2.732   -5.002  5.153   1.00 80.82  ? 95  LEU A CD2 1 
ATOM   690  N N   . PRO A 1 98  ? 3.998   -0.478  5.384   1.00 71.18  ? 96  PRO A N   1 
ATOM   691  C CA  . PRO A 1 98  ? 3.956   0.970   5.588   1.00 69.11  ? 96  PRO A CA  1 
ATOM   692  C C   . PRO A 1 98  ? 2.825   1.371   6.533   1.00 70.82  ? 96  PRO A C   1 
ATOM   693  O O   . PRO A 1 98  ? 1.843   0.636   6.676   1.00 66.46  ? 96  PRO A O   1 
ATOM   694  C CB  . PRO A 1 98  ? 3.685   1.505   4.183   1.00 69.36  ? 96  PRO A CB  1 
ATOM   695  C CG  . PRO A 1 98  ? 2.893   0.420   3.528   1.00 65.93  ? 96  PRO A CG  1 
ATOM   696  C CD  . PRO A 1 98  ? 3.430   -0.875  4.083   1.00 70.88  ? 96  PRO A CD  1 
ATOM   697  N N   . ILE A 1 99  ? 2.978   2.520   7.183   1.00 70.47  ? 97  ILE A N   1 
ATOM   698  C CA  . ILE A 1 99  ? 1.905   3.101   7.974   1.00 56.29  ? 97  ILE A CA  1 
ATOM   699  C C   . ILE A 1 99  ? 1.180   4.101   7.090   1.00 60.93  ? 97  ILE A C   1 
ATOM   700  O O   . ILE A 1 99  ? 1.817   4.945   6.458   1.00 73.03  ? 97  ILE A O   1 
ATOM   701  C CB  . ILE A 1 99  ? 2.435   3.840   9.230   1.00 72.09  ? 97  ILE A CB  1 
ATOM   702  C CG1 . ILE A 1 99  ? 2.775   2.857   10.354  1.00 67.81  ? 97  ILE A CG1 1 
ATOM   703  C CG2 . ILE A 1 99  ? 1.399   4.835   9.742   1.00 59.31  ? 97  ILE A CG2 1 
ATOM   704  C CD1 . ILE A 1 99  ? 4.063   2.090   10.157  1.00 86.75  ? 97  ILE A CD1 1 
ATOM   705  N N   . LEU A 1 100 ? -0.144  4.003   7.037   1.00 65.81  ? 98  LEU A N   1 
ATOM   706  C CA  . LEU A 1 100 ? -0.946  4.953   6.272   1.00 70.87  ? 98  LEU A CA  1 
ATOM   707  C C   . LEU A 1 100 ? -1.746  5.871   7.191   1.00 65.02  ? 98  LEU A C   1 
ATOM   708  O O   . LEU A 1 100 ? -2.137  5.477   8.291   1.00 71.24  ? 98  LEU A O   1 
ATOM   709  C CB  . LEU A 1 100 ? -1.878  4.213   5.314   1.00 62.36  ? 98  LEU A CB  1 
ATOM   710  C CG  . LEU A 1 100 ? -1.151  3.288   4.341   1.00 69.30  ? 98  LEU A CG  1 
ATOM   711  C CD1 . LEU A 1 100 ? -1.681  1.876   4.465   1.00 78.89  ? 98  LEU A CD1 1 
ATOM   712  C CD2 . LEU A 1 100 ? -1.297  3.785   2.918   1.00 75.90  ? 98  LEU A CD2 1 
ATOM   713  N N   . THR A 1 101 ? -1.978  7.099   6.739   1.00 73.12  ? 99  THR A N   1 
ATOM   714  C CA  . THR A 1 101 ? -2.752  8.061   7.520   1.00 78.76  ? 99  THR A CA  1 
ATOM   715  C C   . THR A 1 101 ? -3.903  8.643   6.691   1.00 74.56  ? 99  THR A C   1 
ATOM   716  O O   . THR A 1 101 ? -3.750  8.904   5.496   1.00 73.36  ? 99  THR A O   1 
ATOM   717  C CB  . THR A 1 101 ? -1.853  9.189   8.090   1.00 80.08  ? 99  THR A CB  1 
ATOM   718  O OG1 . THR A 1 101 ? -2.627  10.051  8.933   1.00 79.97  ? 99  THR A OG1 1 
ATOM   719  C CG2 . THR A 1 101 ? -1.213  10.003  6.969   1.00 74.95  ? 99  THR A CG2 1 
ATOM   720  N N   . GLU A 1 102 ? -5.058  8.820   7.323   1.00 73.75  ? 100 GLU A N   1 
ATOM   721  C CA  . GLU A 1 102 ? -6.230  9.353   6.638   1.00 80.68  ? 100 GLU A CA  1 
ATOM   722  C C   . GLU A 1 102 ? -6.042  10.832  6.306   1.00 84.67  ? 100 GLU A C   1 
ATOM   723  O O   . GLU A 1 102 ? -5.169  11.487  6.875   1.00 91.29  ? 100 GLU A O   1 
ATOM   724  C CB  . GLU A 1 102 ? -7.489  9.142   7.485   1.00 78.95  ? 100 GLU A CB  1 
ATOM   725  C CG  . GLU A 1 102 ? -7.870  7.681   7.722   1.00 83.70  ? 100 GLU A CG  1 
ATOM   726  C CD  . GLU A 1 102 ? -7.043  7.005   8.807   1.00 100.85 ? 100 GLU A CD  1 
ATOM   727  O OE1 . GLU A 1 102 ? -6.291  7.702   9.523   1.00 93.99  ? 100 GLU A OE1 1 
ATOM   728  O OE2 . GLU A 1 102 ? -7.148  5.766   8.946   1.00 106.93 ? 100 GLU A OE2 1 
ATOM   729  N N   . GLY A 1 103 ? -6.847  11.352  5.380   1.00 83.72  ? 101 GLY A N   1 
ATOM   730  C CA  . GLY A 1 103 ? -6.770  12.763  5.036   1.00 81.78  ? 101 GLY A CA  1 
ATOM   731  C C   . GLY A 1 103 ? -7.291  13.643  6.160   1.00 80.75  ? 101 GLY A C   1 
ATOM   732  O O   . GLY A 1 103 ? -8.246  13.274  6.844   1.00 96.55  ? 101 GLY A O   1 
ATOM   733  N N   . THR B 1 6   ? -19.417 -7.278  14.367  1.00 80.62  ? 4   THR B N   1 
ATOM   734  C CA  . THR B 1 6   ? -18.673 -6.543  15.360  1.00 71.47  ? 4   THR B CA  1 
ATOM   735  C C   . THR B 1 6   ? -17.184 -6.795  15.328  1.00 76.95  ? 4   THR B C   1 
ATOM   736  O O   . THR B 1 6   ? -16.425 -5.892  15.555  1.00 72.96  ? 4   THR B O   1 
ATOM   737  C CB  . THR B 1 6   ? -19.198 -6.830  16.742  1.00 75.70  ? 4   THR B CB  1 
ATOM   738  O OG1 . THR B 1 6   ? -18.593 -5.942  17.675  1.00 83.58  ? 4   THR B OG1 1 
ATOM   739  C CG2 . THR B 1 6   ? -18.884 -8.231  17.147  1.00 83.55  ? 4   THR B CG2 1 
ATOM   740  N N   . PRO B 1 7   ? -16.729 -8.011  15.043  1.00 76.66  ? 5   PRO B N   1 
ATOM   741  C CA  . PRO B 1 7   ? -15.287 -8.161  14.991  1.00 78.17  ? 5   PRO B CA  1 
ATOM   742  C C   . PRO B 1 7   ? -14.651 -7.394  13.878  1.00 81.05  ? 5   PRO B C   1 
ATOM   743  O O   . PRO B 1 7   ? -13.513 -7.038  14.014  1.00 80.01  ? 5   PRO B O   1 
ATOM   744  C CB  . PRO B 1 7   ? -15.123 -9.624  14.712  1.00 76.41  ? 5   PRO B CB  1 
ATOM   745  C CG  . PRO B 1 7   ? -16.325 -10.203 15.161  1.00 81.05  ? 5   PRO B CG  1 
ATOM   746  C CD  . PRO B 1 7   ? -17.380 -9.304  14.876  1.00 73.46  ? 5   PRO B CD  1 
ATOM   747  N N   . ILE B 1 8   ? -15.409 -7.032  12.866  1.00 79.90  ? 6   ILE B N   1 
ATOM   748  C CA  . ILE B 1 8   ? -14.862 -6.326  11.738  1.00 77.48  ? 6   ILE B CA  1 
ATOM   749  C C   . ILE B 1 8   ? -15.762 -5.270  11.167  1.00 76.82  ? 6   ILE B C   1 
ATOM   750  O O   . ILE B 1 8   ? -16.967 -5.352  11.243  1.00 76.11  ? 6   ILE B O   1 
ATOM   751  C CB  . ILE B 1 8   ? -14.505 -7.311  10.637  1.00 72.59  ? 6   ILE B CB  1 
ATOM   752  C CG1 . ILE B 1 8   ? -13.394 -8.179  11.117  1.00 69.42  ? 6   ILE B CG1 1 
ATOM   753  C CG2 . ILE B 1 8   ? -14.231 -6.643  9.310   1.00 58.89  ? 6   ILE B CG2 1 
ATOM   754  C CD1 . ILE B 1 8   ? -13.218 -9.249  10.225  1.00 59.91  ? 6   ILE B CD1 1 
ATOM   755  N N   . GLU B 1 9   ? -15.163 -4.246  10.606  1.00 78.35  ? 7   GLU B N   1 
ATOM   756  C CA  . GLU B 1 9   ? -15.880 -3.324  9.781   1.00 82.83  ? 7   GLU B CA  1 
ATOM   757  C C   . GLU B 1 9   ? -15.087 -3.136  8.530   1.00 75.03  ? 7   GLU B C   1 
ATOM   758  O O   . GLU B 1 9   ? -13.906 -3.010  8.593   1.00 75.09  ? 7   GLU B O   1 
ATOM   759  C CB  . GLU B 1 9   ? -15.988 -1.966  10.442  1.00 78.61  ? 7   GLU B CB  1 
ATOM   760  C CG  . GLU B 1 9   ? -16.541 -1.916  11.807  1.00 83.15  ? 7   GLU B CG  1 
ATOM   761  C CD  . GLU B 1 9   ? -16.732 -0.486  12.258  1.00 100.09 ? 7   GLU B CD  1 
ATOM   762  O OE1 . GLU B 1 9   ? -16.819 0.399   11.386  1.00 98.85  ? 7   GLU B OE1 1 
ATOM   763  O OE2 . GLU B 1 9   ? -16.776 -0.238  13.472  1.00 101.35 ? 7   GLU B OE2 1 
ATOM   764  N N   . LEU B 1 10  ? -15.764 -3.090  7.398   1.00 66.74  ? 8   LEU B N   1 
ATOM   765  C CA  . LEU B 1 10  ? -15.118 -2.755  6.160   1.00 67.59  ? 8   LEU B CA  1 
ATOM   766  C C   . LEU B 1 10  ? -15.779 -1.599  5.528   1.00 76.51  ? 8   LEU B C   1 
ATOM   767  O O   . LEU B 1 10  ? -16.887 -1.672  5.125   1.00 84.32  ? 8   LEU B O   1 
ATOM   768  C CB  . LEU B 1 10  ? -15.149 -3.902  5.187   1.00 69.24  ? 8   LEU B CB  1 
ATOM   769  C CG  . LEU B 1 10  ? -14.219 -3.668  4.004   1.00 80.49  ? 8   LEU B CG  1 
ATOM   770  C CD1 . LEU B 1 10  ? -12.940 -4.301  4.262   1.00 72.73  ? 8   LEU B CD1 1 
ATOM   771  C CD2 . LEU B 1 10  ? -14.719 -4.202  2.707   1.00 78.95  ? 8   LEU B CD2 1 
ATOM   772  N N   . LYS B 1 11  ? -15.078 -0.505  5.445   1.00 74.68  ? 9   LYS B N   1 
ATOM   773  C CA  . LYS B 1 11  ? -15.580 0.677   4.810   1.00 81.94  ? 9   LYS B CA  1 
ATOM   774  C C   . LYS B 1 11  ? -14.477 1.411   4.086   1.00 76.26  ? 9   LYS B C   1 
ATOM   775  O O   . LYS B 1 11  ? -13.340 1.235   4.364   1.00 70.70  ? 9   LYS B O   1 
ATOM   776  C CB  . LYS B 1 11  ? -16.212 1.570   5.851   1.00 77.83  ? 9   LYS B CB  1 
ATOM   777  C CG  . LYS B 1 11  ? -17.421 0.961   6.412   1.00 83.95  ? 9   LYS B CG  1 
ATOM   778  C CD  . LYS B 1 11  ? -18.083 1.798   7.474   1.00 96.35  ? 9   LYS B CD  1 
ATOM   779  C CE  . LYS B 1 11  ? -19.342 1.122   7.996   1.00 92.30  ? 9   LYS B CE  1 
ATOM   780  N NZ  . LYS B 1 11  ? -20.027 1.866   9.049   1.00 98.80  ? 9   LYS B NZ  1 
ATOM   781  N N   . GLY B 1 12  ? -14.838 2.238   3.146   1.00 77.03  ? 10  GLY B N   1 
ATOM   782  C CA  . GLY B 1 12  ? -13.857 3.006   2.412   1.00 66.82  ? 10  GLY B CA  1 
ATOM   783  C C   . GLY B 1 12  ? -13.492 4.249   3.190   1.00 70.44  ? 10  GLY B C   1 
ATOM   784  O O   . GLY B 1 12  ? -14.341 4.849   3.847   1.00 79.00  ? 10  GLY B O   1 
ATOM   785  N N   . SER B 1 13  ? -12.219 4.623   3.136   1.00 76.24  ? 11  SER B N   1 
ATOM   786  C CA  . SER B 1 13  ? -11.759 5.872   3.732   1.00 69.68  ? 11  SER B CA  1 
ATOM   787  C C   . SER B 1 13  ? -10.773 6.541   2.788   1.00 68.78  ? 11  SER B C   1 
ATOM   788  O O   . SER B 1 13  ? -10.168 5.882   1.943   1.00 66.97  ? 11  SER B O   1 
ATOM   789  C CB  . SER B 1 13  ? -11.103 5.633   5.094   1.00 70.65  ? 11  SER B CB  1 
ATOM   790  O OG  . SER B 1 13  ? -12.027 5.094   6.023   1.00 77.97  ? 11  SER B OG  1 
ATOM   791  N N   . SER B 1 14  ? -10.618 7.851   2.925   1.00 70.82  ? 12  SER B N   1 
ATOM   792  C CA  . SER B 1 14  ? -9.704  8.586   2.064   1.00 65.25  ? 12  SER B CA  1 
ATOM   793  C C   . SER B 1 14  ? -8.336  8.704   2.718   1.00 63.36  ? 12  SER B C   1 
ATOM   794  O O   . SER B 1 14  ? -8.231  8.984   3.913   1.00 74.72  ? 12  SER B O   1 
ATOM   795  C CB  . SER B 1 14  ? -10.260 9.973   1.750   1.00 58.57  ? 12  SER B CB  1 
ATOM   796  O OG  . SER B 1 14  ? -9.570  10.557  0.661   1.00 87.55  ? 12  SER B OG  1 
ATOM   797  N N   . PHE B 1 15  ? -7.290  8.488   1.930   1.00 64.64  ? 13  PHE B N   1 
ATOM   798  C CA  . PHE B 1 15  ? -5.924  8.569   2.432   1.00 65.71  ? 13  PHE B CA  1 
ATOM   799  C C   . PHE B 1 15  ? -5.096  9.519   1.586   1.00 64.23  ? 13  PHE B C   1 
ATOM   800  O O   . PHE B 1 15  ? -5.086  9.423   0.360   1.00 70.16  ? 13  PHE B O   1 
ATOM   801  C CB  . PHE B 1 15  ? -5.267  7.189   2.432   1.00 61.66  ? 13  PHE B CB  1 
ATOM   802  C CG  . PHE B 1 15  ? -5.868  6.230   3.415   1.00 61.59  ? 13  PHE B CG  1 
ATOM   803  C CD1 . PHE B 1 15  ? -5.235  5.964   4.616   1.00 64.45  ? 13  PHE B CD1 1 
ATOM   804  C CD2 . PHE B 1 15  ? -7.067  5.594   3.142   1.00 67.87  ? 13  PHE B CD2 1 
ATOM   805  C CE1 . PHE B 1 15  ? -5.785  5.081   5.525   1.00 61.69  ? 13  PHE B CE1 1 
ATOM   806  C CE2 . PHE B 1 15  ? -7.623  4.713   4.047   1.00 70.60  ? 13  PHE B CE2 1 
ATOM   807  C CZ  . PHE B 1 15  ? -6.979  4.453   5.240   1.00 61.53  ? 13  PHE B CZ  1 
ATOM   808  N N   . THR B 1 16  ? -4.403  10.439  2.242   1.00 60.11  ? 14  THR B N   1 
ATOM   809  C CA  . THR B 1 16  ? -3.490  11.335  1.549   1.00 60.19  ? 14  THR B CA  1 
ATOM   810  C C   . THR B 1 16  ? -2.142  10.633  1.370   1.00 67.90  ? 14  THR B C   1 
ATOM   811  O O   . THR B 1 16  ? -1.488  10.260  2.345   1.00 71.48  ? 14  THR B O   1 
ATOM   812  C CB  . THR B 1 16  ? -3.337  12.676  2.304   1.00 67.66  ? 14  THR B CB  1 
ATOM   813  O OG1 . THR B 1 16  ? -2.217  13.402  1.782   1.00 70.77  ? 14  THR B OG1 1 
ATOM   814  C CG2 . THR B 1 16  ? -3.132  12.441  3.795   1.00 75.34  ? 14  THR B CG2 1 
ATOM   815  N N   . LEU B 1 17  ? -1.734  10.432  0.119   1.00 72.60  ? 15  LEU B N   1 
ATOM   816  C CA  . LEU B 1 17  ? -0.564  9.602   -0.161  1.00 64.17  ? 15  LEU B CA  1 
ATOM   817  C C   . LEU B 1 17  ? 0.523   10.275  -0.990  1.00 56.09  ? 15  LEU B C   1 
ATOM   818  O O   . LEU B 1 17  ? 0.252   11.167  -1.796  1.00 57.53  ? 15  LEU B O   1 
ATOM   819  C CB  . LEU B 1 17  ? -0.989  8.299   -0.840  1.00 61.74  ? 15  LEU B CB  1 
ATOM   820  C CG  . LEU B 1 17  ? -1.736  7.326   0.070   1.00 69.95  ? 15  LEU B CG  1 
ATOM   821  C CD1 . LEU B 1 17  ? -2.252  6.125   -0.705  1.00 59.58  ? 15  LEU B CD1 1 
ATOM   822  C CD2 . LEU B 1 17  ? -0.831  6.886   1.213   1.00 62.48  ? 15  LEU B CD2 1 
ATOM   823  N N   . SER B 1 18  ? 1.759   9.834   -0.777  1.00 56.54  ? 16  SER B N   1 
ATOM   824  C CA  . SER B 1 18  ? 2.874   10.254  -1.609  1.00 62.19  ? 16  SER B CA  1 
ATOM   825  C C   . SER B 1 18  ? 2.752   9.584   -2.970  1.00 65.76  ? 16  SER B C   1 
ATOM   826  O O   . SER B 1 18  ? 2.668   8.358   -3.068  1.00 60.15  ? 16  SER B O   1 
ATOM   827  C CB  . SER B 1 18  ? 4.205   9.861   -0.966  1.00 61.24  ? 16  SER B CB  1 
ATOM   828  O OG  . SER B 1 18  ? 4.365   10.464  0.304   1.00 59.87  ? 16  SER B OG  1 
ATOM   829  N N   . VAL B 1 19  ? 2.733   10.393  -4.020  1.00 56.29  ? 17  VAL B N   1 
ATOM   830  C CA  . VAL B 1 19  ? 2.722   9.866   -5.372  1.00 62.78  ? 17  VAL B CA  1 
ATOM   831  C C   . VAL B 1 19  ? 3.988   10.277  -6.106  1.00 62.76  ? 17  VAL B C   1 
ATOM   832  O O   . VAL B 1 19  ? 4.253   11.462  -6.292  1.00 70.65  ? 17  VAL B O   1 
ATOM   833  C CB  . VAL B 1 19  ? 1.508   10.362  -6.162  1.00 65.05  ? 17  VAL B CB  1 
ATOM   834  C CG1 . VAL B 1 19  ? 1.565   9.835   -7.582  1.00 67.90  ? 17  VAL B CG1 1 
ATOM   835  C CG2 . VAL B 1 19  ? 0.221   9.933   -5.477  1.00 61.58  ? 17  VAL B CG2 1 
ATOM   836  N N   . VAL B 1 20  ? 4.772   9.290   -6.513  1.00 63.39  ? 18  VAL B N   1 
ATOM   837  C CA  . VAL B 1 20  ? 5.953   9.541   -7.321  1.00 64.84  ? 18  VAL B CA  1 
ATOM   838  C C   . VAL B 1 20  ? 5.598   9.474   -8.800  1.00 69.01  ? 18  VAL B C   1 
ATOM   839  O O   . VAL B 1 20  ? 5.321   8.396   -9.324  1.00 60.48  ? 18  VAL B O   1 
ATOM   840  C CB  . VAL B 1 20  ? 7.039   8.497   -7.051  1.00 66.62  ? 18  VAL B CB  1 
ATOM   841  C CG1 . VAL B 1 20  ? 8.223   8.723   -7.979  1.00 64.92  ? 18  VAL B CG1 1 
ATOM   842  C CG2 . VAL B 1 20  ? 7.466   8.547   -5.593  1.00 57.06  ? 18  VAL B CG2 1 
ATOM   843  N N   . HIS B 1 21  ? 5.600   10.624  -9.467  1.00 61.09  ? 19  HIS B N   1 
ATOM   844  C CA  . HIS B 1 21  ? 5.349   10.672  -10.901 1.00 69.94  ? 19  HIS B CA  1 
ATOM   845  C C   . HIS B 1 21  ? 6.613   10.320  -11.679 1.00 71.45  ? 19  HIS B C   1 
ATOM   846  O O   . HIS B 1 21  ? 7.581   11.078  -11.694 1.00 68.79  ? 19  HIS B O   1 
ATOM   847  C CB  . HIS B 1 21  ? 4.842   12.053  -11.316 1.00 69.89  ? 19  HIS B CB  1 
ATOM   848  C CG  . HIS B 1 21  ? 3.426   12.321  -10.912 1.00 72.03  ? 19  HIS B CG  1 
ATOM   849  N ND1 . HIS B 1 21  ? 3.047   12.482  -9.597  1.00 65.75  ? 19  HIS B ND1 1 
ATOM   850  C CD2 . HIS B 1 21  ? 2.298   12.449  -11.650 1.00 67.73  ? 19  HIS B CD2 1 
ATOM   851  C CE1 . HIS B 1 21  ? 1.745   12.702  -9.543  1.00 70.87  ? 19  HIS B CE1 1 
ATOM   852  N NE2 . HIS B 1 21  ? 1.266   12.686  -10.773 1.00 65.50  ? 19  HIS B NE2 1 
ATOM   853  N N   . LEU B 1 22  ? 6.598   9.161   -12.324 1.00 69.93  ? 20  LEU B N   1 
ATOM   854  C CA  . LEU B 1 22  ? 7.752   8.706   -13.082 1.00 72.22  ? 20  LEU B CA  1 
ATOM   855  C C   . LEU B 1 22  ? 7.789   9.348   -14.456 1.00 79.05  ? 20  LEU B C   1 
ATOM   856  O O   . LEU B 1 22  ? 6.773   9.423   -15.145 1.00 81.57  ? 20  LEU B O   1 
ATOM   857  C CB  . LEU B 1 22  ? 7.728   7.190   -13.218 1.00 62.76  ? 20  LEU B CB  1 
ATOM   858  C CG  . LEU B 1 22  ? 7.820   6.452   -11.885 1.00 75.71  ? 20  LEU B CG  1 
ATOM   859  C CD1 . LEU B 1 22  ? 7.820   4.953   -12.112 1.00 71.92  ? 20  LEU B CD1 1 
ATOM   860  C CD2 . LEU B 1 22  ? 9.065   6.886   -11.133 1.00 69.60  ? 20  LEU B CD2 1 
ATOM   861  N N   . HIS B 1 23  ? 8.965   9.814   -14.854 1.00 83.26  ? 21  HIS B N   1 
ATOM   862  C CA  . HIS B 1 23  ? 9.134   10.387  -16.186 1.00 94.99  ? 21  HIS B CA  1 
ATOM   863  C C   . HIS B 1 23  ? 10.152  9.597   -17.013 1.00 106.17 ? 21  HIS B C   1 
ATOM   864  O O   . HIS B 1 23  ? 10.769  8.655   -16.509 1.00 101.23 ? 21  HIS B O   1 
ATOM   865  C CB  . HIS B 1 23  ? 9.513   11.868  -16.094 1.00 90.56  ? 21  HIS B CB  1 
ATOM   866  C CG  . HIS B 1 23  ? 8.432   12.726  -15.520 1.00 83.89  ? 21  HIS B CG  1 
ATOM   867  N ND1 . HIS B 1 23  ? 7.529   13.411  -16.305 1.00 98.69  ? 21  HIS B ND1 1 
ATOM   868  C CD2 . HIS B 1 23  ? 8.087   12.990  -14.236 1.00 83.08  ? 21  HIS B CD2 1 
ATOM   869  C CE1 . HIS B 1 23  ? 6.685   14.070  -15.531 1.00 92.49  ? 21  HIS B CE1 1 
ATOM   870  N NE2 . HIS B 1 23  ? 7.002   13.830  -14.271 1.00 90.08  ? 21  HIS B NE2 1 
ATOM   871  N N   . GLU B 1 24  ? 10.323  9.978   -18.267 1.00 117.32 ? 22  GLU B N   1 
ATOM   872  C CA  . GLU B 1 24  ? 11.148  9.200   -19.174 1.00 124.79 ? 22  GLU B CA  1 
ATOM   873  C C   . GLU B 1 24  ? 12.492  8.863   -18.539 1.00 122.85 ? 22  GLU B C   1 
ATOM   874  O O   . GLU B 1 24  ? 13.347  9.729   -18.417 1.00 124.19 ? 22  GLU B O   1 
ATOM   875  C CB  . GLU B 1 24  ? 11.349  9.966   -20.488 1.00 128.14 ? 22  GLU B CB  1 
ATOM   876  C CG  . GLU B 1 24  ? 10.086  10.624  -21.035 1.00 131.64 ? 22  GLU B CG  1 
ATOM   877  C CD  . GLU B 1 24  ? 10.276  11.241  -22.414 1.00 134.90 ? 22  GLU B CD  1 
ATOM   878  O OE1 . GLU B 1 24  ? 11.335  11.864  -22.652 1.00 130.39 ? 22  GLU B OE1 1 
ATOM   879  O OE2 . GLU B 1 24  ? 9.359   11.105  -23.254 1.00 127.76 ? 22  GLU B OE2 1 
ATOM   880  N N   . ALA B 1 25  ? 12.712  7.619   -18.134 1.00 114.53 ? 23  ALA B N   1 
ATOM   881  C CA  . ALA B 1 25  ? 14.043  7.339   -17.623 1.00 109.06 ? 23  ALA B CA  1 
ATOM   882  C C   . ALA B 1 25  ? 14.430  5.927   -17.195 1.00 103.91 ? 23  ALA B C   1 
ATOM   883  O O   . ALA B 1 25  ? 13.641  4.992   -17.206 1.00 93.21  ? 23  ALA B O   1 
ATOM   884  C CB  . ALA B 1 25  ? 14.395  8.339   -16.540 1.00 105.14 ? 23  ALA B CB  1 
ATOM   885  N N   . GLU B 1 26  ? 15.698  5.833   -16.820 1.00 100.14 ? 24  GLU B N   1 
ATOM   886  C CA  . GLU B 1 26  ? 16.397  4.603   -16.553 1.00 95.88  ? 24  GLU B CA  1 
ATOM   887  C C   . GLU B 1 26  ? 16.440  4.271   -15.069 1.00 101.18 ? 24  GLU B C   1 
ATOM   888  O O   . GLU B 1 26  ? 16.961  5.021   -14.253 1.00 99.18  ? 24  GLU B O   1 
ATOM   889  C CB  . GLU B 1 26  ? 17.811  4.741   -17.091 1.00 95.66  ? 24  GLU B CB  1 
ATOM   890  C CG  . GLU B 1 26  ? 18.638  3.472   -17.041 1.00 108.83 ? 24  GLU B CG  1 
ATOM   891  C CD  . GLU B 1 26  ? 19.325  3.160   -18.355 1.00 108.28 ? 24  GLU B CD  1 
ATOM   892  O OE1 . GLU B 1 26  ? 19.913  4.070   -18.960 1.00 96.01  ? 24  GLU B OE1 1 
ATOM   893  O OE2 . GLU B 1 26  ? 19.278  1.993   -18.779 1.00 109.72 ? 24  GLU B OE2 1 
ATOM   894  N N   . PRO B 1 27  ? 15.898  3.118   -14.739 1.00 96.14  ? 25  PRO B N   1 
ATOM   895  C CA  . PRO B 1 27  ? 15.816  2.637   -13.355 1.00 89.50  ? 25  PRO B CA  1 
ATOM   896  C C   . PRO B 1 27  ? 16.917  3.209   -12.449 1.00 88.81  ? 25  PRO B C   1 
ATOM   897  O O   . PRO B 1 27  ? 16.626  3.631   -11.327 1.00 81.81  ? 25  PRO B O   1 
ATOM   898  C CB  . PRO B 1 27  ? 15.976  1.120   -13.505 1.00 84.39  ? 25  PRO B CB  1 
ATOM   899  C CG  . PRO B 1 27  ? 15.537  0.807   -14.925 1.00 91.80  ? 25  PRO B CG  1 
ATOM   900  C CD  . PRO B 1 27  ? 15.407  2.105   -15.691 1.00 93.34  ? 25  PRO B CD  1 
ATOM   901  N N   . LYS B 1 28  ? 18.139  3.289   -12.935 1.00 93.80  ? 26  LYS B N   1 
ATOM   902  C CA  . LYS B 1 28  ? 19.219  3.820   -12.128 1.00 90.75  ? 26  LYS B CA  1 
ATOM   903  C C   . LYS B 1 28  ? 19.002  5.284   -11.865 1.00 86.33  ? 26  LYS B C   1 
ATOM   904  O O   . LYS B 1 28  ? 19.285  5.743   -10.799 1.00 82.86  ? 26  LYS B O   1 
ATOM   905  C CB  . LYS B 1 28  ? 20.572  3.614   -12.790 1.00 84.88  ? 26  LYS B CB  1 
ATOM   906  C CG  . LYS B 1 28  ? 21.748  4.088   -11.953 1.00 96.77  ? 26  LYS B CG  1 
ATOM   907  C CD  . LYS B 1 28  ? 23.074  3.823   -12.623 1.00 109.12 ? 26  LYS B CD  1 
ATOM   908  C CE  . LYS B 1 28  ? 24.199  4.327   -11.774 1.00 108.28 ? 26  LYS B CE  1 
ATOM   909  N NZ  . LYS B 1 28  ? 25.503  4.083   -12.402 1.00 94.13  ? 26  LYS B NZ  1 
ATOM   910  N N   . VAL B 1 29  ? 18.430  5.970   -12.815 1.00 84.83  ? 27  VAL B N   1 
ATOM   911  C CA  . VAL B 1 29  ? 18.232  7.373   -12.685 1.00 86.42  ? 27  VAL B CA  1 
ATOM   912  C C   . VAL B 1 29  ? 17.107  7.652   -11.733 1.00 85.90  ? 27  VAL B C   1 
ATOM   913  O O   . VAL B 1 29  ? 17.203  8.548   -10.913 1.00 88.94  ? 27  VAL B O   1 
ATOM   914  C CB  . VAL B 1 29  ? 17.941  7.957   -14.035 1.00 96.19  ? 27  VAL B CB  1 
ATOM   915  C CG1 . VAL B 1 29  ? 17.543  9.371   -13.921 1.00 87.85  ? 27  VAL B CG1 1 
ATOM   916  C CG2 . VAL B 1 29  ? 19.172  7.837   -14.882 1.00 98.87  ? 27  VAL B CG2 1 
ATOM   917  N N   . ILE B 1 30  ? 16.049  6.872   -11.838 1.00 77.22  ? 28  ILE B N   1 
ATOM   918  C CA  . ILE B 1 30  ? 14.918  6.963   -10.923 1.00 75.68  ? 28  ILE B CA  1 
ATOM   919  C C   . ILE B 1 30  ? 15.357  6.680   -9.488  1.00 70.07  ? 28  ILE B C   1 
ATOM   920  O O   . ILE B 1 30  ? 14.973  7.391   -8.559  1.00 68.76  ? 28  ILE B O   1 
ATOM   921  C CB  . ILE B 1 30  ? 13.802  5.985   -11.304 1.00 66.53  ? 28  ILE B CB  1 
ATOM   922  C CG1 . ILE B 1 30  ? 13.249  6.322   -12.690 1.00 77.38  ? 28  ILE B CG1 1 
ATOM   923  C CG2 . ILE B 1 30  ? 12.696  6.021   -10.264 1.00 64.65  ? 28  ILE B CG2 1 
ATOM   924  C CD1 . ILE B 1 30  ? 12.520  7.642   -12.754 1.00 72.18  ? 28  ILE B CD1 1 
ATOM   925  N N   . HIS B 1 31  ? 16.173  5.645   -9.316  1.00 67.45  ? 29  HIS B N   1 
ATOM   926  C CA  . HIS B 1 31  ? 16.720  5.313   -8.007  1.00 71.33  ? 29  HIS B CA  1 
ATOM   927  C C   . HIS B 1 31  ? 17.561  6.467   -7.469  1.00 78.17  ? 29  HIS B C   1 
ATOM   928  O O   . HIS B 1 31  ? 17.553  6.753   -6.272  1.00 82.32  ? 29  HIS B O   1 
ATOM   929  C CB  . HIS B 1 31  ? 17.579  4.052   -8.088  1.00 69.55  ? 29  HIS B CB  1 
ATOM   930  C CG  . HIS B 1 31  ? 18.212  3.675   -6.786  1.00 74.48  ? 29  HIS B CG  1 
ATOM   931  N ND1 . HIS B 1 31  ? 17.573  2.897   -5.845  1.00 73.64  ? 29  HIS B ND1 1 
ATOM   932  C CD2 . HIS B 1 31  ? 19.420  3.988   -6.258  1.00 74.94  ? 29  HIS B CD2 1 
ATOM   933  C CE1 . HIS B 1 31  ? 18.363  2.737   -4.799  1.00 79.14  ? 29  HIS B CE1 1 
ATOM   934  N NE2 . HIS B 1 31  ? 19.489  3.388   -5.024  1.00 77.31  ? 29  HIS B NE2 1 
ATOM   935  N N   . GLN B 1 32  ? 18.287  7.121   -8.370  1.00 75.24  ? 30  GLN B N   1 
ATOM   936  C CA  . GLN B 1 32  ? 19.126  8.257   -8.020  1.00 74.09  ? 30  GLN B CA  1 
ATOM   937  C C   . GLN B 1 32  ? 18.273  9.425   -7.537  1.00 75.23  ? 30  GLN B C   1 
ATOM   938  O O   . GLN B 1 32  ? 18.561  10.038  -6.508  1.00 72.85  ? 30  GLN B O   1 
ATOM   939  C CB  . GLN B 1 32  ? 19.950  8.687   -9.234  1.00 83.10  ? 30  GLN B CB  1 
ATOM   940  C CG  . GLN B 1 32  ? 20.911  9.835   -8.980  1.00 99.35  ? 30  GLN B CG  1 
ATOM   941  C CD  . GLN B 1 32  ? 22.251  9.370   -8.444  1.00 110.45 ? 30  GLN B CD  1 
ATOM   942  O OE1 . GLN B 1 32  ? 22.370  8.988   -7.279  1.00 108.67 ? 30  GLN B OE1 1 
ATOM   943  N NE2 . GLN B 1 32  ? 23.270  9.398   -9.297  1.00 122.13 ? 30  GLN B NE2 1 
ATOM   944  N N   . ALA B 1 33  ? 17.217  9.726   -8.287  1.00 72.38  ? 31  ALA B N   1 
ATOM   945  C CA  . ALA B 1 33  ? 16.377  10.876  -7.994  1.00 67.60  ? 31  ALA B CA  1 
ATOM   946  C C   . ALA B 1 33  ? 15.613  10.694  -6.688  1.00 74.36  ? 31  ALA B C   1 
ATOM   947  O O   . ALA B 1 33  ? 15.448  11.643  -5.923  1.00 70.61  ? 31  ALA B O   1 
ATOM   948  C CB  . ALA B 1 33  ? 15.423  11.141  -9.137  1.00 59.86  ? 31  ALA B CB  1 
ATOM   949  N N   . LEU B 1 34  ? 15.165  9.470   -6.430  1.00 65.51  ? 32  LEU B N   1 
ATOM   950  C CA  . LEU B 1 34  ? 14.416  9.180   -5.215  1.00 66.42  ? 32  LEU B CA  1 
ATOM   951  C C   . LEU B 1 34  ? 15.249  9.364   -3.951  1.00 68.96  ? 32  LEU B C   1 
ATOM   952  O O   . LEU B 1 34  ? 14.789  9.977   -2.988  1.00 64.69  ? 32  LEU B O   1 
ATOM   953  C CB  . LEU B 1 34  ? 13.819  7.775   -5.263  1.00 59.53  ? 32  LEU B CB  1 
ATOM   954  C CG  . LEU B 1 34  ? 12.549  7.676   -6.110  1.00 70.47  ? 32  LEU B CG  1 
ATOM   955  C CD1 . LEU B 1 34  ? 11.974  6.276   -6.062  1.00 68.99  ? 32  LEU B CD1 1 
ATOM   956  C CD2 . LEU B 1 34  ? 11.525  8.686   -5.629  1.00 57.74  ? 32  LEU B CD2 1 
ATOM   957  N N   . GLU B 1 35  ? 16.472  8.838   -3.961  1.00 68.29  ? 33  GLU B N   1 
ATOM   958  C CA  . GLU B 1 35  ? 17.358  8.941   -2.803  1.00 70.71  ? 33  GLU B CA  1 
ATOM   959  C C   . GLU B 1 35  ? 17.614  10.394  -2.436  1.00 72.53  ? 33  GLU B C   1 
ATOM   960  O O   . GLU B 1 35  ? 17.745  10.735  -1.259  1.00 69.57  ? 33  GLU B O   1 
ATOM   961  C CB  . GLU B 1 35  ? 18.689  8.234   -3.068  1.00 70.59  ? 33  GLU B CB  1 
ATOM   962  C CG  . GLU B 1 35  ? 18.587  6.727   -3.228  1.00 78.49  ? 33  GLU B CG  1 
ATOM   963  C CD  . GLU B 1 35  ? 18.363  5.998   -1.914  1.00 80.39  ? 33  GLU B CD  1 
ATOM   964  O OE1 . GLU B 1 35  ? 18.213  6.664   -0.868  1.00 89.19  ? 33  GLU B OE1 1 
ATOM   965  O OE2 . GLU B 1 35  ? 18.340  4.748   -1.926  1.00 87.68  ? 33  GLU B OE2 1 
ATOM   966  N N   . ASP B 1 36  ? 17.677  11.247  -3.453  1.00 68.94  ? 34  ASP B N   1 
ATOM   967  C CA  . ASP B 1 36  ? 17.912  12.667  -3.236  1.00 68.58  ? 34  ASP B CA  1 
ATOM   968  C C   . ASP B 1 36  ? 16.704  13.361  -2.615  1.00 72.03  ? 34  ASP B C   1 
ATOM   969  O O   . ASP B 1 36  ? 16.861  14.301  -1.848  1.00 63.41  ? 34  ASP B O   1 
ATOM   970  C CB  . ASP B 1 36  ? 18.334  13.359  -4.535  1.00 68.88  ? 34  ASP B CB  1 
ATOM   971  C CG  . ASP B 1 36  ? 19.778  13.066  -4.910  1.00 85.13  ? 34  ASP B CG  1 
ATOM   972  O OD1 . ASP B 1 36  ? 20.601  12.859  -3.989  1.00 83.74  ? 34  ASP B OD1 1 
ATOM   973  O OD2 . ASP B 1 36  ? 20.093  13.045  -6.120  1.00 85.82  ? 34  ASP B OD2 1 
ATOM   974  N N   . LYS B 1 37  ? 15.505  12.878  -2.906  1.00 62.26  ? 35  LYS B N   1 
ATOM   975  C CA  . LYS B 1 37  ? 14.332  13.451  -2.276  1.00 68.59  ? 35  LYS B CA  1 
ATOM   976  C C   . LYS B 1 37  ? 14.198  13.021  -0.861  1.00 66.78  ? 35  LYS B C   1 
ATOM   977  O O   . LYS B 1 37  ? 13.905  13.809  -0.011  1.00 62.80  ? 35  LYS B O   1 
ATOM   978  C CB  . LYS B 1 37  ? 13.048  13.110  -2.996  1.00 59.88  ? 35  LYS B CB  1 
ATOM   979  C CG  . LYS B 1 37  ? 12.921  13.739  -4.268  1.00 68.85  ? 35  LYS B CG  1 
ATOM   980  C CD  . LYS B 1 37  ? 11.875  14.739  -4.314  1.00 69.89  ? 35  LYS B CD  1 
ATOM   981  C CE  . LYS B 1 37  ? 11.637  15.083  -5.748  1.00 80.68  ? 35  LYS B CE  1 
ATOM   982  N NZ  . LYS B 1 37  ? 10.692  16.198  -5.943  1.00 88.02  ? 35  LYS B NZ  1 
ATOM   983  N N   . ILE B 1 38  ? 14.366  11.745  -0.646  1.00 56.59  ? 36  ILE B N   1 
ATOM   984  C CA  . ILE B 1 38  ? 14.286  11.176  0.689   1.00 62.14  ? 36  ILE B CA  1 
ATOM   985  C C   . ILE B 1 38  ? 15.237  11.875  1.651   1.00 57.71  ? 36  ILE B C   1 
ATOM   986  O O   . ILE B 1 38  ? 14.883  12.143  2.797   1.00 72.82  ? 36  ILE B O   1 
ATOM   987  C CB  . ILE B 1 38  ? 14.611  9.675   0.652   1.00 58.39  ? 36  ILE B CB  1 
ATOM   988  C CG1 . ILE B 1 38  ? 13.583  8.941   -0.211  1.00 65.93  ? 36  ILE B CG1 1 
ATOM   989  C CG2 . ILE B 1 38  ? 14.641  9.103   2.055   1.00 58.62  ? 36  ILE B CG2 1 
ATOM   990  C CD1 . ILE B 1 38  ? 13.900  7.481   -0.423  1.00 66.86  ? 36  ILE B CD1 1 
ATOM   991  N N   . ALA B 1 39  ? 16.435  12.185  1.165   1.00 63.65  ? 37  ALA B N   1 
ATOM   992  C CA  . ALA B 1 39  ? 17.473  12.795  1.992   1.00 70.00  ? 37  ALA B CA  1 
ATOM   993  C C   . ALA B 1 39  ? 17.106  14.193  2.490   1.00 63.05  ? 37  ALA B C   1 
ATOM   994  O O   . ALA B 1 39  ? 17.538  14.602  3.563   1.00 70.50  ? 37  ALA B O   1 
ATOM   995  C CB  . ALA B 1 39  ? 18.799  12.831  1.241   1.00 64.61  ? 37  ALA B CB  1 
ATOM   996  N N   . GLN B 1 40  ? 16.307  14.922  1.718   1.00 63.36  ? 38  GLN B N   1 
ATOM   997  C CA  . GLN B 1 40  ? 15.929  16.278  2.105   1.00 57.92  ? 38  GLN B CA  1 
ATOM   998  C C   . GLN B 1 40  ? 14.922  16.296  3.249   1.00 61.86  ? 38  GLN B C   1 
ATOM   999  O O   . GLN B 1 40  ? 14.889  17.243  4.037   1.00 64.56  ? 38  GLN B O   1 
ATOM   1000 C CB  . GLN B 1 40  ? 15.383  17.059  0.909   1.00 61.65  ? 38  GLN B CB  1 
ATOM   1001 C CG  . GLN B 1 40  ? 16.281  17.018  -0.313  1.00 68.36  ? 38  GLN B CG  1 
ATOM   1002 C CD  . GLN B 1 40  ? 17.741  17.231  0.030   1.00 72.97  ? 38  GLN B CD  1 
ATOM   1003 O OE1 . GLN B 1 40  ? 18.101  18.201  0.701   1.00 68.87  ? 38  GLN B OE1 1 
ATOM   1004 N NE2 . GLN B 1 40  ? 18.593  16.316  -0.423  1.00 62.75  ? 38  GLN B NE2 1 
ATOM   1005 N N   . ALA B 1 41  ? 14.101  15.255  3.340   1.00 62.94  ? 39  ALA B N   1 
ATOM   1006 C CA  . ALA B 1 41  ? 13.129  15.151  4.428   1.00 56.86  ? 39  ALA B CA  1 
ATOM   1007 C C   . ALA B 1 41  ? 13.038  13.730  4.971   1.00 57.07  ? 39  ALA B C   1 
ATOM   1008 O O   . ALA B 1 41  ? 12.002  13.082  4.835   1.00 61.37  ? 39  ALA B O   1 
ATOM   1009 C CB  . ALA B 1 41  ? 11.763  15.632  3.969   1.00 61.94  ? 39  ALA B CB  1 
ATOM   1010 N N   . PRO B 1 42  ? 14.121  13.253  5.611   1.00 58.32  ? 40  PRO B N   1 
ATOM   1011 C CA  . PRO B 1 42  ? 14.257  11.862  6.059   1.00 63.34  ? 40  PRO B CA  1 
ATOM   1012 C C   . PRO B 1 42  ? 13.238  11.478  7.122   1.00 73.96  ? 40  PRO B C   1 
ATOM   1013 O O   . PRO B 1 42  ? 12.767  10.337  7.133   1.00 73.35  ? 40  PRO B O   1 
ATOM   1014 C CB  . PRO B 1 42  ? 15.665  11.822  6.668   1.00 69.99  ? 40  PRO B CB  1 
ATOM   1015 C CG  . PRO B 1 42  ? 16.355  13.041  6.162   1.00 67.91  ? 40  PRO B CG  1 
ATOM   1016 C CD  . PRO B 1 42  ? 15.282  14.063  6.011   1.00 70.94  ? 40  PRO B CD  1 
ATOM   1017 N N   . ALA B 1 43  ? 12.911  12.414  8.008   1.00 61.47  ? 41  ALA B N   1 
ATOM   1018 C CA  . ALA B 1 43  ? 11.982  12.143  9.102   1.00 63.24  ? 41  ALA B CA  1 
ATOM   1019 C C   . ALA B 1 43  ? 10.594  11.788  8.588   1.00 64.50  ? 41  ALA B C   1 
ATOM   1020 O O   . ALA B 1 43  ? 9.836   11.079  9.252   1.00 73.45  ? 41  ALA B O   1 
ATOM   1021 C CB  . ALA B 1 43  ? 11.905  13.340  10.041  1.00 58.86  ? 41  ALA B CB  1 
ATOM   1022 N N   . PHE B 1 44  ? 10.265  12.281  7.400   1.00 56.09  ? 42  PHE B N   1 
ATOM   1023 C CA  . PHE B 1 44  ? 8.933   12.096  6.850   1.00 59.79  ? 42  PHE B CA  1 
ATOM   1024 C C   . PHE B 1 44  ? 8.895   11.058  5.739   1.00 62.19  ? 42  PHE B C   1 
ATOM   1025 O O   . PHE B 1 44  ? 7.894   10.362  5.569   1.00 75.43  ? 42  PHE B O   1 
ATOM   1026 C CB  . PHE B 1 44  ? 8.395   13.426  6.327   1.00 59.65  ? 42  PHE B CB  1 
ATOM   1027 C CG  . PHE B 1 44  ? 8.289   14.483  7.381   1.00 70.01  ? 42  PHE B CG  1 
ATOM   1028 C CD1 . PHE B 1 44  ? 7.297   14.415  8.343   1.00 74.91  ? 42  PHE B CD1 1 
ATOM   1029 C CD2 . PHE B 1 44  ? 9.183   15.537  7.415   1.00 66.24  ? 42  PHE B CD2 1 
ATOM   1030 C CE1 . PHE B 1 44  ? 7.197   15.382  9.323   1.00 77.36  ? 42  PHE B CE1 1 
ATOM   1031 C CE2 . PHE B 1 44  ? 9.089   16.508  8.393   1.00 71.79  ? 42  PHE B CE2 1 
ATOM   1032 C CZ  . PHE B 1 44  ? 8.093   16.431  9.347   1.00 70.36  ? 42  PHE B CZ  1 
ATOM   1033 N N   . LEU B 1 45  ? 9.992   10.949  4.993   1.00 60.13  ? 43  LEU B N   1 
ATOM   1034 C CA  . LEU B 1 45  ? 9.997   10.188  3.747   1.00 63.88  ? 43  LEU B CA  1 
ATOM   1035 C C   . LEU B 1 45  ? 10.528  8.762   3.861   1.00 70.27  ? 43  LEU B C   1 
ATOM   1036 O O   . LEU B 1 45  ? 10.275  7.937   2.983   1.00 67.23  ? 43  LEU B O   1 
ATOM   1037 C CB  . LEU B 1 45  ? 10.757  10.950  2.658   1.00 53.07  ? 43  LEU B CB  1 
ATOM   1038 C CG  . LEU B 1 45  ? 10.009  12.139  2.052   1.00 60.07  ? 43  LEU B CG  1 
ATOM   1039 C CD1 . LEU B 1 45  ? 10.761  12.709  0.857   1.00 59.38  ? 43  LEU B CD1 1 
ATOM   1040 C CD2 . LEU B 1 45  ? 8.602   11.724  1.657   1.00 56.97  ? 43  LEU B CD2 1 
ATOM   1041 N N   . LYS B 1 46  ? 11.260  8.470   4.931   1.00 65.47  ? 44  LYS B N   1 
ATOM   1042 C CA  . LYS B 1 46  ? 11.813  7.132   5.123   1.00 68.03  ? 44  LYS B CA  1 
ATOM   1043 C C   . LYS B 1 46  ? 10.713  6.083   5.228   1.00 64.75  ? 44  LYS B C   1 
ATOM   1044 O O   . LYS B 1 46  ? 9.802   6.209   6.049   1.00 63.63  ? 44  LYS B O   1 
ATOM   1045 C CB  . LYS B 1 46  ? 12.691  7.077   6.372   1.00 65.09  ? 44  LYS B CB  1 
ATOM   1046 C CG  . LYS B 1 46  ? 14.144  6.761   6.088   1.00 77.83  ? 44  LYS B CG  1 
ATOM   1047 C CD  . LYS B 1 46  ? 14.840  7.943   5.440   1.00 87.68  ? 44  LYS B CD  1 
ATOM   1048 C CE  . LYS B 1 46  ? 16.265  7.592   5.053   1.00 95.03  ? 44  LYS B CE  1 
ATOM   1049 N NZ  . LYS B 1 46  ? 17.063  7.185   6.241   1.00 105.02 ? 44  LYS B NZ  1 
ATOM   1050 N N   . HIS B 1 47  ? 10.810  5.057   4.388   1.00 66.22  ? 45  HIS B N   1 
ATOM   1051 C CA  . HIS B 1 47  ? 9.830   3.973   4.339   1.00 60.48  ? 45  HIS B CA  1 
ATOM   1052 C C   . HIS B 1 47  ? 8.396   4.463   4.146   1.00 56.47  ? 45  HIS B C   1 
ATOM   1053 O O   . HIS B 1 47  ? 7.446   3.825   4.600   1.00 70.78  ? 45  HIS B O   1 
ATOM   1054 C CB  . HIS B 1 47  ? 9.929   3.091   5.585   1.00 72.21  ? 45  HIS B CB  1 
ATOM   1055 C CG  . HIS B 1 47  ? 11.290  2.515   5.804   1.00 84.28  ? 45  HIS B CG  1 
ATOM   1056 N ND1 . HIS B 1 47  ? 11.674  1.934   6.999   1.00 95.62  ? 45  HIS B ND1 1 
ATOM   1057 C CD2 . HIS B 1 47  ? 12.366  2.432   4.988   1.00 81.08  ? 45  HIS B CD2 1 
ATOM   1058 C CE1 . HIS B 1 47  ? 12.920  1.522   6.904   1.00 97.79  ? 45  HIS B CE1 1 
ATOM   1059 N NE2 . HIS B 1 47  ? 13.368  1.810   5.692   1.00 96.90  ? 45  HIS B NE2 1 
ATOM   1060 N N   . ALA B 1 48  ? 8.244   5.597   3.473   1.00 51.05  ? 46  ALA B N   1 
ATOM   1061 C CA  . ALA B 1 48  ? 6.919   6.124   3.180   1.00 54.08  ? 46  ALA B CA  1 
ATOM   1062 C C   . ALA B 1 48  ? 6.210   5.206   2.205   1.00 57.51  ? 46  ALA B C   1 
ATOM   1063 O O   . ALA B 1 48  ? 6.850   4.608   1.334   1.00 56.30  ? 46  ALA B O   1 
ATOM   1064 C CB  . ALA B 1 48  ? 7.019   7.522   2.599   1.00 51.81  ? 46  ALA B CB  1 
ATOM   1065 N N   . PRO B 1 49  ? 4.886   5.073   2.356   1.00 54.86  ? 47  PRO B N   1 
ATOM   1066 C CA  . PRO B 1 49  ? 4.118   4.379   1.320   1.00 54.30  ? 47  PRO B CA  1 
ATOM   1067 C C   . PRO B 1 49  ? 4.020   5.289   0.108   1.00 58.84  ? 47  PRO B C   1 
ATOM   1068 O O   . PRO B 1 49  ? 3.734   6.477   0.259   1.00 60.69  ? 47  PRO B O   1 
ATOM   1069 C CB  . PRO B 1 49  ? 2.739   4.200   1.963   1.00 52.66  ? 47  PRO B CB  1 
ATOM   1070 C CG  . PRO B 1 49  ? 2.639   5.332   2.962   1.00 62.32  ? 47  PRO B CG  1 
ATOM   1071 C CD  . PRO B 1 49  ? 4.043   5.532   3.478   1.00 49.67  ? 47  PRO B CD  1 
ATOM   1072 N N   . VAL B 1 50  ? 4.278   4.757   -1.080  1.00 54.43  ? 48  VAL B N   1 
ATOM   1073 C CA  . VAL B 1 50  ? 4.140   5.566   -2.285  1.00 51.12  ? 48  VAL B CA  1 
ATOM   1074 C C   . VAL B 1 50  ? 3.288   4.891   -3.348  1.00 60.70  ? 48  VAL B C   1 
ATOM   1075 O O   . VAL B 1 50  ? 3.214   3.668   -3.429  1.00 54.10  ? 48  VAL B O   1 
ATOM   1076 C CB  . VAL B 1 50  ? 5.501   5.916   -2.906  1.00 47.58  ? 48  VAL B CB  1 
ATOM   1077 C CG1 . VAL B 1 50  ? 6.354   6.708   -1.911  1.00 52.92  ? 48  VAL B CG1 1 
ATOM   1078 C CG2 . VAL B 1 50  ? 6.221   4.648   -3.367  1.00 53.42  ? 48  VAL B CG2 1 
ATOM   1079 N N   . VAL B 1 51  ? 2.642   5.720   -4.156  1.00 55.45  ? 49  VAL B N   1 
ATOM   1080 C CA  . VAL B 1 51  ? 1.962   5.273   -5.352  1.00 58.72  ? 49  VAL B CA  1 
ATOM   1081 C C   . VAL B 1 51  ? 2.789   5.746   -6.545  1.00 63.47  ? 49  VAL B C   1 
ATOM   1082 O O   . VAL B 1 51  ? 3.222   6.897   -6.590  1.00 66.86  ? 49  VAL B O   1 
ATOM   1083 C CB  . VAL B 1 51  ? 0.539   5.860   -5.425  1.00 61.00  ? 49  VAL B CB  1 
ATOM   1084 C CG1 . VAL B 1 51  ? -0.155  5.429   -6.705  1.00 71.51  ? 49  VAL B CG1 1 
ATOM   1085 C CG2 . VAL B 1 51  ? -0.269  5.436   -4.201  1.00 52.69  ? 49  VAL B CG2 1 
ATOM   1086 N N   . LEU B 1 52  ? 3.032   4.851   -7.496  1.00 64.54  ? 50  LEU B N   1 
ATOM   1087 C CA  . LEU B 1 52  ? 3.789   5.207   -8.691  1.00 64.85  ? 50  LEU B CA  1 
ATOM   1088 C C   . LEU B 1 52  ? 2.852   5.595   -9.826  1.00 65.45  ? 50  LEU B C   1 
ATOM   1089 O O   . LEU B 1 52  ? 2.054   4.780   -10.284 1.00 63.33  ? 50  LEU B O   1 
ATOM   1090 C CB  . LEU B 1 52  ? 4.686   4.050   -9.125  1.00 55.30  ? 50  LEU B CB  1 
ATOM   1091 C CG  . LEU B 1 52  ? 5.650   3.515   -8.063  1.00 64.42  ? 50  LEU B CG  1 
ATOM   1092 C CD1 . LEU B 1 52  ? 6.526   2.410   -8.633  1.00 62.83  ? 50  LEU B CD1 1 
ATOM   1093 C CD2 . LEU B 1 52  ? 6.505   4.635   -7.489  1.00 71.63  ? 50  LEU B CD2 1 
ATOM   1094 N N   . ASN B 1 53  ? 2.946   6.848   -10.262 1.00 64.32  ? 51  ASN B N   1 
ATOM   1095 C CA  . ASN B 1 53  ? 2.174   7.331   -11.399 1.00 66.01  ? 51  ASN B CA  1 
ATOM   1096 C C   . ASN B 1 53  ? 3.004   7.212   -12.670 1.00 74.09  ? 51  ASN B C   1 
ATOM   1097 O O   . ASN B 1 53  ? 4.080   7.803   -12.775 1.00 72.29  ? 51  ASN B O   1 
ATOM   1098 C CB  . ASN B 1 53  ? 1.741   8.783   -11.182 1.00 71.35  ? 51  ASN B CB  1 
ATOM   1099 C CG  . ASN B 1 53  ? 0.794   9.280   -12.262 1.00 78.65  ? 51  ASN B CG  1 
ATOM   1100 O OD1 . ASN B 1 53  ? 1.221   9.653   -13.354 1.00 81.84  ? 51  ASN B OD1 1 
ATOM   1101 N ND2 . ASN B 1 53  ? -0.496  9.293   -11.956 1.00 67.04  ? 51  ASN B ND2 1 
ATOM   1102 N N   . VAL B 1 54  ? 2.499   6.445   -13.630 1.00 74.97  ? 52  VAL B N   1 
ATOM   1103 C CA  . VAL B 1 54  ? 3.265   6.105   -14.822 1.00 75.07  ? 52  VAL B CA  1 
ATOM   1104 C C   . VAL B 1 54  ? 2.710   6.774   -16.074 1.00 77.24  ? 52  VAL B C   1 
ATOM   1105 O O   . VAL B 1 54  ? 3.115   6.452   -17.191 1.00 88.31  ? 52  VAL B O   1 
ATOM   1106 C CB  . VAL B 1 54  ? 3.279   4.586   -15.042 1.00 77.32  ? 52  VAL B CB  1 
ATOM   1107 C CG1 . VAL B 1 54  ? 3.871   3.884   -13.832 1.00 73.49  ? 52  VAL B CG1 1 
ATOM   1108 C CG2 . VAL B 1 54  ? 1.876   4.089   -15.300 1.00 81.16  ? 52  VAL B CG2 1 
ATOM   1109 N N   . SER B 1 55  ? 1.793   7.714   -15.879 1.00 75.74  ? 53  SER B N   1 
ATOM   1110 C CA  . SER B 1 55  ? 1.110   8.379   -16.985 1.00 79.35  ? 53  SER B CA  1 
ATOM   1111 C C   . SER B 1 55  ? 2.049   9.126   -17.932 1.00 89.40  ? 53  SER B C   1 
ATOM   1112 O O   . SER B 1 55  ? 1.693   9.392   -19.077 1.00 91.07  ? 53  SER B O   1 
ATOM   1113 C CB  . SER B 1 55  ? 0.046   9.341   -16.452 1.00 77.50  ? 53  SER B CB  1 
ATOM   1114 O OG  . SER B 1 55  ? 0.643   10.424  -15.762 1.00 87.57  ? 53  SER B OG  1 
ATOM   1115 N N   . ALA B 1 56  ? 3.242   9.466   -17.458 1.00 79.48  ? 54  ALA B N   1 
ATOM   1116 C CA  . ALA B 1 56  ? 4.194   10.198  -18.288 1.00 82.40  ? 54  ALA B CA  1 
ATOM   1117 C C   . ALA B 1 56  ? 5.218   9.281   -18.952 1.00 89.45  ? 54  ALA B C   1 
ATOM   1118 O O   . ALA B 1 56  ? 6.091   9.747   -19.683 1.00 94.84  ? 54  ALA B O   1 
ATOM   1119 C CB  . ALA B 1 56  ? 4.894   11.275  -17.474 1.00 91.01  ? 54  ALA B CB  1 
ATOM   1120 N N   . LEU B 1 57  ? 5.109   7.979   -18.703 1.00 86.52  ? 55  LEU B N   1 
ATOM   1121 C CA  . LEU B 1 57  ? 6.032   7.016   -19.297 1.00 93.48  ? 55  LEU B CA  1 
ATOM   1122 C C   . LEU B 1 57  ? 5.651   6.697   -20.743 1.00 100.15 ? 55  LEU B C   1 
ATOM   1123 O O   . LEU B 1 57  ? 4.575   7.075   -21.205 1.00 101.90 ? 55  LEU B O   1 
ATOM   1124 C CB  . LEU B 1 57  ? 6.100   5.743   -18.451 1.00 92.06  ? 55  LEU B CB  1 
ATOM   1125 C CG  . LEU B 1 57  ? 6.632   5.946   -17.028 1.00 90.44  ? 55  LEU B CG  1 
ATOM   1126 C CD1 . LEU B 1 57  ? 6.744   4.626   -16.281 1.00 81.43  ? 55  LEU B CD1 1 
ATOM   1127 C CD2 . LEU B 1 57  ? 7.975   6.662   -17.052 1.00 82.67  ? 55  LEU B CD2 1 
ATOM   1128 N N   . GLU B 1 58  ? 6.542   6.012   -21.457 1.00 106.58 ? 56  GLU B N   1 
ATOM   1129 C CA  . GLU B 1 58  ? 6.312   5.689   -22.866 1.00 114.51 ? 56  GLU B CA  1 
ATOM   1130 C C   . GLU B 1 58  ? 6.524   4.206   -23.179 1.00 110.40 ? 56  GLU B C   1 
ATOM   1131 O O   . GLU B 1 58  ? 6.860   3.422   -22.293 1.00 107.60 ? 56  GLU B O   1 
ATOM   1132 C CB  . GLU B 1 58  ? 7.176   6.571   -23.771 1.00 111.74 ? 56  GLU B CB  1 
ATOM   1133 C CG  . GLU B 1 58  ? 6.788   8.045   -23.724 1.00 125.60 ? 56  GLU B CG  1 
ATOM   1134 C CD  . GLU B 1 58  ? 7.656   8.918   -24.609 1.00 129.45 ? 56  GLU B CD  1 
ATOM   1135 O OE1 . GLU B 1 58  ? 8.770   8.484   -24.967 1.00 125.36 ? 56  GLU B OE1 1 
ATOM   1136 O OE2 . GLU B 1 58  ? 7.221   10.040  -24.944 1.00 129.76 ? 56  GLU B OE2 1 
ATOM   1137 N N   . ASP B 1 59  ? 6.332   3.847   -24.449 1.00 109.82 ? 57  ASP B N   1 
ATOM   1138 C CA  . ASP B 1 59  ? 6.265   2.450   -24.904 1.00 108.27 ? 57  ASP B CA  1 
ATOM   1139 C C   . ASP B 1 59  ? 7.232   1.446   -24.261 1.00 109.32 ? 57  ASP B C   1 
ATOM   1140 O O   . ASP B 1 59  ? 6.795   0.404   -23.771 1.00 103.75 ? 57  ASP B O   1 
ATOM   1141 C CB  . ASP B 1 59  ? 6.351   2.362   -26.435 1.00 103.22 ? 57  ASP B CB  1 
ATOM   1142 C CG  . ASP B 1 59  ? 5.123   2.919   -27.121 1.00 118.84 ? 57  ASP B CG  1 
ATOM   1143 O OD1 . ASP B 1 59  ? 4.078   3.052   -26.452 1.00 127.26 ? 57  ASP B OD1 1 
ATOM   1144 O OD2 . ASP B 1 59  ? 5.201   3.217   -28.333 1.00 124.15 ? 57  ASP B OD2 1 
ATOM   1145 N N   . PRO B 1 60  ? 8.543   1.739   -24.282 1.00 106.03 ? 58  PRO B N   1 
ATOM   1146 C CA  . PRO B 1 60  ? 9.325   0.715   -23.622 1.00 96.06  ? 58  PRO B CA  1 
ATOM   1147 C C   . PRO B 1 60  ? 9.597   1.085   -22.166 1.00 99.53  ? 58  PRO B C   1 
ATOM   1148 O O   . PRO B 1 60  ? 9.997   2.189   -21.855 1.00 82.94  ? 58  PRO B O   1 
ATOM   1149 C CB  . PRO B 1 60  ? 10.578  0.678   -24.461 1.00 86.33  ? 58  PRO B CB  1 
ATOM   1150 C CG  . PRO B 1 60  ? 10.699  2.014   -25.011 1.00 84.68  ? 58  PRO B CG  1 
ATOM   1151 C CD  . PRO B 1 60  ? 9.404   2.675   -25.019 1.00 88.76  ? 58  PRO B CD  1 
ATOM   1152 N N   . VAL B 1 61  ? 9.334   0.132   -21.291 1.00 102.89 ? 59  VAL B N   1 
ATOM   1153 C CA  . VAL B 1 61  ? 9.561   0.286   -19.858 1.00 97.27  ? 59  VAL B CA  1 
ATOM   1154 C C   . VAL B 1 61  ? 9.575   -1.056  -19.125 1.00 90.77  ? 59  VAL B C   1 
ATOM   1155 O O   . VAL B 1 61  ? 8.586   -1.789  -19.119 1.00 104.36 ? 59  VAL B O   1 
ATOM   1156 C CB  . VAL B 1 61  ? 8.514   1.218   -19.205 1.00 106.13 ? 59  VAL B CB  1 
ATOM   1157 C CG1 . VAL B 1 61  ? 7.115   0.934   -19.748 1.00 100.05 ? 59  VAL B CG1 1 
ATOM   1158 C CG2 . VAL B 1 61  ? 8.555   1.087   -17.686 1.00 99.48  ? 59  VAL B CG2 1 
ATOM   1159 N N   . ASN B 1 62  ? 10.709  -1.371  -18.511 1.00 91.95  ? 60  ASN B N   1 
ATOM   1160 C CA  . ASN B 1 62  ? 10.840  -2.586  -17.720 1.00 86.72  ? 60  ASN B CA  1 
ATOM   1161 C C   . ASN B 1 62  ? 10.281  -2.373  -16.320 1.00 92.83  ? 60  ASN B C   1 
ATOM   1162 O O   . ASN B 1 62  ? 10.955  -1.815  -15.454 1.00 96.02  ? 60  ASN B O   1 
ATOM   1163 C CB  . ASN B 1 62  ? 12.308  -3.017  -17.650 1.00 77.08  ? 60  ASN B CB  1 
ATOM   1164 C CG  . ASN B 1 62  ? 12.493  -4.365  -16.979 1.00 88.48  ? 60  ASN B CG  1 
ATOM   1165 O OD1 . ASN B 1 62  ? 11.526  -5.030  -16.607 1.00 104.17 ? 60  ASN B OD1 1 
ATOM   1166 N ND2 . ASN B 1 62  ? 13.745  -4.782  -16.834 1.00 85.69  ? 60  ASN B ND2 1 
ATOM   1167 N N   . TRP B 1 63  ? 9.049   -2.821  -16.106 1.00 90.80  ? 61  TRP B N   1 
ATOM   1168 C CA  . TRP B 1 63  ? 8.371   -2.619  -14.829 1.00 88.10  ? 61  TRP B CA  1 
ATOM   1169 C C   . TRP B 1 63  ? 9.061   -3.301  -13.644 1.00 96.33  ? 61  TRP B C   1 
ATOM   1170 O O   . TRP B 1 63  ? 9.111   -2.746  -12.544 1.00 95.25  ? 61  TRP B O   1 
ATOM   1171 C CB  . TRP B 1 63  ? 6.915   -3.071  -14.907 1.00 90.23  ? 61  TRP B CB  1 
ATOM   1172 C CG  . TRP B 1 63  ? 6.268   -3.090  -13.568 1.00 94.80  ? 61  TRP B CG  1 
ATOM   1173 C CD1 . TRP B 1 63  ? 5.857   -4.186  -12.871 1.00 98.24  ? 61  TRP B CD1 1 
ATOM   1174 C CD2 . TRP B 1 63  ? 5.989   -1.956  -12.739 1.00 85.08  ? 61  TRP B CD2 1 
ATOM   1175 N NE1 . TRP B 1 63  ? 5.323   -3.805  -11.664 1.00 98.01  ? 61  TRP B NE1 1 
ATOM   1176 C CE2 . TRP B 1 63  ? 5.394   -2.440  -11.558 1.00 91.95  ? 61  TRP B CE2 1 
ATOM   1177 C CE3 . TRP B 1 63  ? 6.178   -0.579  -12.885 1.00 88.16  ? 61  TRP B CE3 1 
ATOM   1178 C CZ2 . TRP B 1 63  ? 4.987   -1.596  -10.529 1.00 85.69  ? 61  TRP B CZ2 1 
ATOM   1179 C CZ3 . TRP B 1 63  ? 5.773   0.258   -11.864 1.00 72.11  ? 61  TRP B CZ3 1 
ATOM   1180 C CH2 . TRP B 1 63  ? 5.187   -0.253  -10.700 1.00 87.66  ? 61  TRP B CH2 1 
ATOM   1181 N N   . SER B 1 64  ? 9.585   -4.502  -13.867 1.00 92.94  ? 62  SER B N   1 
ATOM   1182 C CA  . SER B 1 64  ? 10.279  -5.237  -12.814 1.00 94.14  ? 62  SER B CA  1 
ATOM   1183 C C   . SER B 1 64  ? 11.520  -4.482  -12.348 1.00 88.06  ? 62  SER B C   1 
ATOM   1184 O O   . SER B 1 64  ? 11.839  -4.456  -11.158 1.00 83.76  ? 62  SER B O   1 
ATOM   1185 C CB  . SER B 1 64  ? 10.673  -6.636  -13.299 1.00 100.52 ? 62  SER B CB  1 
ATOM   1186 O OG  . SER B 1 64  ? 11.677  -6.575  -14.300 1.00 98.89  ? 62  SER B OG  1 
ATOM   1187 N N   . ALA B 1 65  ? 12.215  -3.869  -13.300 1.00 82.96  ? 63  ALA B N   1 
ATOM   1188 C CA  . ALA B 1 65  ? 13.437  -3.135  -13.000 1.00 87.96  ? 63  ALA B CA  1 
ATOM   1189 C C   . ALA B 1 65  ? 13.110  -1.830  -12.299 1.00 84.17  ? 63  ALA B C   1 
ATOM   1190 O O   . ALA B 1 65  ? 13.863  -1.368  -11.444 1.00 76.34  ? 63  ALA B O   1 
ATOM   1191 C CB  . ALA B 1 65  ? 14.218  -2.862  -14.273 1.00 85.94  ? 63  ALA B CB  1 
ATOM   1192 N N   . MET B 1 66  ? 11.961  -1.270  -12.608 1.00 87.39  ? 64  MET B N   1 
ATOM   1193 C CA  . MET B 1 66  ? 11.584  -0.001  -12.052 1.00 87.51  ? 64  MET B CA  1 
ATOM   1194 C C   . MET B 1 66  ? 11.086  -0.153  -10.648 1.00 83.68  ? 64  MET B C   1 
ATOM   1195 O O   . MET B 1 66  ? 11.439  0.606   -9.791  1.00 75.00  ? 64  MET B O   1 
ATOM   1196 C CB  . MET B 1 66  ? 10.536  0.656   -12.900 1.00 84.58  ? 64  MET B CB  1 
ATOM   1197 C CG  . MET B 1 66  ? 10.163  1.986   -12.393 1.00 91.68  ? 64  MET B CG  1 
ATOM   1198 S SD  . MET B 1 66  ? 11.517  3.131   -12.566 1.00 99.97  ? 64  MET B SD  1 
ATOM   1199 C CE  . MET B 1 66  ? 11.317  3.588   -14.273 1.00 93.01  ? 64  MET B CE  1 
ATOM   1200 N N   . HIS B 1 67  ? 10.264  -1.156  -10.422 1.00 79.03  ? 65  HIS B N   1 
ATOM   1201 C CA  . HIS B 1 67  ? 9.797   -1.468  -9.090  1.00 77.62  ? 65  HIS B CA  1 
ATOM   1202 C C   . HIS B 1 67  ? 10.897  -1.864  -8.153  1.00 80.45  ? 65  HIS B C   1 
ATOM   1203 O O   . HIS B 1 67  ? 10.870  -1.506  -7.015  1.00 80.51  ? 65  HIS B O   1 
ATOM   1204 C CB  . HIS B 1 67  ? 8.724   -2.530  -9.113  1.00 65.99  ? 65  HIS B CB  1 
ATOM   1205 C CG  . HIS B 1 67  ? 8.226   -2.923  -7.765  1.00 69.81  ? 65  HIS B CG  1 
ATOM   1206 N ND1 . HIS B 1 67  ? 8.886   -3.815  -6.965  1.00 70.76  ? 65  HIS B ND1 1 
ATOM   1207 C CD2 . HIS B 1 67  ? 7.117   -2.567  -7.090  1.00 70.67  ? 65  HIS B CD2 1 
ATOM   1208 C CE1 . HIS B 1 67  ? 8.215   -3.982  -5.846  1.00 67.53  ? 65  HIS B CE1 1 
ATOM   1209 N NE2 . HIS B 1 67  ? 7.136   -3.239  -5.898  1.00 74.71  ? 65  HIS B NE2 1 
ATOM   1210 N N   . LYS B 1 68  ? 11.904  -2.549  -8.652  1.00 75.63  ? 66  LYS B N   1 
ATOM   1211 C CA  . LYS B 1 68  ? 12.989  -2.953  -7.794  1.00 80.09  ? 66  LYS B CA  1 
ATOM   1212 C C   . LYS B 1 68  ? 13.827  -1.772  -7.406  1.00 86.28  ? 66  LYS B C   1 
ATOM   1213 O O   . LYS B 1 68  ? 14.315  -1.688  -6.299  1.00 88.17  ? 66  LYS B O   1 
ATOM   1214 C CB  . LYS B 1 68  ? 13.884  -3.984  -8.462  1.00 78.90  ? 66  LYS B CB  1 
ATOM   1215 C CG  . LYS B 1 68  ? 14.868  -4.618  -7.490  1.00 88.81  ? 66  LYS B CG  1 
ATOM   1216 C CD  . LYS B 1 68  ? 15.872  -5.552  -8.136  1.00 94.11  ? 66  LYS B CD  1 
ATOM   1217 C CE  . LYS B 1 68  ? 16.935  -6.016  -7.140  1.00 104.85 ? 66  LYS B CE  1 
ATOM   1218 N NZ  . LYS B 1 68  ? 17.937  -6.959  -7.700  1.00 98.93  ? 66  LYS B NZ  1 
ATOM   1219 N N   . ALA B 1 69  ? 13.989  -0.865  -8.338  1.00 79.55  ? 67  ALA B N   1 
ATOM   1220 C CA  . ALA B 1 69  ? 14.784  0.341   -8.125  1.00 72.63  ? 67  ALA B CA  1 
ATOM   1221 C C   . ALA B 1 69  ? 14.119  1.270   -7.113  1.00 75.75  ? 67  ALA B C   1 
ATOM   1222 O O   . ALA B 1 69  ? 14.790  1.846   -6.258  1.00 75.50  ? 67  ALA B O   1 
ATOM   1223 C CB  . ALA B 1 69  ? 15.013  1.068   -9.437  1.00 70.89  ? 67  ALA B CB  1 
ATOM   1224 N N   . VAL B 1 70  ? 12.804  1.423   -7.226  1.00 63.12  ? 68  VAL B N   1 
ATOM   1225 C CA  . VAL B 1 70  ? 12.058  2.277   -6.314  1.00 67.18  ? 68  VAL B CA  1 
ATOM   1226 C C   . VAL B 1 70  ? 12.070  1.689   -4.907  1.00 71.28  ? 68  VAL B C   1 
ATOM   1227 O O   . VAL B 1 70  ? 12.254  2.412   -3.928  1.00 71.03  ? 68  VAL B O   1 
ATOM   1228 C CB  . VAL B 1 70  ? 10.605  2.475   -6.786  1.00 65.81  ? 68  VAL B CB  1 
ATOM   1229 C CG1 . VAL B 1 70  ? 9.813   3.274   -5.756  1.00 65.48  ? 68  VAL B CG1 1 
ATOM   1230 C CG2 . VAL B 1 70  ? 10.577  3.172   -8.137  1.00 65.35  ? 68  VAL B CG2 1 
ATOM   1231 N N   . SER B 1 71  ? 11.890  0.374   -4.814  1.00 62.28  ? 69  SER B N   1 
ATOM   1232 C CA  . SER B 1 71  ? 11.847  -0.305  -3.522  1.00 69.37  ? 69  SER B CA  1 
ATOM   1233 C C   . SER B 1 71  ? 13.201  -0.314  -2.819  1.00 75.87  ? 69  SER B C   1 
ATOM   1234 O O   . SER B 1 71  ? 13.273  -0.424  -1.595  1.00 71.56  ? 69  SER B O   1 
ATOM   1235 C CB  . SER B 1 71  ? 11.336  -1.736  -3.686  1.00 71.55  ? 69  SER B CB  1 
ATOM   1236 O OG  . SER B 1 71  ? 9.979   -1.744  -4.090  1.00 81.33  ? 69  SER B OG  1 
ATOM   1237 N N   . ALA B 1 72  ? 14.272  -0.194  -3.595  1.00 67.71  ? 70  ALA B N   1 
ATOM   1238 C CA  . ALA B 1 72  ? 15.616  -0.205  -3.033  1.00 77.08  ? 70  ALA B CA  1 
ATOM   1239 C C   . ALA B 1 72  ? 15.899  1.036   -2.187  1.00 68.49  ? 70  ALA B C   1 
ATOM   1240 O O   . ALA B 1 72  ? 16.823  1.040   -1.377  1.00 73.92  ? 70  ALA B O   1 
ATOM   1241 C CB  . ALA B 1 72  ? 16.652  -0.343  -4.137  1.00 81.03  ? 70  ALA B CB  1 
ATOM   1242 N N   . THR B 1 73  ? 15.101  2.084   -2.374  1.00 70.97  ? 71  THR B N   1 
ATOM   1243 C CA  . THR B 1 73  ? 15.313  3.340   -1.658  1.00 70.93  ? 71  THR B CA  1 
ATOM   1244 C C   . THR B 1 73  ? 14.673  3.327   -0.276  1.00 76.00  ? 71  THR B C   1 
ATOM   1245 O O   . THR B 1 73  ? 14.797  4.288   0.485   1.00 74.89  ? 71  THR B O   1 
ATOM   1246 C CB  . THR B 1 73  ? 14.742  4.536   -2.436  1.00 69.14  ? 71  THR B CB  1 
ATOM   1247 O OG1 . THR B 1 73  ? 13.326  4.375   -2.591  1.00 74.22  ? 71  THR B OG1 1 
ATOM   1248 C CG2 . THR B 1 73  ? 15.394  4.649   -3.805  1.00 62.16  ? 71  THR B CG2 1 
ATOM   1249 N N   . GLY B 1 74  ? 13.980  2.240   0.044   1.00 72.92  ? 72  GLY B N   1 
ATOM   1250 C CA  . GLY B 1 74  ? 13.286  2.136   1.314   1.00 59.93  ? 72  GLY B CA  1 
ATOM   1251 C C   . GLY B 1 74  ? 11.806  2.422   1.167   1.00 68.40  ? 72  GLY B C   1 
ATOM   1252 O O   . GLY B 1 74  ? 11.000  1.981   1.984   1.00 74.66  ? 72  GLY B O   1 
ATOM   1253 N N   . LEU B 1 75  ? 11.447  3.164   0.124   1.00 53.31  ? 73  LEU B N   1 
ATOM   1254 C CA  . LEU B 1 75  ? 10.050  3.483   -0.131  1.00 63.82  ? 73  LEU B CA  1 
ATOM   1255 C C   . LEU B 1 75  ? 9.225   2.220   -0.341  1.00 67.72  ? 73  LEU B C   1 
ATOM   1256 O O   . LEU B 1 75  ? 9.715   1.229   -0.885  1.00 68.49  ? 73  LEU B O   1 
ATOM   1257 C CB  . LEU B 1 75  ? 9.921   4.387   -1.354  1.00 59.83  ? 73  LEU B CB  1 
ATOM   1258 C CG  . LEU B 1 75  ? 10.622  5.739   -1.277  1.00 64.02  ? 73  LEU B CG  1 
ATOM   1259 C CD1 . LEU B 1 75  ? 10.377  6.508   -2.560  1.00 48.22  ? 73  LEU B CD1 1 
ATOM   1260 C CD2 . LEU B 1 75  ? 10.135  6.524   -0.067  1.00 55.22  ? 73  LEU B CD2 1 
ATOM   1261 N N   . ARG B 1 76  ? 7.967   2.273   0.031   1.00 63.46  ? 74  ARG B N   1 
ATOM   1262 C CA  . ARG B 1 76  ? 7.103   1.130   -0.033  1.00 65.72  ? 74  ARG B CA  1 
ATOM   1263 C C   . ARG B 1 76  ? 6.039   1.352   -1.063  1.00 62.19  ? 74  ARG B C   1 
ATOM   1264 O O   . ARG B 1 76  ? 5.116   2.082   -0.830  1.00 67.28  ? 74  ARG B O   1 
ATOM   1265 C CB  . ARG B 1 76  ? 6.458   0.889   1.318   1.00 69.53  ? 74  ARG B CB  1 
ATOM   1266 C CG  . ARG B 1 76  ? 7.425   0.714   2.438   1.00 75.92  ? 74  ARG B CG  1 
ATOM   1267 C CD  . ARG B 1 76  ? 8.035   -0.600  2.370   1.00 88.91  ? 74  ARG B CD  1 
ATOM   1268 N NE  . ARG B 1 76  ? 9.342   -0.683  2.998   1.00 91.33  ? 74  ARG B NE  1 
ATOM   1269 C CZ  . ARG B 1 76  ? 9.544   -0.725  4.303   1.00 91.24  ? 74  ARG B CZ  1 
ATOM   1270 N NH1 . ARG B 1 76  ? 8.526   -0.624  5.127   1.00 97.71  ? 74  ARG B NH1 1 
ATOM   1271 N NH2 . ARG B 1 76  ? 10.757  -0.828  4.790   1.00 95.86  ? 74  ARG B NH2 1 
ATOM   1272 N N   . VAL B 1 77  ? 6.198   0.715   -2.218  1.00 65.40  ? 75  VAL B N   1 
ATOM   1273 C CA  . VAL B 1 77  ? 5.233   0.837   -3.300  1.00 54.67  ? 75  VAL B CA  1 
ATOM   1274 C C   . VAL B 1 77  ? 3.980   0.051   -2.957  1.00 55.07  ? 75  VAL B C   1 
ATOM   1275 O O   . VAL B 1 77  ? 4.035   -1.159  -2.744  1.00 68.81  ? 75  VAL B O   1 
ATOM   1276 C CB  . VAL B 1 77  ? 5.810   0.318   -4.620  1.00 62.81  ? 75  VAL B CB  1 
ATOM   1277 C CG1 . VAL B 1 77  ? 4.808   0.520   -5.755  1.00 57.28  ? 75  VAL B CG1 1 
ATOM   1278 C CG2 . VAL B 1 77  ? 7.121   1.017   -4.923  1.00 54.96  ? 75  VAL B CG2 1 
ATOM   1279 N N   . ILE B 1 78  ? 2.849   0.737   -2.907  1.00 56.93  ? 76  ILE B N   1 
ATOM   1280 C CA  . ILE B 1 78  ? 1.608   0.094   -2.504  1.00 62.37  ? 76  ILE B CA  1 
ATOM   1281 C C   . ILE B 1 78  ? 0.606   0.032   -3.648  1.00 70.75  ? 76  ILE B C   1 
ATOM   1282 O O   . ILE B 1 78  ? -0.466  -0.547  -3.501  1.00 72.10  ? 76  ILE B O   1 
ATOM   1283 C CB  . ILE B 1 78  ? 0.956   0.827   -1.317  1.00 56.78  ? 76  ILE B CB  1 
ATOM   1284 C CG1 . ILE B 1 78  ? 0.468   2.208   -1.750  1.00 66.86  ? 76  ILE B CG1 1 
ATOM   1285 C CG2 . ILE B 1 78  ? 1.931   0.950   -0.166  1.00 61.23  ? 76  ILE B CG2 1 
ATOM   1286 C CD1 . ILE B 1 78  ? -0.279  2.950   -0.669  1.00 62.39  ? 76  ILE B CD1 1 
ATOM   1287 N N   . GLY B 1 79  ? 0.953   0.634   -4.781  1.00 71.40  ? 77  GLY B N   1 
ATOM   1288 C CA  . GLY B 1 79  ? 0.060   0.644   -5.926  1.00 68.38  ? 77  GLY B CA  1 
ATOM   1289 C C   . GLY B 1 79  ? 0.513   1.559   -7.047  1.00 75.09  ? 77  GLY B C   1 
ATOM   1290 O O   . GLY B 1 79  ? 1.436   2.359   -6.879  1.00 74.77  ? 77  GLY B O   1 
ATOM   1291 N N   . VAL B 1 80  ? -0.149  1.438   -8.194  1.00 67.70  ? 78  VAL B N   1 
ATOM   1292 C CA  . VAL B 1 80  ? 0.209   2.203   -9.384  1.00 63.19  ? 78  VAL B CA  1 
ATOM   1293 C C   . VAL B 1 80  ? -0.995  2.989   -9.884  1.00 68.74  ? 78  VAL B C   1 
ATOM   1294 O O   . VAL B 1 80  ? -2.123  2.505   -9.831  1.00 76.34  ? 78  VAL B O   1 
ATOM   1295 C CB  . VAL B 1 80  ? 0.716   1.274   -10.503 1.00 69.61  ? 78  VAL B CB  1 
ATOM   1296 C CG1 . VAL B 1 80  ? 1.051   2.063   -11.771 1.00 66.13  ? 78  VAL B CG1 1 
ATOM   1297 C CG2 . VAL B 1 80  ? 1.924   0.499   -10.021 1.00 62.04  ? 78  VAL B CG2 1 
ATOM   1298 N N   . SER B 1 81  ? -0.755  4.207   -10.360 1.00 66.75  ? 79  SER B N   1 
ATOM   1299 C CA  . SER B 1 81  ? -1.838  5.074   -10.799 1.00 71.25  ? 79  SER B CA  1 
ATOM   1300 C C   . SER B 1 81  ? -1.573  5.663   -12.178 1.00 76.92  ? 79  SER B C   1 
ATOM   1301 O O   . SER B 1 81  ? -0.430  5.717   -12.636 1.00 70.03  ? 79  SER B O   1 
ATOM   1302 C CB  . SER B 1 81  ? -2.026  6.213   -9.803  1.00 74.96  ? 79  SER B CB  1 
ATOM   1303 O OG  . SER B 1 81  ? -0.928  7.102   -9.872  1.00 68.86  ? 79  SER B OG  1 
ATOM   1304 N N   . GLY B 1 82  ? -2.643  6.107   -12.828 1.00 86.19  ? 80  GLY B N   1 
ATOM   1305 C CA  . GLY B 1 82  ? -2.547  6.770   -14.113 1.00 82.48  ? 80  GLY B CA  1 
ATOM   1306 C C   . GLY B 1 82  ? -1.942  5.912   -15.204 1.00 83.58  ? 80  GLY B C   1 
ATOM   1307 O O   . GLY B 1 82  ? -1.303  6.435   -16.115 1.00 93.27  ? 80  GLY B O   1 
ATOM   1308 N N   . CYS B 1 83  ? -2.173  4.614   -15.151 1.00 85.16  ? 81  CYS B N   1 
ATOM   1309 C CA  . CYS B 1 83  ? -1.618  3.714   -16.151 1.00 99.47  ? 81  CYS B CA  1 
ATOM   1310 C C   . CYS B 1 83  ? -2.245  3.986   -17.501 1.00 98.03  ? 81  CYS B C   1 
ATOM   1311 O O   . CYS B 1 83  ? -3.297  4.602   -17.570 1.00 98.95  ? 81  CYS B O   1 
ATOM   1312 C CB  . CYS B 1 83  ? -1.820  2.262   -15.750 1.00 105.00 ? 81  CYS B CB  1 
ATOM   1313 S SG  . CYS B 1 83  ? -1.204  1.049   -16.946 1.00 119.91 ? 81  CYS B SG  1 
ATOM   1314 N N   . LYS B 1 84  ? -1.595  3.543   -18.568 1.00 96.05  ? 82  LYS B N   1 
ATOM   1315 C CA  . LYS B 1 84  ? -1.995  3.969   -19.904 1.00 98.77  ? 82  LYS B CA  1 
ATOM   1316 C C   . LYS B 1 84  ? -2.034  2.859   -20.948 1.00 95.71  ? 82  LYS B C   1 
ATOM   1317 O O   . LYS B 1 84  ? -2.281  3.124   -22.121 1.00 89.10  ? 82  LYS B O   1 
ATOM   1318 C CB  . LYS B 1 84  ? -1.098  5.109   -20.387 1.00 94.92  ? 82  LYS B CB  1 
ATOM   1319 C CG  . LYS B 1 84  ? -1.519  6.473   -19.876 1.00 96.61  ? 82  LYS B CG  1 
ATOM   1320 C CD  . LYS B 1 84  ? -0.519  7.539   -20.274 1.00 100.53 ? 82  LYS B CD  1 
ATOM   1321 C CE  . LYS B 1 84  ? -0.186  7.464   -21.754 1.00 101.52 ? 82  LYS B CE  1 
ATOM   1322 N NZ  . LYS B 1 84  ? 0.742   8.550   -22.167 1.00 110.58 ? 82  LYS B NZ  1 
ATOM   1323 N N   . ASP B 1 85  ? -1.636  1.653   -20.549 1.00 99.08  ? 83  ASP B N   1 
ATOM   1324 C CA  . ASP B 1 85  ? -1.746  0.480   -21.420 1.00 110.08 ? 83  ASP B CA  1 
ATOM   1325 C C   . ASP B 1 85  ? -2.086  -0.832  -20.704 1.00 109.57 ? 83  ASP B C   1 
ATOM   1326 O O   . ASP B 1 85  ? -1.701  -0.996  -19.558 1.00 104.54 ? 83  ASP B O   1 
ATOM   1327 C CB  . ASP B 1 85  ? -0.492  0.316   -22.268 1.00 103.90 ? 83  ASP B CB  1 
ATOM   1328 C CG  . ASP B 1 85  ? 0.664   -0.225  -21.507 1.00 106.55 ? 83  ASP B CG  1 
ATOM   1329 O OD1 . ASP B 1 85  ? 0.647   -1.400  -21.121 1.00 108.94 ? 83  ASP B OD1 1 
ATOM   1330 O OD2 . ASP B 1 85  ? 1.631   0.526   -21.346 1.00 109.99 ? 83  ASP B OD2 1 
ATOM   1331 N N   . ALA B 1 86  ? -2.772  -1.771  -21.381 1.00 101.67 ? 84  ALA B N   1 
ATOM   1332 C CA  . ALA B 1 86  ? -3.070  -3.055  -20.770 1.00 102.77 ? 84  ALA B CA  1 
ATOM   1333 C C   . ALA B 1 86  ? -1.840  -3.965  -20.661 1.00 95.85  ? 84  ALA B C   1 
ATOM   1334 O O   . ALA B 1 86  ? -1.850  -4.893  -19.874 1.00 103.68 ? 84  ALA B O   1 
ATOM   1335 C CB  . ALA B 1 86  ? -4.210  -3.753  -21.515 1.00 109.33 ? 84  ALA B CB  1 
ATOM   1336 N N   . GLN B 1 87  ? -0.800  -3.666  -21.390 1.00 98.81  ? 85  GLN B N   1 
ATOM   1337 C CA  . GLN B 1 87  ? 0.405   -4.438  -21.272 1.00 108.53 ? 85  GLN B CA  1 
ATOM   1338 C C   . GLN B 1 87  ? 1.026   -4.254  -19.927 1.00 109.89 ? 85  GLN B C   1 
ATOM   1339 O O   . GLN B 1 87  ? 1.047   -5.167  -19.121 1.00 107.30 ? 85  GLN B O   1 
ATOM   1340 C CB  . GLN B 1 87  ? 1.415   -3.980  -22.307 1.00 116.77 ? 85  GLN B CB  1 
ATOM   1341 C CG  . GLN B 1 87  ? 2.716   -4.722  -22.247 1.00 119.00 ? 85  GLN B CG  1 
ATOM   1342 C CD  . GLN B 1 87  ? 2.530   -6.225  -22.207 1.00 126.99 ? 85  GLN B CD  1 
ATOM   1343 O OE1 . GLN B 1 87  ? 3.095   -6.909  -21.360 1.00 120.45 ? 85  GLN B OE1 1 
ATOM   1344 N NE2 . GLN B 1 87  ? 1.740   -6.747  -23.139 1.00 126.01 ? 85  GLN B NE2 1 
ATOM   1345 N N   . LEU B 1 88  ? 1.563   -3.052  -19.724 1.00 114.16 ? 86  LEU B N   1 
ATOM   1346 C CA  . LEU B 1 88  ? 2.194   -2.654  -18.473 1.00 104.25 ? 86  LEU B CA  1 
ATOM   1347 C C   . LEU B 1 88  ? 1.302   -3.001  -17.322 1.00 100.35 ? 86  LEU B C   1 
ATOM   1348 O O   . LEU B 1 88  ? 1.744   -3.603  -16.362 1.00 90.27  ? 86  LEU B O   1 
ATOM   1349 C CB  . LEU B 1 88  ? 2.427   -1.164  -18.459 1.00 102.92 ? 86  LEU B CB  1 
ATOM   1350 C CG  . LEU B 1 88  ? 2.927   -0.565  -17.158 1.00 104.77 ? 86  LEU B CG  1 
ATOM   1351 C CD1 . LEU B 1 88  ? 4.294   -1.078  -16.840 1.00 98.32  ? 86  LEU B CD1 1 
ATOM   1352 C CD2 . LEU B 1 88  ? 2.957   0.912   -17.279 1.00 97.24  ? 86  LEU B CD2 1 
ATOM   1353 N N   . LYS B 1 89  ? 0.040   -2.617  -17.445 1.00 94.55  ? 87  LYS B N   1 
ATOM   1354 C CA  . LYS B 1 89  ? -0.951  -2.930  -16.426 1.00 99.51  ? 87  LYS B CA  1 
ATOM   1355 C C   . LYS B 1 89  ? -0.809  -4.405  -16.062 1.00 106.92 ? 87  LYS B C   1 
ATOM   1356 O O   . LYS B 1 89  ? -0.409  -4.727  -14.943 1.00 106.12 ? 87  LYS B O   1 
ATOM   1357 C CB  . LYS B 1 89  ? -2.373  -2.631  -16.910 1.00 101.92 ? 87  LYS B CB  1 
ATOM   1358 C CG  . LYS B 1 89  ? -3.356  -2.344  -15.786 1.00 107.80 ? 87  LYS B CG  1 
ATOM   1359 C CD  . LYS B 1 89  ? -4.738  -1.991  -16.311 1.00 104.24 ? 87  LYS B CD  1 
ATOM   1360 C CE  . LYS B 1 89  ? -5.694  -1.668  -15.172 1.00 107.10 ? 87  LYS B CE  1 
ATOM   1361 N NZ  . LYS B 1 89  ? -7.070  -1.357  -15.650 1.00 87.33  ? 87  LYS B NZ  1 
ATOM   1362 N N   . ALA B 1 90  ? -1.087  -5.288  -17.023 1.00 101.65 ? 88  ALA B N   1 
ATOM   1363 C CA  . ALA B 1 90  ? -0.961  -6.736  -16.834 1.00 106.79 ? 88  ALA B CA  1 
ATOM   1364 C C   . ALA B 1 90  ? 0.283   -7.163  -16.052 1.00 110.22 ? 88  ALA B C   1 
ATOM   1365 O O   . ALA B 1 90  ? 0.200   -8.009  -15.166 1.00 112.65 ? 88  ALA B O   1 
ATOM   1366 C CB  . ALA B 1 90  ? -1.031  -7.458  -18.173 1.00 108.89 ? 88  ALA B CB  1 
ATOM   1367 N N   . GLU B 1 91  ? 1.414   -6.556  -16.369 1.00 112.43 ? 89  GLU B N   1 
ATOM   1368 C CA  . GLU B 1 91  ? 2.674   -6.883  -15.733 1.00 107.10 ? 89  GLU B CA  1 
ATOM   1369 C C   . GLU B 1 91  ? 2.692   -6.455  -14.263 1.00 108.88 ? 89  GLU B C   1 
ATOM   1370 O O   . GLU B 1 91  ? 3.413   -7.023  -13.455 1.00 99.89  ? 89  GLU B O   1 
ATOM   1371 C CB  . GLU B 1 91  ? 3.792   -6.219  -16.509 1.00 105.59 ? 89  GLU B CB  1 
ATOM   1372 C CG  . GLU B 1 91  ? 5.184   -6.673  -16.189 1.00 109.88 ? 89  GLU B CG  1 
ATOM   1373 C CD  . GLU B 1 91  ? 6.201   -6.099  -17.163 1.00 111.96 ? 89  GLU B CD  1 
ATOM   1374 O OE1 . GLU B 1 91  ? 5.789   -5.513  -18.179 1.00 105.77 ? 89  GLU B OE1 1 
ATOM   1375 O OE2 . GLU B 1 91  ? 7.418   -6.215  -16.904 1.00 109.35 ? 89  GLU B OE2 1 
ATOM   1376 N N   . ILE B 1 92  ? 1.880   -5.463  -13.928 1.00 100.56 ? 90  ILE B N   1 
ATOM   1377 C CA  . ILE B 1 92  ? 1.802   -4.931  -12.571 1.00 98.72  ? 90  ILE B CA  1 
ATOM   1378 C C   . ILE B 1 92  ? 0.974   -5.814  -11.632 1.00 100.82 ? 90  ILE B C   1 
ATOM   1379 O O   . ILE B 1 92  ? 1.397   -6.086  -10.507 1.00 94.17  ? 90  ILE B O   1 
ATOM   1380 C CB  . ILE B 1 92  ? 1.283   -3.470  -12.555 1.00 94.19  ? 90  ILE B CB  1 
ATOM   1381 C CG1 . ILE B 1 92  ? 2.279   -2.545  -13.257 1.00 82.88  ? 90  ILE B CG1 1 
ATOM   1382 C CG2 . ILE B 1 92  ? 1.056   -2.992  -11.129 1.00 87.26  ? 90  ILE B CG2 1 
ATOM   1383 C CD1 . ILE B 1 92  ? 1.718   -1.170  -13.556 1.00 84.21  ? 90  ILE B CD1 1 
ATOM   1384 N N   . GLU B 1 93  ? -0.191  -6.276  -12.081 1.00 110.54 ? 91  GLU B N   1 
ATOM   1385 C CA  . GLU B 1 93  ? -1.010  -7.149  -11.238 1.00 110.91 ? 91  GLU B CA  1 
ATOM   1386 C C   . GLU B 1 93  ? -0.375  -8.519  -11.027 1.00 107.89 ? 91  GLU B C   1 
ATOM   1387 O O   . GLU B 1 93  ? -0.797  -9.265  -10.142 1.00 105.92 ? 91  GLU B O   1 
ATOM   1388 C CB  . GLU B 1 93  ? -2.411  -7.332  -11.816 1.00 108.41 ? 91  GLU B CB  1 
ATOM   1389 C CG  . GLU B 1 93  ? -3.233  -6.075  -11.870 1.00 116.63 ? 91  GLU B CG  1 
ATOM   1390 C CD  . GLU B 1 93  ? -3.215  -5.402  -13.227 1.00 124.75 ? 91  GLU B CD  1 
ATOM   1391 O OE1 . GLU B 1 93  ? -2.668  -5.980  -14.181 1.00 130.08 ? 91  GLU B OE1 1 
ATOM   1392 O OE2 . GLU B 1 93  ? -3.763  -4.289  -13.341 1.00 121.91 ? 91  GLU B OE2 1 
ATOM   1393 N N   . LYS B 1 94  ? 0.602   -8.869  -11.842 1.00 104.61 ? 92  LYS B N   1 
ATOM   1394 C CA  . LYS B 1 94  ? 1.333   -10.092 -11.586 1.00 104.61 ? 92  LYS B CA  1 
ATOM   1395 C C   . LYS B 1 94  ? 1.898   -10.092 -10.193 1.00 103.28 ? 92  LYS B C   1 
ATOM   1396 O O   . LYS B 1 94  ? 1.605   -10.968 -9.403  1.00 105.05 ? 92  LYS B O   1 
ATOM   1397 C CB  . LYS B 1 94  ? 2.456   -10.278 -12.582 1.00 106.10 ? 92  LYS B CB  1 
ATOM   1398 C CG  . LYS B 1 94  ? 2.000   -10.493 -13.994 1.00 103.85 ? 92  LYS B CG  1 
ATOM   1399 C CD  . LYS B 1 94  ? 3.213   -10.778 -14.861 1.00 120.14 ? 92  LYS B CD  1 
ATOM   1400 C CE  . LYS B 1 94  ? 2.882   -11.296 -16.267 1.00 106.85 ? 92  LYS B CE  1 
ATOM   1401 N NZ  . LYS B 1 94  ? 3.949   -10.961 -17.239 1.00 88.47  ? 92  LYS B NZ  1 
ATOM   1402 N N   . MET B 1 95  ? 2.689   -9.086  -9.878  1.00 97.64  ? 93  MET B N   1 
ATOM   1403 C CA  . MET B 1 95  ? 3.291   -8.982  -8.560  1.00 96.69  ? 93  MET B CA  1 
ATOM   1404 C C   . MET B 1 95  ? 2.293   -8.638  -7.480  1.00 97.38  ? 93  MET B C   1 
ATOM   1405 O O   . MET B 1 95  ? 2.652   -8.479  -6.337  1.00 101.28 ? 93  MET B O   1 
ATOM   1406 C CB  . MET B 1 95  ? 4.457   -8.000  -8.551  1.00 92.62  ? 93  MET B CB  1 
ATOM   1407 C CG  . MET B 1 95  ? 4.098   -6.568  -8.433  1.00 95.09  ? 93  MET B CG  1 
ATOM   1408 S SD  . MET B 1 95  ? 5.453   -5.538  -8.982  1.00 102.09 ? 93  MET B SD  1 
ATOM   1409 C CE  . MET B 1 95  ? 6.750   -6.266  -8.061  1.00 73.33  ? 93  MET B CE  1 
ATOM   1410 N N   . GLY B 1 96  ? 1.034   -8.539  -7.855  1.00 90.23  ? 94  GLY B N   1 
ATOM   1411 C CA  . GLY B 1 96  ? -0.047  -8.335  -6.907  1.00 81.75  ? 94  GLY B CA  1 
ATOM   1412 C C   . GLY B 1 96  ? -0.293  -6.888  -6.527  1.00 90.36  ? 94  GLY B C   1 
ATOM   1413 O O   . GLY B 1 96  ? -1.047  -6.601  -5.597  1.00 87.30  ? 94  GLY B O   1 
ATOM   1414 N N   . LEU B 1 97  ? 0.341   -5.971  -7.249  1.00 90.93  ? 95  LEU B N   1 
ATOM   1415 C CA  . LEU B 1 97  ? 0.165   -4.547  -6.994  1.00 76.49  ? 95  LEU B CA  1 
ATOM   1416 C C   . LEU B 1 97  ? -1.160  -4.054  -7.559  1.00 75.72  ? 95  LEU B C   1 
ATOM   1417 O O   . LEU B 1 97  ? -1.454  -4.272  -8.731  1.00 88.95  ? 95  LEU B O   1 
ATOM   1418 C CB  . LEU B 1 97  ? 1.317   -3.753  -7.606  1.00 76.70  ? 95  LEU B CB  1 
ATOM   1419 C CG  . LEU B 1 97  ? 2.394   -3.248  -6.648  1.00 80.50  ? 95  LEU B CG  1 
ATOM   1420 C CD1 . LEU B 1 97  ? 2.933   -4.381  -5.793  1.00 85.01  ? 95  LEU B CD1 1 
ATOM   1421 C CD2 . LEU B 1 97  ? 3.514   -2.586  -7.429  1.00 84.63  ? 95  LEU B CD2 1 
ATOM   1422 N N   . PRO B 1 98  ? -1.967  -3.385  -6.725  1.00 64.16  ? 96  PRO B N   1 
ATOM   1423 C CA  . PRO B 1 98  ? -3.268  -2.856  -7.150  1.00 59.04  ? 96  PRO B CA  1 
ATOM   1424 C C   . PRO B 1 98  ? -3.145  -1.609  -8.028  1.00 73.62  ? 96  PRO B C   1 
ATOM   1425 O O   . PRO B 1 98  ? -2.111  -0.939  -8.000  1.00 75.31  ? 96  PRO B O   1 
ATOM   1426 C CB  . PRO B 1 98  ? -3.935  -2.488  -5.826  1.00 69.84  ? 96  PRO B CB  1 
ATOM   1427 C CG  . PRO B 1 98  ? -2.795  -2.191  -4.906  1.00 63.70  ? 96  PRO B CG  1 
ATOM   1428 C CD  . PRO B 1 98  ? -1.728  -3.176  -5.286  1.00 76.01  ? 96  PRO B CD  1 
ATOM   1429 N N   . ILE B 1 99  ? -4.205  -1.254  -8.713  1.00 80.53  ? 97  ILE B N   1 
ATOM   1430 C CA  . ILE B 1 99  ? -4.219  -0.052  -9.498  1.00 81.27  ? 97  ILE B CA  1 
ATOM   1431 C C   . ILE B 1 99  ? -5.118  0.910   -8.800  1.00 83.59  ? 97  ILE B C   1 
ATOM   1432 O O   . ILE B 1 99  ? -6.178  0.540   -8.375  1.00 90.85  ? 97  ILE B O   1 
ATOM   1433 C CB  . ILE B 1 99  ? -4.802  -0.289  -10.855 1.00 88.69  ? 97  ILE B CB  1 
ATOM   1434 C CG1 . ILE B 1 99  ? -4.106  -1.445  -11.532 1.00 95.02  ? 97  ILE B CG1 1 
ATOM   1435 C CG2 . ILE B 1 99  ? -4.679  0.906   -11.697 1.00 76.36  ? 97  ILE B CG2 1 
ATOM   1436 C CD1 . ILE B 1 99  ? -2.798  -1.126  -12.016 1.00 90.03  ? 97  ILE B CD1 1 
ATOM   1437 N N   . LEU B 1 100 ? -4.697  2.151   -8.679  1.00 81.11  ? 98  LEU B N   1 
ATOM   1438 C CA  . LEU B 1 100 ? -5.430  3.133   -7.883  1.00 80.23  ? 98  LEU B CA  1 
ATOM   1439 C C   . LEU B 1 100 ? -5.889  4.325   -8.712  1.00 92.26  ? 98  LEU B C   1 
ATOM   1440 O O   . LEU B 1 100 ? -5.250  4.689   -9.699  1.00 92.09  ? 98  LEU B O   1 
ATOM   1441 C CB  . LEU B 1 100 ? -4.572  3.611   -6.712  1.00 74.68  ? 98  LEU B CB  1 
ATOM   1442 C CG  . LEU B 1 100 ? -4.037  2.513   -5.795  1.00 76.68  ? 98  LEU B CG  1 
ATOM   1443 C CD1 . LEU B 1 100 ? -3.317  3.111   -4.595  1.00 59.80  ? 98  LEU B CD1 1 
ATOM   1444 C CD2 . LEU B 1 100 ? -5.161  1.578   -5.356  1.00 65.01  ? 98  LEU B CD2 1 
ATOM   1445 N N   . THR B 1 101 ? -6.995  4.934   -8.295  1.00 95.25  ? 99  THR B N   1 
ATOM   1446 C CA  . THR B 1 101 ? -7.521  6.117   -8.963  1.00 102.16 ? 99  THR B CA  1 
ATOM   1447 C C   . THR B 1 101 ? -7.325  7.325   -8.059  1.00 94.01  ? 99  THR B C   1 
ATOM   1448 O O   . THR B 1 101 ? -7.727  7.310   -6.895  1.00 89.28  ? 99  THR B O   1 
ATOM   1449 C CB  . THR B 1 101 ? -9.012  5.958   -9.293  1.00 100.69 ? 99  THR B CB  1 
ATOM   1450 O OG1 . THR B 1 101 ? -9.206  4.764   -10.056 1.00 94.31  ? 99  THR B OG1 1 
ATOM   1451 C CG2 . THR B 1 101 ? -9.512  7.152   -10.088 1.00 104.24 ? 99  THR B CG2 1 
ATOM   1452 N N   . GLU B 1 102 ? -6.954  8.487   -8.623  1.00 98.22  ? 100 GLU B N   1 
ATOM   1453 C CA  . GLU B 1 102 ? -6.127  9.543   -7.943  1.00 103.44 ? 100 GLU B CA  1 
ATOM   1454 C C   . GLU B 1 102 ? -6.516  11.038  -7.630  1.00 112.21 ? 100 GLU B C   1 
ATOM   1455 O O   . GLU B 1 102 ? -5.686  11.922  -7.800  1.00 107.30 ? 100 GLU B O   1 
ATOM   1456 C CB  . GLU B 1 102 ? -4.867  9.662   -8.799  1.00 106.70 ? 100 GLU B CB  1 
ATOM   1457 C CG  . GLU B 1 102 ? -3.547  10.043  -8.113  1.00 97.72  ? 100 GLU B CG  1 
ATOM   1458 C CD  . GLU B 1 102 ? -2.482  10.257  -9.127  1.00 89.12  ? 100 GLU B CD  1 
ATOM   1459 O OE1 . GLU B 1 102 ? -2.603  11.204  -9.905  1.00 100.89 ? 100 GLU B OE1 1 
ATOM   1460 O OE2 . GLU B 1 102 ? -1.565  9.456   -9.182  1.00 80.28  ? 100 GLU B OE2 1 
ATOM   1461 N N   . GLY B 1 103 ? -7.715  11.356  -7.163  1.00 117.51 ? 101 GLY B N   1 
ATOM   1462 C CA  . GLY B 1 103 ? -8.050  12.719  -6.804  1.00 117.40 ? 101 GLY B CA  1 
ATOM   1463 C C   . GLY B 1 103 ? -7.551  14.105  -7.156  1.00 116.06 ? 101 GLY B C   1 
ATOM   1464 O O   . GLY B 1 103 ? -8.285  15.086  -7.049  1.00 120.57 ? 101 GLY B O   1 
HETATM 1465 O O   . HOH C 2 .   ? -2.203  -16.917 11.445  1.00 68.28  ? 201 HOH A O   1 
HETATM 1466 O O   . HOH C 2 .   ? 1.242   17.838  -3.987  1.00 64.11  ? 202 HOH A O   1 
HETATM 1467 O O   . HOH C 2 .   ? -0.647  12.913  -7.967  1.00 66.32  ? 203 HOH A O   1 
HETATM 1468 O O   . HOH C 2 .   ? -9.905  -1.046  14.687  1.00 65.42  ? 204 HOH A O   1 
HETATM 1469 O O   . HOH C 2 .   ? 0.016   -15.604 18.927  1.00 66.16  ? 205 HOH A O   1 
HETATM 1470 O O   . HOH C 2 .   ? -1.736  -9.615  2.086   1.00 62.65  ? 206 HOH A O   1 
HETATM 1471 O O   . HOH C 2 .   ? -8.352  -0.679  -1.114  1.00 65.49  ? 207 HOH A O   1 
HETATM 1472 O O   . HOH D 2 .   ? 2.993   8.564   1.844   1.00 53.98  ? 201 HOH B O   1 
HETATM 1473 O O   . HOH D 2 .   ? 5.625   3.784   6.642   1.00 58.35  ? 202 HOH B O   1 
HETATM 1474 O O   . HOH D 2 .   ? 5.506   -3.505  -3.367  1.00 68.48  ? 203 HOH B O   1 
HETATM 1475 O O   . HOH D 2 .   ? 1.488   8.528   4.310   1.00 65.67  ? 204 HOH B O   1 
HETATM 1476 O O   . HOH D 2 .   ? 12.414  15.688  -0.730  1.00 66.39  ? 205 HOH B O   1 
HETATM 1477 O O   . HOH D 2 .   ? 11.173  -1.053  0.411   1.00 71.72  ? 206 HOH B O   1 
HETATM 1478 O O   . HOH D 2 .   ? -17.333 2.647   1.962   1.00 76.23  ? 207 HOH B O   1 
HETATM 1479 O O   . HOH D 2 .   ? 4.992   12.909  0.062   1.00 60.74  ? 208 HOH B O   1 
HETATM 1480 O O   . HOH D 2 .   ? -18.690 -3.522  7.797   1.00 71.66  ? 209 HOH B O   1 
HETATM 1481 O O   . HOH D 2 .   ? 16.723  20.104  2.542   1.00 67.29  ? 210 HOH B O   1 
HETATM 1482 O O   . HOH D 2 .   ? 4.132   10.110  -14.558 1.00 73.93  ? 211 HOH B O   1 
HETATM 1483 O O   . HOH D 2 .   ? 15.813  19.057  4.985   1.00 72.13  ? 212 HOH B O   1 
# 
